data_1SZ7
# 
_entry.id   1SZ7 
# 
_audit_conform.dict_name       mmcif_pdbx.dic 
_audit_conform.dict_version    5.398 
_audit_conform.dict_location   http://mmcif.pdb.org/dictionaries/ascii/mmcif_pdbx.dic 
# 
loop_
_database_2.database_id 
_database_2.database_code 
_database_2.pdbx_database_accession 
_database_2.pdbx_DOI 
PDB   1SZ7         pdb_00001sz7 10.2210/pdb1sz7/pdb 
RCSB  RCSB022114   ?            ?                   
WWPDB D_1000022114 ?            ?                   
# 
loop_
_pdbx_audit_revision_history.ordinal 
_pdbx_audit_revision_history.data_content_type 
_pdbx_audit_revision_history.major_revision 
_pdbx_audit_revision_history.minor_revision 
_pdbx_audit_revision_history.revision_date 
1 'Structure model' 1 0 2005-01-18 
2 'Structure model' 1 1 2008-04-30 
3 'Structure model' 1 2 2011-07-13 
4 'Structure model' 1 3 2024-11-06 
# 
_pdbx_audit_revision_details.ordinal             1 
_pdbx_audit_revision_details.revision_ordinal    1 
_pdbx_audit_revision_details.data_content_type   'Structure model' 
_pdbx_audit_revision_details.provider            repository 
_pdbx_audit_revision_details.type                'Initial release' 
_pdbx_audit_revision_details.description         ? 
_pdbx_audit_revision_details.details             ? 
# 
loop_
_pdbx_audit_revision_group.ordinal 
_pdbx_audit_revision_group.revision_ordinal 
_pdbx_audit_revision_group.data_content_type 
_pdbx_audit_revision_group.group 
1 2 'Structure model' 'Version format compliance' 
2 3 'Structure model' 'Derived calculations'      
3 3 'Structure model' 'Version format compliance' 
4 4 'Structure model' 'Data collection'           
5 4 'Structure model' 'Database references'       
6 4 'Structure model' 'Derived calculations'      
7 4 'Structure model' 'Structure summary'         
# 
loop_
_pdbx_audit_revision_category.ordinal 
_pdbx_audit_revision_category.revision_ordinal 
_pdbx_audit_revision_category.data_content_type 
_pdbx_audit_revision_category.category 
1 4 'Structure model' chem_comp_atom            
2 4 'Structure model' chem_comp_bond            
3 4 'Structure model' database_2                
4 4 'Structure model' pdbx_entry_details        
5 4 'Structure model' pdbx_modification_feature 
6 4 'Structure model' struct_conn               
7 4 'Structure model' struct_ref_seq_dif        
8 4 'Structure model' struct_site               
# 
loop_
_pdbx_audit_revision_item.ordinal 
_pdbx_audit_revision_item.revision_ordinal 
_pdbx_audit_revision_item.data_content_type 
_pdbx_audit_revision_item.item 
1 4 'Structure model' '_database_2.pdbx_DOI'                
2 4 'Structure model' '_database_2.pdbx_database_accession' 
3 4 'Structure model' '_struct_conn.pdbx_leaving_atom_flag' 
4 4 'Structure model' '_struct_ref_seq_dif.details'         
5 4 'Structure model' '_struct_site.pdbx_auth_asym_id'      
6 4 'Structure model' '_struct_site.pdbx_auth_comp_id'      
7 4 'Structure model' '_struct_site.pdbx_auth_seq_id'       
# 
_pdbx_database_status.status_code                     REL 
_pdbx_database_status.entry_id                        1SZ7 
_pdbx_database_status.recvd_initial_deposition_date   2004-04-05 
_pdbx_database_status.deposit_site                    RCSB 
_pdbx_database_status.process_site                    RCSB 
_pdbx_database_status.status_code_sf                  REL 
_pdbx_database_status.status_code_mr                  ? 
_pdbx_database_status.SG_entry                        ? 
_pdbx_database_status.pdb_format_compatible           Y 
_pdbx_database_status.status_code_cs                  ? 
_pdbx_database_status.status_code_nmr_data            ? 
_pdbx_database_status.methods_development_category    ? 
# 
loop_
_audit_author.name 
_audit_author.pdbx_ordinal 
'Turnbull, A.P.' 1 
'Prinz, B.'      2 
'Holz, C.'       3 
'Behlke, J.'     4 
'Schultchen, J.' 5 
'Delbrueck, H.'  6 
'Niesen, F.H.'   7 
'Lang, C.'       8 
'Heinemann, U.'  9 
# 
_citation.id                        primary 
_citation.title                     
'Structure of palmitoylated BET3: insights into TRAPP complex assembly and membrane localization' 
_citation.journal_abbrev            'Embo J.' 
_citation.journal_volume            24 
_citation.page_first                875 
_citation.page_last                 884 
_citation.year                      2005 
_citation.journal_id_ASTM           EMJODG 
_citation.country                   UK 
_citation.journal_id_ISSN           0261-4189 
_citation.journal_id_CSD            0897 
_citation.book_publisher            ? 
_citation.pdbx_database_id_PubMed   15692564 
_citation.pdbx_database_id_DOI      10.1038/sj.emboj.7600565 
# 
loop_
_citation_author.citation_id 
_citation_author.name 
_citation_author.ordinal 
_citation_author.identifier_ORCID 
primary 'Turnbull, A.P.' 1 ? 
primary 'Prinz, B.'      2 ? 
primary 'Holz, C.'       3 ? 
primary 'Schultchen, J.' 4 ? 
primary 'Lang, C.'       5 ? 
# 
loop_
_entity.id 
_entity.type 
_entity.src_method 
_entity.pdbx_description 
_entity.formula_weight 
_entity.pdbx_number_of_molecules 
_entity.pdbx_ec 
_entity.pdbx_mutation 
_entity.pdbx_fragment 
_entity.details 
1 polymer     man 'Trafficking protein particle complex subunit 3' 22611.559 1   ? ? ? ? 
2 non-polymer syn 'PALMITIC ACID'                                  256.424   1   ? ? ? ? 
3 water       nat water                                            18.015    123 ? ? ? ? 
# 
_entity_name_com.entity_id   1 
_entity_name_com.name        'BET3 homolog' 
# 
_entity_poly.entity_id                      1 
_entity_poly.type                           'polypeptide(L)' 
_entity_poly.nstd_linkage                   no 
_entity_poly.nstd_monomer                   no 
_entity_poly.pdbx_seq_one_letter_code       
;MSHHHHHHGSSRQANRGTESKKMSSELFTLTYGALVTQLCKDYENDEDVNKQLDKMGFNIGVRLIEDFLARSNVGRCHDF
RETADVIAKVAFKMYLGITPSITNWSPAGDEFSLILENNPLVDFVELPDNHSSLIYSNLLCGVLRGALEMVQMAVEAKFV
QDTLKGDGVTEIRMRFIRRIEDNLPAGEEAAAWSHPQFEK
;
_entity_poly.pdbx_seq_one_letter_code_can   
;MSHHHHHHGSSRQANRGTESKKMSSELFTLTYGALVTQLCKDYENDEDVNKQLDKMGFNIGVRLIEDFLARSNVGRCHDF
RETADVIAKVAFKMYLGITPSITNWSPAGDEFSLILENNPLVDFVELPDNHSSLIYSNLLCGVLRGALEMVQMAVEAKFV
QDTLKGDGVTEIRMRFIRRIEDNLPAGEEAAAWSHPQFEK
;
_entity_poly.pdbx_strand_id                 A 
_entity_poly.pdbx_target_identifier         ? 
# 
loop_
_pdbx_entity_nonpoly.entity_id 
_pdbx_entity_nonpoly.name 
_pdbx_entity_nonpoly.comp_id 
2 'PALMITIC ACID' PLM 
3 water           HOH 
# 
loop_
_entity_poly_seq.entity_id 
_entity_poly_seq.num 
_entity_poly_seq.mon_id 
_entity_poly_seq.hetero 
1 1   MET n 
1 2   SER n 
1 3   HIS n 
1 4   HIS n 
1 5   HIS n 
1 6   HIS n 
1 7   HIS n 
1 8   HIS n 
1 9   GLY n 
1 10  SER n 
1 11  SER n 
1 12  ARG n 
1 13  GLN n 
1 14  ALA n 
1 15  ASN n 
1 16  ARG n 
1 17  GLY n 
1 18  THR n 
1 19  GLU n 
1 20  SER n 
1 21  LYS n 
1 22  LYS n 
1 23  MET n 
1 24  SER n 
1 25  SER n 
1 26  GLU n 
1 27  LEU n 
1 28  PHE n 
1 29  THR n 
1 30  LEU n 
1 31  THR n 
1 32  TYR n 
1 33  GLY n 
1 34  ALA n 
1 35  LEU n 
1 36  VAL n 
1 37  THR n 
1 38  GLN n 
1 39  LEU n 
1 40  CYS n 
1 41  LYS n 
1 42  ASP n 
1 43  TYR n 
1 44  GLU n 
1 45  ASN n 
1 46  ASP n 
1 47  GLU n 
1 48  ASP n 
1 49  VAL n 
1 50  ASN n 
1 51  LYS n 
1 52  GLN n 
1 53  LEU n 
1 54  ASP n 
1 55  LYS n 
1 56  MET n 
1 57  GLY n 
1 58  PHE n 
1 59  ASN n 
1 60  ILE n 
1 61  GLY n 
1 62  VAL n 
1 63  ARG n 
1 64  LEU n 
1 65  ILE n 
1 66  GLU n 
1 67  ASP n 
1 68  PHE n 
1 69  LEU n 
1 70  ALA n 
1 71  ARG n 
1 72  SER n 
1 73  ASN n 
1 74  VAL n 
1 75  GLY n 
1 76  ARG n 
1 77  CYS n 
1 78  HIS n 
1 79  ASP n 
1 80  PHE n 
1 81  ARG n 
1 82  GLU n 
1 83  THR n 
1 84  ALA n 
1 85  ASP n 
1 86  VAL n 
1 87  ILE n 
1 88  ALA n 
1 89  LYS n 
1 90  VAL n 
1 91  ALA n 
1 92  PHE n 
1 93  LYS n 
1 94  MET n 
1 95  TYR n 
1 96  LEU n 
1 97  GLY n 
1 98  ILE n 
1 99  THR n 
1 100 PRO n 
1 101 SER n 
1 102 ILE n 
1 103 THR n 
1 104 ASN n 
1 105 TRP n 
1 106 SER n 
1 107 PRO n 
1 108 ALA n 
1 109 GLY n 
1 110 ASP n 
1 111 GLU n 
1 112 PHE n 
1 113 SER n 
1 114 LEU n 
1 115 ILE n 
1 116 LEU n 
1 117 GLU n 
1 118 ASN n 
1 119 ASN n 
1 120 PRO n 
1 121 LEU n 
1 122 VAL n 
1 123 ASP n 
1 124 PHE n 
1 125 VAL n 
1 126 GLU n 
1 127 LEU n 
1 128 PRO n 
1 129 ASP n 
1 130 ASN n 
1 131 HIS n 
1 132 SER n 
1 133 SER n 
1 134 LEU n 
1 135 ILE n 
1 136 TYR n 
1 137 SER n 
1 138 ASN n 
1 139 LEU n 
1 140 LEU n 
1 141 CYS n 
1 142 GLY n 
1 143 VAL n 
1 144 LEU n 
1 145 ARG n 
1 146 GLY n 
1 147 ALA n 
1 148 LEU n 
1 149 GLU n 
1 150 MET n 
1 151 VAL n 
1 152 GLN n 
1 153 MET n 
1 154 ALA n 
1 155 VAL n 
1 156 GLU n 
1 157 ALA n 
1 158 LYS n 
1 159 PHE n 
1 160 VAL n 
1 161 GLN n 
1 162 ASP n 
1 163 THR n 
1 164 LEU n 
1 165 LYS n 
1 166 GLY n 
1 167 ASP n 
1 168 GLY n 
1 169 VAL n 
1 170 THR n 
1 171 GLU n 
1 172 ILE n 
1 173 ARG n 
1 174 MET n 
1 175 ARG n 
1 176 PHE n 
1 177 ILE n 
1 178 ARG n 
1 179 ARG n 
1 180 ILE n 
1 181 GLU n 
1 182 ASP n 
1 183 ASN n 
1 184 LEU n 
1 185 PRO n 
1 186 ALA n 
1 187 GLY n 
1 188 GLU n 
1 189 GLU n 
1 190 ALA n 
1 191 ALA n 
1 192 ALA n 
1 193 TRP n 
1 194 SER n 
1 195 HIS n 
1 196 PRO n 
1 197 GLN n 
1 198 PHE n 
1 199 GLU n 
1 200 LYS n 
# 
_entity_src_gen.entity_id                          1 
_entity_src_gen.pdbx_src_id                        1 
_entity_src_gen.pdbx_alt_source_flag               sample 
_entity_src_gen.pdbx_seq_type                      ? 
_entity_src_gen.pdbx_beg_seq_num                   ? 
_entity_src_gen.pdbx_end_seq_num                   ? 
_entity_src_gen.gene_src_common_name               human 
_entity_src_gen.gene_src_genus                     Homo 
_entity_src_gen.pdbx_gene_src_gene                 'TRAPPC3, BET3' 
_entity_src_gen.gene_src_species                   ? 
_entity_src_gen.gene_src_strain                    ? 
_entity_src_gen.gene_src_tissue                    ? 
_entity_src_gen.gene_src_tissue_fraction           ? 
_entity_src_gen.gene_src_details                   ? 
_entity_src_gen.pdbx_gene_src_fragment             ? 
_entity_src_gen.pdbx_gene_src_scientific_name      'Homo sapiens' 
_entity_src_gen.pdbx_gene_src_ncbi_taxonomy_id     9606 
_entity_src_gen.pdbx_gene_src_variant              ? 
_entity_src_gen.pdbx_gene_src_cell_line            ? 
_entity_src_gen.pdbx_gene_src_atcc                 ? 
_entity_src_gen.pdbx_gene_src_organ                ? 
_entity_src_gen.pdbx_gene_src_organelle            ? 
_entity_src_gen.pdbx_gene_src_cell                 ? 
_entity_src_gen.pdbx_gene_src_cellular_location    ? 
_entity_src_gen.host_org_common_name               
;baker's yeast
;
_entity_src_gen.pdbx_host_org_scientific_name      'Saccharomyces cerevisiae' 
_entity_src_gen.pdbx_host_org_ncbi_taxonomy_id     4932 
_entity_src_gen.host_org_genus                     Saccharomyces 
_entity_src_gen.pdbx_host_org_gene                 ? 
_entity_src_gen.pdbx_host_org_organ                ? 
_entity_src_gen.host_org_species                   ? 
_entity_src_gen.pdbx_host_org_tissue               ? 
_entity_src_gen.pdbx_host_org_tissue_fraction      ? 
_entity_src_gen.pdbx_host_org_strain               AH22ura3 
_entity_src_gen.pdbx_host_org_variant              ? 
_entity_src_gen.pdbx_host_org_cell_line            ? 
_entity_src_gen.pdbx_host_org_atcc                 ? 
_entity_src_gen.pdbx_host_org_culture_collection   ? 
_entity_src_gen.pdbx_host_org_cell                 ? 
_entity_src_gen.pdbx_host_org_organelle            ? 
_entity_src_gen.pdbx_host_org_cellular_location    ? 
_entity_src_gen.pdbx_host_org_vector_type          'SHUTTLE PLASMID' 
_entity_src_gen.pdbx_host_org_vector               ? 
_entity_src_gen.host_org_details                   ? 
_entity_src_gen.expression_system_id               ? 
_entity_src_gen.plasmid_name                       pYEXTHS-BN 
_entity_src_gen.plasmid_details                    ? 
_entity_src_gen.pdbx_description                   ? 
# 
loop_
_chem_comp.id 
_chem_comp.type 
_chem_comp.mon_nstd_flag 
_chem_comp.name 
_chem_comp.pdbx_synonyms 
_chem_comp.formula 
_chem_comp.formula_weight 
ALA 'L-peptide linking' y ALANINE         ? 'C3 H7 N O2'     89.093  
ARG 'L-peptide linking' y ARGININE        ? 'C6 H15 N4 O2 1' 175.209 
ASN 'L-peptide linking' y ASPARAGINE      ? 'C4 H8 N2 O3'    132.118 
ASP 'L-peptide linking' y 'ASPARTIC ACID' ? 'C4 H7 N O4'     133.103 
CYS 'L-peptide linking' y CYSTEINE        ? 'C3 H7 N O2 S'   121.158 
GLN 'L-peptide linking' y GLUTAMINE       ? 'C5 H10 N2 O3'   146.144 
GLU 'L-peptide linking' y 'GLUTAMIC ACID' ? 'C5 H9 N O4'     147.129 
GLY 'peptide linking'   y GLYCINE         ? 'C2 H5 N O2'     75.067  
HIS 'L-peptide linking' y HISTIDINE       ? 'C6 H10 N3 O2 1' 156.162 
HOH non-polymer         . WATER           ? 'H2 O'           18.015  
ILE 'L-peptide linking' y ISOLEUCINE      ? 'C6 H13 N O2'    131.173 
LEU 'L-peptide linking' y LEUCINE         ? 'C6 H13 N O2'    131.173 
LYS 'L-peptide linking' y LYSINE          ? 'C6 H15 N2 O2 1' 147.195 
MET 'L-peptide linking' y METHIONINE      ? 'C5 H11 N O2 S'  149.211 
PHE 'L-peptide linking' y PHENYLALANINE   ? 'C9 H11 N O2'    165.189 
PLM non-polymer         . 'PALMITIC ACID' ? 'C16 H32 O2'     256.424 
PRO 'L-peptide linking' y PROLINE         ? 'C5 H9 N O2'     115.130 
SER 'L-peptide linking' y SERINE          ? 'C3 H7 N O3'     105.093 
THR 'L-peptide linking' y THREONINE       ? 'C4 H9 N O3'     119.119 
TRP 'L-peptide linking' y TRYPTOPHAN      ? 'C11 H12 N2 O2'  204.225 
TYR 'L-peptide linking' y TYROSINE        ? 'C9 H11 N O3'    181.189 
VAL 'L-peptide linking' y VALINE          ? 'C5 H11 N O2'    117.146 
# 
loop_
_pdbx_poly_seq_scheme.asym_id 
_pdbx_poly_seq_scheme.entity_id 
_pdbx_poly_seq_scheme.seq_id 
_pdbx_poly_seq_scheme.mon_id 
_pdbx_poly_seq_scheme.ndb_seq_num 
_pdbx_poly_seq_scheme.pdb_seq_num 
_pdbx_poly_seq_scheme.auth_seq_num 
_pdbx_poly_seq_scheme.pdb_mon_id 
_pdbx_poly_seq_scheme.auth_mon_id 
_pdbx_poly_seq_scheme.pdb_strand_id 
_pdbx_poly_seq_scheme.pdb_ins_code 
_pdbx_poly_seq_scheme.hetero 
A 1 1   MET 1   -8  ?   ?   ?   A . n 
A 1 2   SER 2   -7  ?   ?   ?   A . n 
A 1 3   HIS 3   -6  ?   ?   ?   A . n 
A 1 4   HIS 4   -5  ?   ?   ?   A . n 
A 1 5   HIS 5   -4  ?   ?   ?   A . n 
A 1 6   HIS 6   -3  ?   ?   ?   A . n 
A 1 7   HIS 7   -2  ?   ?   ?   A . n 
A 1 8   HIS 8   -1  ?   ?   ?   A . n 
A 1 9   GLY 9   0   ?   ?   ?   A . n 
A 1 10  SER 10  1   ?   ?   ?   A . n 
A 1 11  SER 11  2   ?   ?   ?   A . n 
A 1 12  ARG 12  3   ?   ?   ?   A . n 
A 1 13  GLN 13  4   ?   ?   ?   A . n 
A 1 14  ALA 14  5   ?   ?   ?   A . n 
A 1 15  ASN 15  6   ?   ?   ?   A . n 
A 1 16  ARG 16  7   ?   ?   ?   A . n 
A 1 17  GLY 17  8   ?   ?   ?   A . n 
A 1 18  THR 18  9   ?   ?   ?   A . n 
A 1 19  GLU 19  10  ?   ?   ?   A . n 
A 1 20  SER 20  11  ?   ?   ?   A . n 
A 1 21  LYS 21  12  ?   ?   ?   A . n 
A 1 22  LYS 22  13  13  LYS LYS A . n 
A 1 23  MET 23  14  14  MET MET A . n 
A 1 24  SER 24  15  15  SER SER A . n 
A 1 25  SER 25  16  16  SER SER A . n 
A 1 26  GLU 26  17  17  GLU GLU A . n 
A 1 27  LEU 27  18  18  LEU LEU A . n 
A 1 28  PHE 28  19  19  PHE PHE A . n 
A 1 29  THR 29  20  20  THR THR A . n 
A 1 30  LEU 30  21  21  LEU LEU A . n 
A 1 31  THR 31  22  22  THR THR A . n 
A 1 32  TYR 32  23  23  TYR TYR A . n 
A 1 33  GLY 33  24  24  GLY GLY A . n 
A 1 34  ALA 34  25  25  ALA ALA A . n 
A 1 35  LEU 35  26  26  LEU LEU A . n 
A 1 36  VAL 36  27  27  VAL VAL A . n 
A 1 37  THR 37  28  28  THR THR A . n 
A 1 38  GLN 38  29  29  GLN GLN A . n 
A 1 39  LEU 39  30  30  LEU LEU A . n 
A 1 40  CYS 40  31  31  CYS CYS A . n 
A 1 41  LYS 41  32  32  LYS LYS A . n 
A 1 42  ASP 42  33  33  ASP ASP A . n 
A 1 43  TYR 43  34  34  TYR TYR A . n 
A 1 44  GLU 44  35  35  GLU GLU A . n 
A 1 45  ASN 45  36  36  ASN ASN A . n 
A 1 46  ASP 46  37  37  ASP ASP A . n 
A 1 47  GLU 47  38  38  GLU GLU A . n 
A 1 48  ASP 48  39  39  ASP ASP A . n 
A 1 49  VAL 49  40  40  VAL VAL A . n 
A 1 50  ASN 50  41  41  ASN ASN A . n 
A 1 51  LYS 51  42  42  LYS LYS A . n 
A 1 52  GLN 52  43  43  GLN GLN A . n 
A 1 53  LEU 53  44  44  LEU LEU A . n 
A 1 54  ASP 54  45  45  ASP ASP A . n 
A 1 55  LYS 55  46  46  LYS LYS A . n 
A 1 56  MET 56  47  47  MET MET A . n 
A 1 57  GLY 57  48  48  GLY GLY A . n 
A 1 58  PHE 58  49  49  PHE PHE A . n 
A 1 59  ASN 59  50  50  ASN ASN A . n 
A 1 60  ILE 60  51  51  ILE ILE A . n 
A 1 61  GLY 61  52  52  GLY GLY A . n 
A 1 62  VAL 62  53  53  VAL VAL A . n 
A 1 63  ARG 63  54  54  ARG ARG A . n 
A 1 64  LEU 64  55  55  LEU LEU A . n 
A 1 65  ILE 65  56  56  ILE ILE A . n 
A 1 66  GLU 66  57  57  GLU GLU A . n 
A 1 67  ASP 67  58  58  ASP ASP A . n 
A 1 68  PHE 68  59  59  PHE PHE A . n 
A 1 69  LEU 69  60  60  LEU LEU A . n 
A 1 70  ALA 70  61  61  ALA ALA A . n 
A 1 71  ARG 71  62  62  ARG ARG A . n 
A 1 72  SER 72  63  63  SER SER A . n 
A 1 73  ASN 73  64  64  ASN ASN A . n 
A 1 74  VAL 74  65  65  VAL VAL A . n 
A 1 75  GLY 75  66  66  GLY GLY A . n 
A 1 76  ARG 76  67  67  ARG ARG A . n 
A 1 77  CYS 77  68  68  CYS CYS A . n 
A 1 78  HIS 78  69  69  HIS HIS A . n 
A 1 79  ASP 79  70  70  ASP ASP A . n 
A 1 80  PHE 80  71  71  PHE PHE A . n 
A 1 81  ARG 81  72  72  ARG ARG A . n 
A 1 82  GLU 82  73  73  GLU GLU A . n 
A 1 83  THR 83  74  74  THR THR A . n 
A 1 84  ALA 84  75  75  ALA ALA A . n 
A 1 85  ASP 85  76  76  ASP ASP A . n 
A 1 86  VAL 86  77  77  VAL VAL A . n 
A 1 87  ILE 87  78  78  ILE ILE A . n 
A 1 88  ALA 88  79  79  ALA ALA A . n 
A 1 89  LYS 89  80  80  LYS LYS A . n 
A 1 90  VAL 90  81  81  VAL VAL A . n 
A 1 91  ALA 91  82  82  ALA ALA A . n 
A 1 92  PHE 92  83  83  PHE PHE A . n 
A 1 93  LYS 93  84  84  LYS LYS A . n 
A 1 94  MET 94  85  85  MET MET A . n 
A 1 95  TYR 95  86  86  TYR TYR A . n 
A 1 96  LEU 96  87  87  LEU LEU A . n 
A 1 97  GLY 97  88  88  GLY GLY A . n 
A 1 98  ILE 98  89  89  ILE ILE A . n 
A 1 99  THR 99  90  90  THR THR A . n 
A 1 100 PRO 100 91  91  PRO PRO A . n 
A 1 101 SER 101 92  92  SER SER A . n 
A 1 102 ILE 102 93  93  ILE ILE A . n 
A 1 103 THR 103 94  94  THR THR A . n 
A 1 104 ASN 104 95  95  ASN ASN A . n 
A 1 105 TRP 105 96  96  TRP TRP A . n 
A 1 106 SER 106 97  97  SER SER A . n 
A 1 107 PRO 107 98  98  PRO PRO A . n 
A 1 108 ALA 108 99  99  ALA ALA A . n 
A 1 109 GLY 109 100 100 GLY GLY A . n 
A 1 110 ASP 110 101 101 ASP ASP A . n 
A 1 111 GLU 111 102 102 GLU GLU A . n 
A 1 112 PHE 112 103 103 PHE PHE A . n 
A 1 113 SER 113 104 104 SER SER A . n 
A 1 114 LEU 114 105 105 LEU LEU A . n 
A 1 115 ILE 115 106 106 ILE ILE A . n 
A 1 116 LEU 116 107 107 LEU LEU A . n 
A 1 117 GLU 117 108 108 GLU GLU A . n 
A 1 118 ASN 118 109 109 ASN ASN A . n 
A 1 119 ASN 119 110 110 ASN ASN A . n 
A 1 120 PRO 120 111 111 PRO PRO A . n 
A 1 121 LEU 121 112 112 LEU LEU A . n 
A 1 122 VAL 122 113 113 VAL VAL A . n 
A 1 123 ASP 123 114 114 ASP ASP A . n 
A 1 124 PHE 124 115 115 PHE PHE A . n 
A 1 125 VAL 125 116 116 VAL VAL A . n 
A 1 126 GLU 126 117 117 GLU GLU A . n 
A 1 127 LEU 127 118 118 LEU LEU A . n 
A 1 128 PRO 128 119 119 PRO PRO A . n 
A 1 129 ASP 129 120 120 ASP ASP A . n 
A 1 130 ASN 130 121 121 ASN ASN A . n 
A 1 131 HIS 131 122 122 HIS HIS A . n 
A 1 132 SER 132 123 123 SER SER A . n 
A 1 133 SER 133 124 124 SER SER A . n 
A 1 134 LEU 134 125 125 LEU LEU A . n 
A 1 135 ILE 135 126 126 ILE ILE A . n 
A 1 136 TYR 136 127 127 TYR TYR A . n 
A 1 137 SER 137 128 128 SER SER A . n 
A 1 138 ASN 138 129 129 ASN ASN A . n 
A 1 139 LEU 139 130 130 LEU LEU A . n 
A 1 140 LEU 140 131 131 LEU LEU A . n 
A 1 141 CYS 141 132 132 CYS CYS A . n 
A 1 142 GLY 142 133 133 GLY GLY A . n 
A 1 143 VAL 143 134 134 VAL VAL A . n 
A 1 144 LEU 144 135 135 LEU LEU A . n 
A 1 145 ARG 145 136 136 ARG ARG A . n 
A 1 146 GLY 146 137 137 GLY GLY A . n 
A 1 147 ALA 147 138 138 ALA ALA A . n 
A 1 148 LEU 148 139 139 LEU LEU A . n 
A 1 149 GLU 149 140 140 GLU GLU A . n 
A 1 150 MET 150 141 141 MET MET A . n 
A 1 151 VAL 151 142 142 VAL VAL A . n 
A 1 152 GLN 152 143 143 GLN GLN A . n 
A 1 153 MET 153 144 144 MET MET A . n 
A 1 154 ALA 154 145 145 ALA ALA A . n 
A 1 155 VAL 155 146 146 VAL VAL A . n 
A 1 156 GLU 156 147 147 GLU GLU A . n 
A 1 157 ALA 157 148 148 ALA ALA A . n 
A 1 158 LYS 158 149 149 LYS LYS A . n 
A 1 159 PHE 159 150 150 PHE PHE A . n 
A 1 160 VAL 160 151 151 VAL VAL A . n 
A 1 161 GLN 161 152 152 GLN GLN A . n 
A 1 162 ASP 162 153 153 ASP ASP A . n 
A 1 163 THR 163 154 154 THR THR A . n 
A 1 164 LEU 164 155 155 LEU LEU A . n 
A 1 165 LYS 165 156 156 LYS LYS A . n 
A 1 166 GLY 166 157 157 GLY GLY A . n 
A 1 167 ASP 167 158 158 ASP ASP A . n 
A 1 168 GLY 168 159 159 GLY GLY A . n 
A 1 169 VAL 169 160 160 VAL VAL A . n 
A 1 170 THR 170 161 161 THR THR A . n 
A 1 171 GLU 171 162 162 GLU GLU A . n 
A 1 172 ILE 172 163 163 ILE ILE A . n 
A 1 173 ARG 173 164 164 ARG ARG A . n 
A 1 174 MET 174 165 165 MET MET A . n 
A 1 175 ARG 175 166 166 ARG ARG A . n 
A 1 176 PHE 176 167 167 PHE PHE A . n 
A 1 177 ILE 177 168 168 ILE ILE A . n 
A 1 178 ARG 178 169 169 ARG ARG A . n 
A 1 179 ARG 179 170 170 ARG ARG A . n 
A 1 180 ILE 180 171 171 ILE ILE A . n 
A 1 181 GLU 181 172 ?   ?   ?   A . n 
A 1 182 ASP 182 173 ?   ?   ?   A . n 
A 1 183 ASN 183 174 ?   ?   ?   A . n 
A 1 184 LEU 184 175 ?   ?   ?   A . n 
A 1 185 PRO 185 176 ?   ?   ?   A . n 
A 1 186 ALA 186 177 ?   ?   ?   A . n 
A 1 187 GLY 187 178 ?   ?   ?   A . n 
A 1 188 GLU 188 179 ?   ?   ?   A . n 
A 1 189 GLU 189 180 ?   ?   ?   A . n 
A 1 190 ALA 190 181 ?   ?   ?   A . n 
A 1 191 ALA 191 182 ?   ?   ?   A . n 
A 1 192 ALA 192 183 ?   ?   ?   A . n 
A 1 193 TRP 193 184 ?   ?   ?   A . n 
A 1 194 SER 194 185 ?   ?   ?   A . n 
A 1 195 HIS 195 186 ?   ?   ?   A . n 
A 1 196 PRO 196 187 ?   ?   ?   A . n 
A 1 197 GLN 197 188 ?   ?   ?   A . n 
A 1 198 PHE 198 189 ?   ?   ?   A . n 
A 1 199 GLU 199 190 ?   ?   ?   A . n 
A 1 200 LYS 200 191 ?   ?   ?   A . n 
# 
loop_
_pdbx_nonpoly_scheme.asym_id 
_pdbx_nonpoly_scheme.entity_id 
_pdbx_nonpoly_scheme.mon_id 
_pdbx_nonpoly_scheme.ndb_seq_num 
_pdbx_nonpoly_scheme.pdb_seq_num 
_pdbx_nonpoly_scheme.auth_seq_num 
_pdbx_nonpoly_scheme.pdb_mon_id 
_pdbx_nonpoly_scheme.auth_mon_id 
_pdbx_nonpoly_scheme.pdb_strand_id 
_pdbx_nonpoly_scheme.pdb_ins_code 
B 2 PLM 1   221 1   PLM PLM A . 
C 3 HOH 1   222 1   HOH HOH A . 
C 3 HOH 2   223 2   HOH HOH A . 
C 3 HOH 3   224 3   HOH HOH A . 
C 3 HOH 4   225 4   HOH HOH A . 
C 3 HOH 5   226 5   HOH HOH A . 
C 3 HOH 6   227 6   HOH HOH A . 
C 3 HOH 7   228 7   HOH HOH A . 
C 3 HOH 8   229 8   HOH HOH A . 
C 3 HOH 9   230 9   HOH HOH A . 
C 3 HOH 10  231 10  HOH HOH A . 
C 3 HOH 11  232 11  HOH HOH A . 
C 3 HOH 12  233 12  HOH HOH A . 
C 3 HOH 13  234 13  HOH HOH A . 
C 3 HOH 14  235 14  HOH HOH A . 
C 3 HOH 15  236 15  HOH HOH A . 
C 3 HOH 16  237 16  HOH HOH A . 
C 3 HOH 17  238 17  HOH HOH A . 
C 3 HOH 18  239 18  HOH HOH A . 
C 3 HOH 19  240 19  HOH HOH A . 
C 3 HOH 20  241 20  HOH HOH A . 
C 3 HOH 21  242 21  HOH HOH A . 
C 3 HOH 22  243 22  HOH HOH A . 
C 3 HOH 23  244 23  HOH HOH A . 
C 3 HOH 24  245 24  HOH HOH A . 
C 3 HOH 25  246 25  HOH HOH A . 
C 3 HOH 26  247 26  HOH HOH A . 
C 3 HOH 27  248 27  HOH HOH A . 
C 3 HOH 28  249 28  HOH HOH A . 
C 3 HOH 29  250 29  HOH HOH A . 
C 3 HOH 30  251 30  HOH HOH A . 
C 3 HOH 31  252 31  HOH HOH A . 
C 3 HOH 32  253 32  HOH HOH A . 
C 3 HOH 33  254 33  HOH HOH A . 
C 3 HOH 34  255 34  HOH HOH A . 
C 3 HOH 35  256 35  HOH HOH A . 
C 3 HOH 36  257 36  HOH HOH A . 
C 3 HOH 37  258 37  HOH HOH A . 
C 3 HOH 38  259 38  HOH HOH A . 
C 3 HOH 39  260 39  HOH HOH A . 
C 3 HOH 40  261 40  HOH HOH A . 
C 3 HOH 41  262 41  HOH HOH A . 
C 3 HOH 42  263 42  HOH HOH A . 
C 3 HOH 43  264 43  HOH HOH A . 
C 3 HOH 44  265 44  HOH HOH A . 
C 3 HOH 45  266 45  HOH HOH A . 
C 3 HOH 46  267 46  HOH HOH A . 
C 3 HOH 47  268 47  HOH HOH A . 
C 3 HOH 48  269 48  HOH HOH A . 
C 3 HOH 49  270 49  HOH HOH A . 
C 3 HOH 50  271 50  HOH HOH A . 
C 3 HOH 51  272 51  HOH HOH A . 
C 3 HOH 52  273 52  HOH HOH A . 
C 3 HOH 53  274 53  HOH HOH A . 
C 3 HOH 54  275 54  HOH HOH A . 
C 3 HOH 55  276 55  HOH HOH A . 
C 3 HOH 56  277 56  HOH HOH A . 
C 3 HOH 57  278 57  HOH HOH A . 
C 3 HOH 58  279 58  HOH HOH A . 
C 3 HOH 59  280 59  HOH HOH A . 
C 3 HOH 60  281 60  HOH HOH A . 
C 3 HOH 61  282 61  HOH HOH A . 
C 3 HOH 62  283 62  HOH HOH A . 
C 3 HOH 63  284 63  HOH HOH A . 
C 3 HOH 64  285 64  HOH HOH A . 
C 3 HOH 65  286 65  HOH HOH A . 
C 3 HOH 66  287 66  HOH HOH A . 
C 3 HOH 67  288 67  HOH HOH A . 
C 3 HOH 68  289 68  HOH HOH A . 
C 3 HOH 69  290 69  HOH HOH A . 
C 3 HOH 70  291 70  HOH HOH A . 
C 3 HOH 71  292 71  HOH HOH A . 
C 3 HOH 72  293 72  HOH HOH A . 
C 3 HOH 73  294 73  HOH HOH A . 
C 3 HOH 74  295 74  HOH HOH A . 
C 3 HOH 75  296 75  HOH HOH A . 
C 3 HOH 76  297 76  HOH HOH A . 
C 3 HOH 77  298 77  HOH HOH A . 
C 3 HOH 78  299 78  HOH HOH A . 
C 3 HOH 79  300 79  HOH HOH A . 
C 3 HOH 80  301 80  HOH HOH A . 
C 3 HOH 81  302 81  HOH HOH A . 
C 3 HOH 82  303 82  HOH HOH A . 
C 3 HOH 83  304 83  HOH HOH A . 
C 3 HOH 84  305 84  HOH HOH A . 
C 3 HOH 85  306 85  HOH HOH A . 
C 3 HOH 86  307 86  HOH HOH A . 
C 3 HOH 87  308 87  HOH HOH A . 
C 3 HOH 88  309 88  HOH HOH A . 
C 3 HOH 89  310 89  HOH HOH A . 
C 3 HOH 90  311 90  HOH HOH A . 
C 3 HOH 91  312 91  HOH HOH A . 
C 3 HOH 92  313 92  HOH HOH A . 
C 3 HOH 93  314 93  HOH HOH A . 
C 3 HOH 94  315 94  HOH HOH A . 
C 3 HOH 95  316 95  HOH HOH A . 
C 3 HOH 96  317 96  HOH HOH A . 
C 3 HOH 97  318 97  HOH HOH A . 
C 3 HOH 98  319 98  HOH HOH A . 
C 3 HOH 99  320 99  HOH HOH A . 
C 3 HOH 100 321 100 HOH HOH A . 
C 3 HOH 101 322 101 HOH HOH A . 
C 3 HOH 102 323 102 HOH HOH A . 
C 3 HOH 103 324 103 HOH HOH A . 
C 3 HOH 104 325 104 HOH HOH A . 
C 3 HOH 105 326 105 HOH HOH A . 
C 3 HOH 106 327 106 HOH HOH A . 
C 3 HOH 107 328 107 HOH HOH A . 
C 3 HOH 108 329 108 HOH HOH A . 
C 3 HOH 109 330 109 HOH HOH A . 
C 3 HOH 110 331 110 HOH HOH A . 
C 3 HOH 111 332 111 HOH HOH A . 
C 3 HOH 112 333 112 HOH HOH A . 
C 3 HOH 113 334 113 HOH HOH A . 
C 3 HOH 114 335 114 HOH HOH A . 
C 3 HOH 115 336 115 HOH HOH A . 
C 3 HOH 116 337 116 HOH HOH A . 
C 3 HOH 117 338 117 HOH HOH A . 
C 3 HOH 118 339 118 HOH HOH A . 
C 3 HOH 119 340 120 HOH HOH A . 
C 3 HOH 120 341 121 HOH HOH A . 
C 3 HOH 121 342 122 HOH HOH A . 
C 3 HOH 122 343 123 HOH HOH A . 
C 3 HOH 123 344 125 HOH HOH A . 
# 
loop_
_pdbx_unobs_or_zero_occ_atoms.id 
_pdbx_unobs_or_zero_occ_atoms.PDB_model_num 
_pdbx_unobs_or_zero_occ_atoms.polymer_flag 
_pdbx_unobs_or_zero_occ_atoms.occupancy_flag 
_pdbx_unobs_or_zero_occ_atoms.auth_asym_id 
_pdbx_unobs_or_zero_occ_atoms.auth_comp_id 
_pdbx_unobs_or_zero_occ_atoms.auth_seq_id 
_pdbx_unobs_or_zero_occ_atoms.PDB_ins_code 
_pdbx_unobs_or_zero_occ_atoms.auth_atom_id 
_pdbx_unobs_or_zero_occ_atoms.label_alt_id 
_pdbx_unobs_or_zero_occ_atoms.label_asym_id 
_pdbx_unobs_or_zero_occ_atoms.label_comp_id 
_pdbx_unobs_or_zero_occ_atoms.label_seq_id 
_pdbx_unobs_or_zero_occ_atoms.label_atom_id 
1  1 Y 1 A LYS 32  ? CD  ? A LYS 41  CD  
2  1 Y 1 A LYS 32  ? CE  ? A LYS 41  CE  
3  1 Y 1 A LYS 32  ? NZ  ? A LYS 41  NZ  
4  1 Y 1 A LYS 46  ? CD  ? A LYS 55  CD  
5  1 Y 1 A LYS 46  ? CE  ? A LYS 55  CE  
6  1 Y 1 A LYS 46  ? NZ  ? A LYS 55  NZ  
7  1 Y 1 A ARG 62  ? CD  ? A ARG 71  CD  
8  1 Y 1 A ARG 62  ? NE  ? A ARG 71  NE  
9  1 Y 1 A ARG 62  ? CZ  ? A ARG 71  CZ  
10 1 Y 1 A ARG 62  ? NH1 ? A ARG 71  NH1 
11 1 Y 1 A ARG 62  ? NH2 ? A ARG 71  NH2 
12 1 Y 1 A ARG 67  ? CD  ? A ARG 76  CD  
13 1 Y 1 A ARG 67  ? NE  ? A ARG 76  NE  
14 1 Y 1 A ARG 67  ? CZ  ? A ARG 76  CZ  
15 1 Y 1 A ARG 67  ? NH1 ? A ARG 76  NH1 
16 1 Y 1 A ARG 67  ? NH2 ? A ARG 76  NH2 
17 1 Y 1 A ASN 109 ? CB  ? A ASN 118 CB  
18 1 Y 1 A ASN 109 ? CG  ? A ASN 118 CG  
19 1 Y 1 A ASN 109 ? OD1 ? A ASN 118 OD1 
20 1 Y 1 A ASN 109 ? ND2 ? A ASN 118 ND2 
21 1 Y 1 A GLU 117 ? CB  ? A GLU 126 CB  
22 1 Y 1 A GLU 117 ? CG  ? A GLU 126 CG  
23 1 Y 1 A GLU 117 ? CD  ? A GLU 126 CD  
24 1 Y 1 A GLU 117 ? OE1 ? A GLU 126 OE1 
25 1 Y 1 A GLU 117 ? OE2 ? A GLU 126 OE2 
26 1 Y 1 A ASP 120 ? CB  ? A ASP 129 CB  
27 1 Y 1 A ASP 120 ? CG  ? A ASP 129 CG  
28 1 Y 1 A ASP 120 ? OD1 ? A ASP 129 OD1 
29 1 Y 1 A ASP 120 ? OD2 ? A ASP 129 OD2 
# 
loop_
_software.name 
_software.classification 
_software.version 
_software.citation_id 
_software.pdbx_ordinal 
REFMAC    refinement       5.1.24 ? 1 
HKL-2000  'data reduction' .      ? 2 
SCALEPACK 'data scaling'   .      ? 3 
SOLVE     phasing          .      ? 4 
# 
_cell.entry_id           1SZ7 
_cell.length_a           72.901 
_cell.length_b           72.901 
_cell.length_c           56.803 
_cell.angle_alpha        90.00 
_cell.angle_beta         90.00 
_cell.angle_gamma        120.00 
_cell.Z_PDB              6 
_cell.pdbx_unique_axis   ? 
# 
_symmetry.entry_id                         1SZ7 
_symmetry.space_group_name_H-M             'P 31 2 1' 
_symmetry.pdbx_full_space_group_name_H-M   ? 
_symmetry.cell_setting                     ? 
_symmetry.Int_Tables_number                152 
_symmetry.space_group_name_Hall            ? 
# 
_exptl.entry_id          1SZ7 
_exptl.method            'X-RAY DIFFRACTION' 
_exptl.crystals_number   1 
# 
_exptl_crystal.id                    1 
_exptl_crystal.density_meas          ? 
_exptl_crystal.density_percent_sol   35.8 
_exptl_crystal.description           ? 
_exptl_crystal.density_Matthews      1.9 
_exptl_crystal.F_000                 ? 
_exptl_crystal.preparation           ? 
# 
_exptl_crystal_grow.crystal_id      1 
_exptl_crystal_grow.method          'VAPOR DIFFUSION, SITTING DROP' 
_exptl_crystal_grow.temp            293 
_exptl_crystal_grow.temp_details    ? 
_exptl_crystal_grow.pH              5.5 
_exptl_crystal_grow.pdbx_details    'PEG400, pH 5.5, VAPOR DIFFUSION, SITTING DROP, temperature 293K' 
_exptl_crystal_grow.pdbx_pH_range   . 
# 
_diffrn.id                     1 
_diffrn.ambient_temp           100 
_diffrn.ambient_temp_details   ? 
_diffrn.crystal_id             1 
# 
_diffrn_detector.diffrn_id              1 
_diffrn_detector.detector               'IMAGE PLATE' 
_diffrn_detector.type                   MARRESEARCH 
_diffrn_detector.pdbx_collection_date   2003-04-16 
_diffrn_detector.details                MIRRORS 
# 
_diffrn_radiation.diffrn_id                        1 
_diffrn_radiation.wavelength_id                    1 
_diffrn_radiation.pdbx_monochromatic_or_laue_m_l   M 
_diffrn_radiation.monochromator                    MIRRORS 
_diffrn_radiation.pdbx_diffrn_protocol             'SINGLE WAVELENGTH' 
_diffrn_radiation.pdbx_scattering_type             x-ray 
# 
_diffrn_radiation_wavelength.id           1 
_diffrn_radiation_wavelength.wavelength   0.978573 
_diffrn_radiation_wavelength.wt           1.0 
# 
_diffrn_source.diffrn_id                   1 
_diffrn_source.source                      SYNCHROTRON 
_diffrn_source.type                        'BESSY BEAMLINE 14.2' 
_diffrn_source.pdbx_synchrotron_site       BESSY 
_diffrn_source.pdbx_synchrotron_beamline   14.2 
_diffrn_source.pdbx_wavelength             ? 
_diffrn_source.pdbx_wavelength_list        0.978573 
# 
_reflns.entry_id                     1SZ7 
_reflns.observed_criterion_sigma_F   ? 
_reflns.observed_criterion_sigma_I   ? 
_reflns.d_resolution_high            1.55 
_reflns.d_resolution_low             30 
_reflns.number_all                   24929 
_reflns.number_obs                   24929 
_reflns.percent_possible_obs         97.0 
_reflns.pdbx_Rmerge_I_obs            ? 
_reflns.pdbx_Rsym_value              0.055 
_reflns.pdbx_netI_over_sigmaI        20.3 
_reflns.B_iso_Wilson_estimate        ? 
_reflns.pdbx_redundancy              3.5 
_reflns.R_free_details               ? 
_reflns.limit_h_max                  ? 
_reflns.limit_h_min                  ? 
_reflns.limit_k_max                  ? 
_reflns.limit_k_min                  ? 
_reflns.limit_l_max                  ? 
_reflns.limit_l_min                  ? 
_reflns.observed_criterion_F_max     ? 
_reflns.observed_criterion_F_min     ? 
_reflns.pdbx_chi_squared             ? 
_reflns.pdbx_scaling_rejects         ? 
_reflns.pdbx_ordinal                 1 
_reflns.pdbx_diffrn_id               1 
# 
_reflns_shell.d_res_high             1.55 
_reflns_shell.d_res_low              1.58 
_reflns_shell.percent_possible_all   89.2 
_reflns_shell.Rmerge_I_obs           ? 
_reflns_shell.pdbx_Rsym_value        0.48 
_reflns_shell.meanI_over_sigI_obs    2.0 
_reflns_shell.pdbx_redundancy        2.9 
_reflns_shell.percent_possible_obs   ? 
_reflns_shell.number_unique_all      1126 
_reflns_shell.number_measured_all    ? 
_reflns_shell.number_measured_obs    ? 
_reflns_shell.number_unique_obs      ? 
_reflns_shell.pdbx_chi_squared       ? 
_reflns_shell.pdbx_ordinal           1 
_reflns_shell.pdbx_diffrn_id         1 
# 
_refine.entry_id                                 1SZ7 
_refine.ls_number_reflns_obs                     23658 
_refine.ls_number_reflns_all                     ? 
_refine.pdbx_ls_sigma_I                          ? 
_refine.pdbx_ls_sigma_F                          ? 
_refine.pdbx_data_cutoff_high_absF               ? 
_refine.pdbx_data_cutoff_low_absF                ? 
_refine.pdbx_data_cutoff_high_rms_absF           ? 
_refine.ls_d_res_low                             30.00 
_refine.ls_d_res_high                            1.55 
_refine.ls_percent_reflns_obs                    97.11 
_refine.ls_R_factor_obs                          ? 
_refine.ls_R_factor_all                          ? 
_refine.ls_R_factor_R_work                       0.20702 
_refine.ls_R_factor_R_free                       0.24516 
_refine.ls_R_factor_R_free_error                 ? 
_refine.ls_R_factor_R_free_error_details         ? 
_refine.ls_percent_reflns_R_free                 5.1 
_refine.ls_number_reflns_R_free                  1269 
_refine.ls_number_parameters                     ? 
_refine.ls_number_restraints                     ? 
_refine.occupancy_min                            ? 
_refine.occupancy_max                            ? 
_refine.correlation_coeff_Fo_to_Fc               0.950 
_refine.correlation_coeff_Fo_to_Fc_free          0.933 
_refine.B_iso_mean                               21.231 
_refine.aniso_B[1][1]                            ? 
_refine.aniso_B[2][2]                            ? 
_refine.aniso_B[3][3]                            ? 
_refine.aniso_B[1][2]                            ? 
_refine.aniso_B[1][3]                            ? 
_refine.aniso_B[2][3]                            ? 
_refine.solvent_model_details                    'BABINET MODEL WITH MASK' 
_refine.solvent_model_param_ksol                 ? 
_refine.solvent_model_param_bsol                 ? 
_refine.pdbx_solvent_vdw_probe_radii             1.40 
_refine.pdbx_solvent_ion_probe_radii             0.80 
_refine.pdbx_solvent_shrinkage_radii             0.80 
_refine.pdbx_ls_cross_valid_method               THROUGHOUT 
_refine.details                                  ? 
_refine.pdbx_starting_model                      ? 
_refine.pdbx_method_to_determine_struct          SAD 
_refine.pdbx_isotropic_thermal_model             ? 
_refine.pdbx_stereochemistry_target_values       'MAXIMUM LIKELIHOOD' 
_refine.pdbx_stereochem_target_val_spec_case     ? 
_refine.pdbx_R_Free_selection_details            RANDOM 
_refine.pdbx_overall_ESU_R                       0.091 
_refine.pdbx_overall_ESU_R_Free                  0.094 
_refine.overall_SU_ML                            0.062 
_refine.overall_SU_B                             1.716 
_refine.ls_redundancy_reflns_obs                 ? 
_refine.B_iso_min                                ? 
_refine.B_iso_max                                ? 
_refine.overall_SU_R_Cruickshank_DPI             ? 
_refine.overall_SU_R_free                        ? 
_refine.ls_wR_factor_R_free                      ? 
_refine.ls_wR_factor_R_work                      ? 
_refine.overall_FOM_free_R_set                   ? 
_refine.overall_FOM_work_R_set                   ? 
_refine.pdbx_refine_id                           'X-RAY DIFFRACTION' 
_refine.pdbx_diffrn_id                           1 
_refine.pdbx_TLS_residual_ADP_flag               ? 
_refine.pdbx_overall_phase_error                 ? 
_refine.pdbx_overall_SU_R_free_Cruickshank_DPI   ? 
_refine.pdbx_overall_SU_R_Blow_DPI               ? 
_refine.pdbx_overall_SU_R_free_Blow_DPI          ? 
# 
_refine_hist.pdbx_refine_id                   'X-RAY DIFFRACTION' 
_refine_hist.cycle_id                         LAST 
_refine_hist.pdbx_number_atoms_protein        1230 
_refine_hist.pdbx_number_atoms_nucleic_acid   0 
_refine_hist.pdbx_number_atoms_ligand         17 
_refine_hist.number_atoms_solvent             123 
_refine_hist.number_atoms_total               1370 
_refine_hist.d_res_high                       1.55 
_refine_hist.d_res_low                        30.00 
# 
loop_
_refine_ls_restr.type 
_refine_ls_restr.dev_ideal 
_refine_ls_restr.dev_ideal_target 
_refine_ls_restr.weight 
_refine_ls_restr.number 
_refine_ls_restr.pdbx_refine_id 
_refine_ls_restr.pdbx_restraint_function 
r_bond_refined_d         0.013 0.022 ? 1266 'X-RAY DIFFRACTION' ? 
r_angle_refined_deg      1.343 1.972 ? 1704 'X-RAY DIFFRACTION' ? 
r_dihedral_angle_1_deg   6.131 5.000 ? 158  'X-RAY DIFFRACTION' ? 
r_chiral_restr           0.090 0.200 ? 195  'X-RAY DIFFRACTION' ? 
r_gen_planes_refined     0.005 0.020 ? 932  'X-RAY DIFFRACTION' ? 
r_nbd_refined            0.228 0.200 ? 576  'X-RAY DIFFRACTION' ? 
r_xyhbond_nbd_refined    0.149 0.200 ? 78   'X-RAY DIFFRACTION' ? 
r_symmetry_vdw_refined   0.244 0.200 ? 43   'X-RAY DIFFRACTION' ? 
r_symmetry_hbond_refined 0.134 0.200 ? 14   'X-RAY DIFFRACTION' ? 
r_mcbond_it              0.879 1.500 ? 785  'X-RAY DIFFRACTION' ? 
r_mcangle_it             1.645 2.000 ? 1264 'X-RAY DIFFRACTION' ? 
r_scbond_it              2.583 3.000 ? 481  'X-RAY DIFFRACTION' ? 
r_scangle_it             4.089 4.500 ? 440  'X-RAY DIFFRACTION' ? 
# 
_refine_ls_shell.pdbx_total_number_of_bins_used   20 
_refine_ls_shell.d_res_high                       1.550 
_refine_ls_shell.d_res_low                        1.590 
_refine_ls_shell.number_reflns_R_work             1627 
_refine_ls_shell.R_factor_R_work                  0.281 
_refine_ls_shell.percent_reflns_obs               ? 
_refine_ls_shell.R_factor_R_free                  0.288 
_refine_ls_shell.R_factor_R_free_error            ? 
_refine_ls_shell.percent_reflns_R_free            ? 
_refine_ls_shell.number_reflns_R_free             71 
_refine_ls_shell.number_reflns_obs                ? 
_refine_ls_shell.redundancy_reflns_obs            ? 
_refine_ls_shell.number_reflns_all                ? 
_refine_ls_shell.pdbx_refine_id                   'X-RAY DIFFRACTION' 
_refine_ls_shell.R_factor_all                     ? 
# 
_struct.entry_id                  1SZ7 
_struct.title                     'Crystal structure of Human Bet3' 
_struct.pdbx_model_details        ? 
_struct.pdbx_CASP_flag            ? 
_struct.pdbx_model_type_details   ? 
# 
_struct_keywords.entry_id        1SZ7 
_struct_keywords.pdbx_keywords   'TRANSPORT PROTEIN' 
_struct_keywords.text            'ALPHA-BETA PLAIT, TRAPP COMPLEX, PALMITOYLATED, TRANSPORT PROTEIN' 
# 
loop_
_struct_asym.id 
_struct_asym.pdbx_blank_PDB_chainid_flag 
_struct_asym.pdbx_modified 
_struct_asym.entity_id 
_struct_asym.details 
A N N 1 ? 
B N N 2 ? 
C N N 3 ? 
# 
_struct_ref.id                         1 
_struct_ref.db_name                    UNP 
_struct_ref.db_code                    TPPC3_HUMAN 
_struct_ref.pdbx_db_accession          O43617 
_struct_ref.entity_id                  1 
_struct_ref.pdbx_seq_one_letter_code   
;SRQANRGTESKKMSSELFTLTYGALVTQLCKDYENDEDVNKQLDKMGFNIGVRLIEDFLARSNVGRCHDFRETADVIAKV
AFKMYLGITPSITNWSPAGDEFSLILENNPLVDFVELPDNHSSLIYSNLLCGVLRGALEMVQMAVEAKFVQDTLKGDGVT
EIRMRFIRRIEDNLPAGEE
;
_struct_ref.pdbx_align_begin           2 
_struct_ref.pdbx_db_isoform            ? 
# 
_struct_ref_seq.align_id                      1 
_struct_ref_seq.ref_id                        1 
_struct_ref_seq.pdbx_PDB_id_code              1SZ7 
_struct_ref_seq.pdbx_strand_id                A 
_struct_ref_seq.seq_align_beg                 11 
_struct_ref_seq.pdbx_seq_align_beg_ins_code   ? 
_struct_ref_seq.seq_align_end                 189 
_struct_ref_seq.pdbx_seq_align_end_ins_code   ? 
_struct_ref_seq.pdbx_db_accession             O43617 
_struct_ref_seq.db_align_beg                  2 
_struct_ref_seq.pdbx_db_align_beg_ins_code    ? 
_struct_ref_seq.db_align_end                  180 
_struct_ref_seq.pdbx_db_align_end_ins_code    ? 
_struct_ref_seq.pdbx_auth_seq_align_beg       2 
_struct_ref_seq.pdbx_auth_seq_align_end       180 
# 
loop_
_struct_ref_seq_dif.align_id 
_struct_ref_seq_dif.pdbx_pdb_id_code 
_struct_ref_seq_dif.mon_id 
_struct_ref_seq_dif.pdbx_pdb_strand_id 
_struct_ref_seq_dif.seq_num 
_struct_ref_seq_dif.pdbx_pdb_ins_code 
_struct_ref_seq_dif.pdbx_seq_db_name 
_struct_ref_seq_dif.pdbx_seq_db_accession_code 
_struct_ref_seq_dif.db_mon_id 
_struct_ref_seq_dif.pdbx_seq_db_seq_num 
_struct_ref_seq_dif.details 
_struct_ref_seq_dif.pdbx_auth_seq_num 
_struct_ref_seq_dif.pdbx_ordinal 
1 1SZ7 MET A 1   ? UNP O43617 ? ? 'initiating methionine' -8  1  
1 1SZ7 SER A 2   ? UNP O43617 ? ? 'expression tag'        -7  2  
1 1SZ7 HIS A 3   ? UNP O43617 ? ? 'expression tag'        -6  3  
1 1SZ7 HIS A 4   ? UNP O43617 ? ? 'expression tag'        -5  4  
1 1SZ7 HIS A 5   ? UNP O43617 ? ? 'expression tag'        -4  5  
1 1SZ7 HIS A 6   ? UNP O43617 ? ? 'expression tag'        -3  6  
1 1SZ7 HIS A 7   ? UNP O43617 ? ? 'expression tag'        -2  7  
1 1SZ7 HIS A 8   ? UNP O43617 ? ? 'expression tag'        -1  8  
1 1SZ7 GLY A 9   ? UNP O43617 ? ? 'expression tag'        0   9  
1 1SZ7 SER A 10  ? UNP O43617 ? ? 'expression tag'        1   10 
1 1SZ7 ALA A 190 ? UNP O43617 ? ? 'cloning artifact'      181 11 
1 1SZ7 ALA A 191 ? UNP O43617 ? ? 'cloning artifact'      182 12 
1 1SZ7 ALA A 192 ? UNP O43617 ? ? 'cloning artifact'      183 13 
1 1SZ7 TRP A 193 ? UNP O43617 ? ? 'cloning artifact'      184 14 
1 1SZ7 SER A 194 ? UNP O43617 ? ? 'cloning artifact'      185 15 
1 1SZ7 HIS A 195 ? UNP O43617 ? ? 'cloning artifact'      186 16 
1 1SZ7 PRO A 196 ? UNP O43617 ? ? 'cloning artifact'      187 17 
1 1SZ7 GLN A 197 ? UNP O43617 ? ? 'cloning artifact'      188 18 
1 1SZ7 PHE A 198 ? UNP O43617 ? ? 'cloning artifact'      189 19 
1 1SZ7 GLU A 199 ? UNP O43617 ? ? 'cloning artifact'      190 20 
1 1SZ7 LYS A 200 ? UNP O43617 ? ? 'cloning artifact'      191 21 
# 
loop_
_pdbx_struct_assembly.id 
_pdbx_struct_assembly.details 
_pdbx_struct_assembly.method_details 
_pdbx_struct_assembly.oligomeric_details 
_pdbx_struct_assembly.oligomeric_count 
1 author_and_software_defined_assembly PISA dimeric   2 
2 software_defined_assembly            PQS  monomeric 1 
# 
loop_
_pdbx_struct_assembly_prop.biol_id 
_pdbx_struct_assembly_prop.type 
_pdbx_struct_assembly_prop.value 
_pdbx_struct_assembly_prop.details 
1 'ABSA (A^2)' 4550  ? 
1 MORE         -27   ? 
1 'SSA (A^2)'  13870 ? 
# 
loop_
_pdbx_struct_assembly_gen.assembly_id 
_pdbx_struct_assembly_gen.oper_expression 
_pdbx_struct_assembly_gen.asym_id_list 
1 1,2 A,B,C 
2 1   A,B,C 
# 
loop_
_pdbx_struct_oper_list.id 
_pdbx_struct_oper_list.type 
_pdbx_struct_oper_list.name 
_pdbx_struct_oper_list.symmetry_operation 
_pdbx_struct_oper_list.matrix[1][1] 
_pdbx_struct_oper_list.matrix[1][2] 
_pdbx_struct_oper_list.matrix[1][3] 
_pdbx_struct_oper_list.vector[1] 
_pdbx_struct_oper_list.matrix[2][1] 
_pdbx_struct_oper_list.matrix[2][2] 
_pdbx_struct_oper_list.matrix[2][3] 
_pdbx_struct_oper_list.vector[2] 
_pdbx_struct_oper_list.matrix[3][1] 
_pdbx_struct_oper_list.matrix[3][2] 
_pdbx_struct_oper_list.matrix[3][3] 
_pdbx_struct_oper_list.vector[3] 
1 'identity operation'         1_555 x,y,z  1.0000000000 0.0000000000 0.0000000000 0.0000000000  0.0000000000 1.0000000000  0.0000000000 0.0000000000  0.0000000000 0.0000000000 1.0000000000  0.0000000000  
2 'crystal symmetry operation' 4_555 y,x,-z 0.9011718708 0.4310040181 0.0460955049 -5.7646703486 0.4310040181 -0.9022894950 0.0104500535 26.0442415076 0.0460955049 0.0104500535 -0.9988823759 -5.7607271363 
# 
_struct_biol.id                    1 
_struct_biol.details               'The biological assembly is a dimer generated by the two-fold axis: y,x,-z' 
_struct_biol.pdbx_parent_biol_id   ? 
# 
loop_
_struct_conf.conf_type_id 
_struct_conf.id 
_struct_conf.pdbx_PDB_helix_id 
_struct_conf.beg_label_comp_id 
_struct_conf.beg_label_asym_id 
_struct_conf.beg_label_seq_id 
_struct_conf.pdbx_beg_PDB_ins_code 
_struct_conf.end_label_comp_id 
_struct_conf.end_label_asym_id 
_struct_conf.end_label_seq_id 
_struct_conf.pdbx_end_PDB_ins_code 
_struct_conf.beg_auth_comp_id 
_struct_conf.beg_auth_asym_id 
_struct_conf.beg_auth_seq_id 
_struct_conf.end_auth_comp_id 
_struct_conf.end_auth_asym_id 
_struct_conf.end_auth_seq_id 
_struct_conf.pdbx_PDB_helix_class 
_struct_conf.details 
_struct_conf.pdbx_PDB_helix_length 
HELX_P HELX_P1 1 SER A 25  ? GLU A 44  ? SER A 16  GLU A 35  1 ? 20 
HELX_P HELX_P2 2 ASN A 45  ? SER A 72  ? ASN A 36  SER A 63  1 ? 28 
HELX_P HELX_P3 3 ASP A 79  ? VAL A 90  ? ASP A 70  VAL A 81  1 ? 12 
HELX_P HELX_P4 4 VAL A 90  ? GLY A 97  ? VAL A 81  GLY A 88  1 ? 8  
HELX_P HELX_P5 5 PRO A 128 ? SER A 132 ? PRO A 119 SER A 123 5 ? 5  
HELX_P HELX_P6 6 ASN A 138 ? MET A 150 ? ASN A 129 MET A 141 1 ? 13 
HELX_P HELX_P7 7 ASP A 162 ? GLY A 166 ? ASP A 153 GLY A 157 5 ? 5  
# 
_struct_conf_type.id          HELX_P 
_struct_conf_type.criteria    ? 
_struct_conf_type.reference   ? 
# 
_struct_conn.id                            covale1 
_struct_conn.conn_type_id                  covale 
_struct_conn.pdbx_leaving_atom_flag        one 
_struct_conn.pdbx_PDB_id                   ? 
_struct_conn.ptnr1_label_asym_id           A 
_struct_conn.ptnr1_label_comp_id           CYS 
_struct_conn.ptnr1_label_seq_id            77 
_struct_conn.ptnr1_label_atom_id           SG 
_struct_conn.pdbx_ptnr1_label_alt_id       ? 
_struct_conn.pdbx_ptnr1_PDB_ins_code       ? 
_struct_conn.pdbx_ptnr1_standard_comp_id   ? 
_struct_conn.ptnr1_symmetry                1_555 
_struct_conn.ptnr2_label_asym_id           B 
_struct_conn.ptnr2_label_comp_id           PLM 
_struct_conn.ptnr2_label_seq_id            . 
_struct_conn.ptnr2_label_atom_id           C1 
_struct_conn.pdbx_ptnr2_label_alt_id       ? 
_struct_conn.pdbx_ptnr2_PDB_ins_code       ? 
_struct_conn.ptnr1_auth_asym_id            A 
_struct_conn.ptnr1_auth_comp_id            CYS 
_struct_conn.ptnr1_auth_seq_id             68 
_struct_conn.ptnr2_auth_asym_id            A 
_struct_conn.ptnr2_auth_comp_id            PLM 
_struct_conn.ptnr2_auth_seq_id             221 
_struct_conn.ptnr2_symmetry                1_555 
_struct_conn.pdbx_ptnr3_label_atom_id      ? 
_struct_conn.pdbx_ptnr3_label_seq_id       ? 
_struct_conn.pdbx_ptnr3_label_comp_id      ? 
_struct_conn.pdbx_ptnr3_label_asym_id      ? 
_struct_conn.pdbx_ptnr3_label_alt_id       ? 
_struct_conn.pdbx_ptnr3_PDB_ins_code       ? 
_struct_conn.details                       ? 
_struct_conn.pdbx_dist_value               1.922 
_struct_conn.pdbx_value_order              ? 
_struct_conn.pdbx_role                     ? 
# 
_struct_conn_type.id          covale 
_struct_conn_type.criteria    ? 
_struct_conn_type.reference   ? 
# 
_pdbx_modification_feature.ordinal                            1 
_pdbx_modification_feature.label_comp_id                      PLM 
_pdbx_modification_feature.label_asym_id                      B 
_pdbx_modification_feature.label_seq_id                       . 
_pdbx_modification_feature.label_alt_id                       ? 
_pdbx_modification_feature.modified_residue_label_comp_id     CYS 
_pdbx_modification_feature.modified_residue_label_asym_id     A 
_pdbx_modification_feature.modified_residue_label_seq_id      77 
_pdbx_modification_feature.modified_residue_label_alt_id      ? 
_pdbx_modification_feature.auth_comp_id                       PLM 
_pdbx_modification_feature.auth_asym_id                       A 
_pdbx_modification_feature.auth_seq_id                        221 
_pdbx_modification_feature.PDB_ins_code                       ? 
_pdbx_modification_feature.symmetry                           1_555 
_pdbx_modification_feature.modified_residue_auth_comp_id      CYS 
_pdbx_modification_feature.modified_residue_auth_asym_id      A 
_pdbx_modification_feature.modified_residue_auth_seq_id       68 
_pdbx_modification_feature.modified_residue_PDB_ins_code      ? 
_pdbx_modification_feature.modified_residue_symmetry          1_555 
_pdbx_modification_feature.comp_id_linking_atom               C1 
_pdbx_modification_feature.modified_residue_id_linking_atom   SG 
_pdbx_modification_feature.modified_residue_id                CYS 
_pdbx_modification_feature.ref_pcm_id                         6 
_pdbx_modification_feature.ref_comp_id                        PLM 
_pdbx_modification_feature.type                               Palmitoylation 
_pdbx_modification_feature.category                           Lipid/lipid-like 
# 
_struct_sheet.id               A 
_struct_sheet.type             ? 
_struct_sheet.number_strands   4 
_struct_sheet.details          ? 
# 
loop_
_struct_sheet_order.sheet_id 
_struct_sheet_order.range_id_1 
_struct_sheet_order.range_id_2 
_struct_sheet_order.offset 
_struct_sheet_order.sense 
A 1 2 ? anti-parallel 
A 2 3 ? anti-parallel 
A 3 4 ? anti-parallel 
# 
loop_
_struct_sheet_range.sheet_id 
_struct_sheet_range.id 
_struct_sheet_range.beg_label_comp_id 
_struct_sheet_range.beg_label_asym_id 
_struct_sheet_range.beg_label_seq_id 
_struct_sheet_range.pdbx_beg_PDB_ins_code 
_struct_sheet_range.end_label_comp_id 
_struct_sheet_range.end_label_asym_id 
_struct_sheet_range.end_label_seq_id 
_struct_sheet_range.pdbx_end_PDB_ins_code 
_struct_sheet_range.beg_auth_comp_id 
_struct_sheet_range.beg_auth_asym_id 
_struct_sheet_range.beg_auth_seq_id 
_struct_sheet_range.end_auth_comp_id 
_struct_sheet_range.end_auth_asym_id 
_struct_sheet_range.end_auth_seq_id 
A 1 SER A 101 ? THR A 103 ? SER A 92  THR A 94  
A 2 GLU A 111 ? LEU A 116 ? GLU A 102 LEU A 107 
A 3 THR A 170 ? ARG A 179 ? THR A 161 ARG A 170 
A 4 MET A 153 ? GLN A 161 ? MET A 144 GLN A 152 
# 
loop_
_pdbx_struct_sheet_hbond.sheet_id 
_pdbx_struct_sheet_hbond.range_id_1 
_pdbx_struct_sheet_hbond.range_id_2 
_pdbx_struct_sheet_hbond.range_1_label_atom_id 
_pdbx_struct_sheet_hbond.range_1_label_comp_id 
_pdbx_struct_sheet_hbond.range_1_label_asym_id 
_pdbx_struct_sheet_hbond.range_1_label_seq_id 
_pdbx_struct_sheet_hbond.range_1_PDB_ins_code 
_pdbx_struct_sheet_hbond.range_1_auth_atom_id 
_pdbx_struct_sheet_hbond.range_1_auth_comp_id 
_pdbx_struct_sheet_hbond.range_1_auth_asym_id 
_pdbx_struct_sheet_hbond.range_1_auth_seq_id 
_pdbx_struct_sheet_hbond.range_2_label_atom_id 
_pdbx_struct_sheet_hbond.range_2_label_comp_id 
_pdbx_struct_sheet_hbond.range_2_label_asym_id 
_pdbx_struct_sheet_hbond.range_2_label_seq_id 
_pdbx_struct_sheet_hbond.range_2_PDB_ins_code 
_pdbx_struct_sheet_hbond.range_2_auth_atom_id 
_pdbx_struct_sheet_hbond.range_2_auth_comp_id 
_pdbx_struct_sheet_hbond.range_2_auth_asym_id 
_pdbx_struct_sheet_hbond.range_2_auth_seq_id 
A 1 2 N THR A 103 ? N THR A 94  O SER A 113 ? O SER A 104 
A 2 3 N PHE A 112 ? N PHE A 103 O MET A 174 ? O MET A 165 
A 3 4 O ILE A 177 ? O ILE A 168 N ALA A 154 ? N ALA A 145 
# 
_struct_site.id                   AC1 
_struct_site.pdbx_evidence_code   Software 
_struct_site.pdbx_auth_asym_id    A 
_struct_site.pdbx_auth_comp_id    PLM 
_struct_site.pdbx_auth_seq_id     221 
_struct_site.pdbx_auth_ins_code   ? 
_struct_site.pdbx_num_residues    10 
_struct_site.details              'BINDING SITE FOR RESIDUE PLM A 221' 
# 
loop_
_struct_site_gen.id 
_struct_site_gen.site_id 
_struct_site_gen.pdbx_num_res 
_struct_site_gen.label_comp_id 
_struct_site_gen.label_asym_id 
_struct_site_gen.label_seq_id 
_struct_site_gen.pdbx_auth_ins_code 
_struct_site_gen.auth_comp_id 
_struct_site_gen.auth_asym_id 
_struct_site_gen.auth_seq_id 
_struct_site_gen.label_atom_id 
_struct_site_gen.label_alt_id 
_struct_site_gen.symmetry 
_struct_site_gen.details 
1  AC1 10 ILE A 65  ? ILE A 56  . ? 1_555 ? 
2  AC1 10 VAL A 74  ? VAL A 65  . ? 1_555 ? 
3  AC1 10 CYS A 77  ? CYS A 68  . ? 1_555 ? 
4  AC1 10 HIS A 78  ? HIS A 69  . ? 1_555 ? 
5  AC1 10 ASP A 79  ? ASP A 70  . ? 1_555 ? 
6  AC1 10 GLU A 82  ? GLU A 73  . ? 1_555 ? 
7  AC1 10 THR A 83  ? THR A 74  . ? 1_555 ? 
8  AC1 10 PHE A 92  ? PHE A 83  . ? 1_555 ? 
9  AC1 10 LEU A 140 ? LEU A 131 . ? 1_555 ? 
10 AC1 10 ALA A 147 ? ALA A 138 . ? 1_555 ? 
# 
_pdbx_entry_details.entry_id                   1SZ7 
_pdbx_entry_details.compound_details           ? 
_pdbx_entry_details.source_details             ? 
_pdbx_entry_details.nonpolymer_details         ? 
_pdbx_entry_details.sequence_details           ? 
_pdbx_entry_details.has_ligand_of_interest     ? 
_pdbx_entry_details.has_protein_modification   Y 
# 
loop_
_pdbx_validate_rmsd_angle.id 
_pdbx_validate_rmsd_angle.PDB_model_num 
_pdbx_validate_rmsd_angle.auth_atom_id_1 
_pdbx_validate_rmsd_angle.auth_asym_id_1 
_pdbx_validate_rmsd_angle.auth_comp_id_1 
_pdbx_validate_rmsd_angle.auth_seq_id_1 
_pdbx_validate_rmsd_angle.PDB_ins_code_1 
_pdbx_validate_rmsd_angle.label_alt_id_1 
_pdbx_validate_rmsd_angle.auth_atom_id_2 
_pdbx_validate_rmsd_angle.auth_asym_id_2 
_pdbx_validate_rmsd_angle.auth_comp_id_2 
_pdbx_validate_rmsd_angle.auth_seq_id_2 
_pdbx_validate_rmsd_angle.PDB_ins_code_2 
_pdbx_validate_rmsd_angle.label_alt_id_2 
_pdbx_validate_rmsd_angle.auth_atom_id_3 
_pdbx_validate_rmsd_angle.auth_asym_id_3 
_pdbx_validate_rmsd_angle.auth_comp_id_3 
_pdbx_validate_rmsd_angle.auth_seq_id_3 
_pdbx_validate_rmsd_angle.PDB_ins_code_3 
_pdbx_validate_rmsd_angle.label_alt_id_3 
_pdbx_validate_rmsd_angle.angle_value 
_pdbx_validate_rmsd_angle.angle_target_value 
_pdbx_validate_rmsd_angle.angle_deviation 
_pdbx_validate_rmsd_angle.angle_standard_deviation 
_pdbx_validate_rmsd_angle.linker_flag 
1 1 CB A ASP 58  ? ? CG A ASP 58  ? ? OD2 A ASP 58  ? ? 124.41 118.30 6.11 0.90 N 
2 1 CB A ASP 114 ? ? CG A ASP 114 ? ? OD2 A ASP 114 ? ? 124.26 118.30 5.96 0.90 N 
# 
_pdbx_validate_torsion.id              1 
_pdbx_validate_torsion.PDB_model_num   1 
_pdbx_validate_torsion.auth_comp_id    ASN 
_pdbx_validate_torsion.auth_asym_id    A 
_pdbx_validate_torsion.auth_seq_id     109 
_pdbx_validate_torsion.PDB_ins_code    ? 
_pdbx_validate_torsion.label_alt_id    ? 
_pdbx_validate_torsion.phi             -119.42 
_pdbx_validate_torsion.psi             -150.55 
# 
loop_
_pdbx_unobs_or_zero_occ_residues.id 
_pdbx_unobs_or_zero_occ_residues.PDB_model_num 
_pdbx_unobs_or_zero_occ_residues.polymer_flag 
_pdbx_unobs_or_zero_occ_residues.occupancy_flag 
_pdbx_unobs_or_zero_occ_residues.auth_asym_id 
_pdbx_unobs_or_zero_occ_residues.auth_comp_id 
_pdbx_unobs_or_zero_occ_residues.auth_seq_id 
_pdbx_unobs_or_zero_occ_residues.PDB_ins_code 
_pdbx_unobs_or_zero_occ_residues.label_asym_id 
_pdbx_unobs_or_zero_occ_residues.label_comp_id 
_pdbx_unobs_or_zero_occ_residues.label_seq_id 
1  1 Y 1 A MET -8  ? A MET 1   
2  1 Y 1 A SER -7  ? A SER 2   
3  1 Y 1 A HIS -6  ? A HIS 3   
4  1 Y 1 A HIS -5  ? A HIS 4   
5  1 Y 1 A HIS -4  ? A HIS 5   
6  1 Y 1 A HIS -3  ? A HIS 6   
7  1 Y 1 A HIS -2  ? A HIS 7   
8  1 Y 1 A HIS -1  ? A HIS 8   
9  1 Y 1 A GLY 0   ? A GLY 9   
10 1 Y 1 A SER 1   ? A SER 10  
11 1 Y 1 A SER 2   ? A SER 11  
12 1 Y 1 A ARG 3   ? A ARG 12  
13 1 Y 1 A GLN 4   ? A GLN 13  
14 1 Y 1 A ALA 5   ? A ALA 14  
15 1 Y 1 A ASN 6   ? A ASN 15  
16 1 Y 1 A ARG 7   ? A ARG 16  
17 1 Y 1 A GLY 8   ? A GLY 17  
18 1 Y 1 A THR 9   ? A THR 18  
19 1 Y 1 A GLU 10  ? A GLU 19  
20 1 Y 1 A SER 11  ? A SER 20  
21 1 Y 1 A LYS 12  ? A LYS 21  
22 1 Y 1 A GLU 172 ? A GLU 181 
23 1 Y 1 A ASP 173 ? A ASP 182 
24 1 Y 1 A ASN 174 ? A ASN 183 
25 1 Y 1 A LEU 175 ? A LEU 184 
26 1 Y 1 A PRO 176 ? A PRO 185 
27 1 Y 1 A ALA 177 ? A ALA 186 
28 1 Y 1 A GLY 178 ? A GLY 187 
29 1 Y 1 A GLU 179 ? A GLU 188 
30 1 Y 1 A GLU 180 ? A GLU 189 
31 1 Y 1 A ALA 181 ? A ALA 190 
32 1 Y 1 A ALA 182 ? A ALA 191 
33 1 Y 1 A ALA 183 ? A ALA 192 
34 1 Y 1 A TRP 184 ? A TRP 193 
35 1 Y 1 A SER 185 ? A SER 194 
36 1 Y 1 A HIS 186 ? A HIS 195 
37 1 Y 1 A PRO 187 ? A PRO 196 
38 1 Y 1 A GLN 188 ? A GLN 197 
39 1 Y 1 A PHE 189 ? A PHE 198 
40 1 Y 1 A GLU 190 ? A GLU 199 
41 1 Y 1 A LYS 191 ? A LYS 200 
# 
loop_
_chem_comp_atom.comp_id 
_chem_comp_atom.atom_id 
_chem_comp_atom.type_symbol 
_chem_comp_atom.pdbx_aromatic_flag 
_chem_comp_atom.pdbx_stereo_config 
_chem_comp_atom.pdbx_ordinal 
ALA N    N N N 1   
ALA CA   C N S 2   
ALA C    C N N 3   
ALA O    O N N 4   
ALA CB   C N N 5   
ALA OXT  O N N 6   
ALA H    H N N 7   
ALA H2   H N N 8   
ALA HA   H N N 9   
ALA HB1  H N N 10  
ALA HB2  H N N 11  
ALA HB3  H N N 12  
ALA HXT  H N N 13  
ARG N    N N N 14  
ARG CA   C N S 15  
ARG C    C N N 16  
ARG O    O N N 17  
ARG CB   C N N 18  
ARG CG   C N N 19  
ARG CD   C N N 20  
ARG NE   N N N 21  
ARG CZ   C N N 22  
ARG NH1  N N N 23  
ARG NH2  N N N 24  
ARG OXT  O N N 25  
ARG H    H N N 26  
ARG H2   H N N 27  
ARG HA   H N N 28  
ARG HB2  H N N 29  
ARG HB3  H N N 30  
ARG HG2  H N N 31  
ARG HG3  H N N 32  
ARG HD2  H N N 33  
ARG HD3  H N N 34  
ARG HE   H N N 35  
ARG HH11 H N N 36  
ARG HH12 H N N 37  
ARG HH21 H N N 38  
ARG HH22 H N N 39  
ARG HXT  H N N 40  
ASN N    N N N 41  
ASN CA   C N S 42  
ASN C    C N N 43  
ASN O    O N N 44  
ASN CB   C N N 45  
ASN CG   C N N 46  
ASN OD1  O N N 47  
ASN ND2  N N N 48  
ASN OXT  O N N 49  
ASN H    H N N 50  
ASN H2   H N N 51  
ASN HA   H N N 52  
ASN HB2  H N N 53  
ASN HB3  H N N 54  
ASN HD21 H N N 55  
ASN HD22 H N N 56  
ASN HXT  H N N 57  
ASP N    N N N 58  
ASP CA   C N S 59  
ASP C    C N N 60  
ASP O    O N N 61  
ASP CB   C N N 62  
ASP CG   C N N 63  
ASP OD1  O N N 64  
ASP OD2  O N N 65  
ASP OXT  O N N 66  
ASP H    H N N 67  
ASP H2   H N N 68  
ASP HA   H N N 69  
ASP HB2  H N N 70  
ASP HB3  H N N 71  
ASP HD2  H N N 72  
ASP HXT  H N N 73  
CYS N    N N N 74  
CYS CA   C N R 75  
CYS C    C N N 76  
CYS O    O N N 77  
CYS CB   C N N 78  
CYS SG   S N N 79  
CYS OXT  O N N 80  
CYS H    H N N 81  
CYS H2   H N N 82  
CYS HA   H N N 83  
CYS HB2  H N N 84  
CYS HB3  H N N 85  
CYS HG   H N N 86  
CYS HXT  H N N 87  
GLN N    N N N 88  
GLN CA   C N S 89  
GLN C    C N N 90  
GLN O    O N N 91  
GLN CB   C N N 92  
GLN CG   C N N 93  
GLN CD   C N N 94  
GLN OE1  O N N 95  
GLN NE2  N N N 96  
GLN OXT  O N N 97  
GLN H    H N N 98  
GLN H2   H N N 99  
GLN HA   H N N 100 
GLN HB2  H N N 101 
GLN HB3  H N N 102 
GLN HG2  H N N 103 
GLN HG3  H N N 104 
GLN HE21 H N N 105 
GLN HE22 H N N 106 
GLN HXT  H N N 107 
GLU N    N N N 108 
GLU CA   C N S 109 
GLU C    C N N 110 
GLU O    O N N 111 
GLU CB   C N N 112 
GLU CG   C N N 113 
GLU CD   C N N 114 
GLU OE1  O N N 115 
GLU OE2  O N N 116 
GLU OXT  O N N 117 
GLU H    H N N 118 
GLU H2   H N N 119 
GLU HA   H N N 120 
GLU HB2  H N N 121 
GLU HB3  H N N 122 
GLU HG2  H N N 123 
GLU HG3  H N N 124 
GLU HE2  H N N 125 
GLU HXT  H N N 126 
GLY N    N N N 127 
GLY CA   C N N 128 
GLY C    C N N 129 
GLY O    O N N 130 
GLY OXT  O N N 131 
GLY H    H N N 132 
GLY H2   H N N 133 
GLY HA2  H N N 134 
GLY HA3  H N N 135 
GLY HXT  H N N 136 
HIS N    N N N 137 
HIS CA   C N S 138 
HIS C    C N N 139 
HIS O    O N N 140 
HIS CB   C N N 141 
HIS CG   C Y N 142 
HIS ND1  N Y N 143 
HIS CD2  C Y N 144 
HIS CE1  C Y N 145 
HIS NE2  N Y N 146 
HIS OXT  O N N 147 
HIS H    H N N 148 
HIS H2   H N N 149 
HIS HA   H N N 150 
HIS HB2  H N N 151 
HIS HB3  H N N 152 
HIS HD1  H N N 153 
HIS HD2  H N N 154 
HIS HE1  H N N 155 
HIS HE2  H N N 156 
HIS HXT  H N N 157 
HOH O    O N N 158 
HOH H1   H N N 159 
HOH H2   H N N 160 
ILE N    N N N 161 
ILE CA   C N S 162 
ILE C    C N N 163 
ILE O    O N N 164 
ILE CB   C N S 165 
ILE CG1  C N N 166 
ILE CG2  C N N 167 
ILE CD1  C N N 168 
ILE OXT  O N N 169 
ILE H    H N N 170 
ILE H2   H N N 171 
ILE HA   H N N 172 
ILE HB   H N N 173 
ILE HG12 H N N 174 
ILE HG13 H N N 175 
ILE HG21 H N N 176 
ILE HG22 H N N 177 
ILE HG23 H N N 178 
ILE HD11 H N N 179 
ILE HD12 H N N 180 
ILE HD13 H N N 181 
ILE HXT  H N N 182 
LEU N    N N N 183 
LEU CA   C N S 184 
LEU C    C N N 185 
LEU O    O N N 186 
LEU CB   C N N 187 
LEU CG   C N N 188 
LEU CD1  C N N 189 
LEU CD2  C N N 190 
LEU OXT  O N N 191 
LEU H    H N N 192 
LEU H2   H N N 193 
LEU HA   H N N 194 
LEU HB2  H N N 195 
LEU HB3  H N N 196 
LEU HG   H N N 197 
LEU HD11 H N N 198 
LEU HD12 H N N 199 
LEU HD13 H N N 200 
LEU HD21 H N N 201 
LEU HD22 H N N 202 
LEU HD23 H N N 203 
LEU HXT  H N N 204 
LYS N    N N N 205 
LYS CA   C N S 206 
LYS C    C N N 207 
LYS O    O N N 208 
LYS CB   C N N 209 
LYS CG   C N N 210 
LYS CD   C N N 211 
LYS CE   C N N 212 
LYS NZ   N N N 213 
LYS OXT  O N N 214 
LYS H    H N N 215 
LYS H2   H N N 216 
LYS HA   H N N 217 
LYS HB2  H N N 218 
LYS HB3  H N N 219 
LYS HG2  H N N 220 
LYS HG3  H N N 221 
LYS HD2  H N N 222 
LYS HD3  H N N 223 
LYS HE2  H N N 224 
LYS HE3  H N N 225 
LYS HZ1  H N N 226 
LYS HZ2  H N N 227 
LYS HZ3  H N N 228 
LYS HXT  H N N 229 
MET N    N N N 230 
MET CA   C N S 231 
MET C    C N N 232 
MET O    O N N 233 
MET CB   C N N 234 
MET CG   C N N 235 
MET SD   S N N 236 
MET CE   C N N 237 
MET OXT  O N N 238 
MET H    H N N 239 
MET H2   H N N 240 
MET HA   H N N 241 
MET HB2  H N N 242 
MET HB3  H N N 243 
MET HG2  H N N 244 
MET HG3  H N N 245 
MET HE1  H N N 246 
MET HE2  H N N 247 
MET HE3  H N N 248 
MET HXT  H N N 249 
PHE N    N N N 250 
PHE CA   C N S 251 
PHE C    C N N 252 
PHE O    O N N 253 
PHE CB   C N N 254 
PHE CG   C Y N 255 
PHE CD1  C Y N 256 
PHE CD2  C Y N 257 
PHE CE1  C Y N 258 
PHE CE2  C Y N 259 
PHE CZ   C Y N 260 
PHE OXT  O N N 261 
PHE H    H N N 262 
PHE H2   H N N 263 
PHE HA   H N N 264 
PHE HB2  H N N 265 
PHE HB3  H N N 266 
PHE HD1  H N N 267 
PHE HD2  H N N 268 
PHE HE1  H N N 269 
PHE HE2  H N N 270 
PHE HZ   H N N 271 
PHE HXT  H N N 272 
PLM C1   C N N 273 
PLM O1   O N N 274 
PLM O2   O N N 275 
PLM C2   C N N 276 
PLM C3   C N N 277 
PLM C4   C N N 278 
PLM C5   C N N 279 
PLM C6   C N N 280 
PLM C7   C N N 281 
PLM C8   C N N 282 
PLM C9   C N N 283 
PLM CA   C N N 284 
PLM CB   C N N 285 
PLM CC   C N N 286 
PLM CD   C N N 287 
PLM CE   C N N 288 
PLM CF   C N N 289 
PLM CG   C N N 290 
PLM H    H N N 291 
PLM H21  H N N 292 
PLM H22  H N N 293 
PLM H31  H N N 294 
PLM H32  H N N 295 
PLM H41  H N N 296 
PLM H42  H N N 297 
PLM H51  H N N 298 
PLM H52  H N N 299 
PLM H61  H N N 300 
PLM H62  H N N 301 
PLM H71  H N N 302 
PLM H72  H N N 303 
PLM H81  H N N 304 
PLM H82  H N N 305 
PLM H91  H N N 306 
PLM H92  H N N 307 
PLM HA1  H N N 308 
PLM HA2  H N N 309 
PLM HB1  H N N 310 
PLM HB2  H N N 311 
PLM HC1  H N N 312 
PLM HC2  H N N 313 
PLM HD1  H N N 314 
PLM HD2  H N N 315 
PLM HE1  H N N 316 
PLM HE2  H N N 317 
PLM HF1  H N N 318 
PLM HF2  H N N 319 
PLM HG1  H N N 320 
PLM HG2  H N N 321 
PLM HG3  H N N 322 
PRO N    N N N 323 
PRO CA   C N S 324 
PRO C    C N N 325 
PRO O    O N N 326 
PRO CB   C N N 327 
PRO CG   C N N 328 
PRO CD   C N N 329 
PRO OXT  O N N 330 
PRO H    H N N 331 
PRO HA   H N N 332 
PRO HB2  H N N 333 
PRO HB3  H N N 334 
PRO HG2  H N N 335 
PRO HG3  H N N 336 
PRO HD2  H N N 337 
PRO HD3  H N N 338 
PRO HXT  H N N 339 
SER N    N N N 340 
SER CA   C N S 341 
SER C    C N N 342 
SER O    O N N 343 
SER CB   C N N 344 
SER OG   O N N 345 
SER OXT  O N N 346 
SER H    H N N 347 
SER H2   H N N 348 
SER HA   H N N 349 
SER HB2  H N N 350 
SER HB3  H N N 351 
SER HG   H N N 352 
SER HXT  H N N 353 
THR N    N N N 354 
THR CA   C N S 355 
THR C    C N N 356 
THR O    O N N 357 
THR CB   C N R 358 
THR OG1  O N N 359 
THR CG2  C N N 360 
THR OXT  O N N 361 
THR H    H N N 362 
THR H2   H N N 363 
THR HA   H N N 364 
THR HB   H N N 365 
THR HG1  H N N 366 
THR HG21 H N N 367 
THR HG22 H N N 368 
THR HG23 H N N 369 
THR HXT  H N N 370 
TRP N    N N N 371 
TRP CA   C N S 372 
TRP C    C N N 373 
TRP O    O N N 374 
TRP CB   C N N 375 
TRP CG   C Y N 376 
TRP CD1  C Y N 377 
TRP CD2  C Y N 378 
TRP NE1  N Y N 379 
TRP CE2  C Y N 380 
TRP CE3  C Y N 381 
TRP CZ2  C Y N 382 
TRP CZ3  C Y N 383 
TRP CH2  C Y N 384 
TRP OXT  O N N 385 
TRP H    H N N 386 
TRP H2   H N N 387 
TRP HA   H N N 388 
TRP HB2  H N N 389 
TRP HB3  H N N 390 
TRP HD1  H N N 391 
TRP HE1  H N N 392 
TRP HE3  H N N 393 
TRP HZ2  H N N 394 
TRP HZ3  H N N 395 
TRP HH2  H N N 396 
TRP HXT  H N N 397 
TYR N    N N N 398 
TYR CA   C N S 399 
TYR C    C N N 400 
TYR O    O N N 401 
TYR CB   C N N 402 
TYR CG   C Y N 403 
TYR CD1  C Y N 404 
TYR CD2  C Y N 405 
TYR CE1  C Y N 406 
TYR CE2  C Y N 407 
TYR CZ   C Y N 408 
TYR OH   O N N 409 
TYR OXT  O N N 410 
TYR H    H N N 411 
TYR H2   H N N 412 
TYR HA   H N N 413 
TYR HB2  H N N 414 
TYR HB3  H N N 415 
TYR HD1  H N N 416 
TYR HD2  H N N 417 
TYR HE1  H N N 418 
TYR HE2  H N N 419 
TYR HH   H N N 420 
TYR HXT  H N N 421 
VAL N    N N N 422 
VAL CA   C N S 423 
VAL C    C N N 424 
VAL O    O N N 425 
VAL CB   C N N 426 
VAL CG1  C N N 427 
VAL CG2  C N N 428 
VAL OXT  O N N 429 
VAL H    H N N 430 
VAL H2   H N N 431 
VAL HA   H N N 432 
VAL HB   H N N 433 
VAL HG11 H N N 434 
VAL HG12 H N N 435 
VAL HG13 H N N 436 
VAL HG21 H N N 437 
VAL HG22 H N N 438 
VAL HG23 H N N 439 
VAL HXT  H N N 440 
# 
loop_
_chem_comp_bond.comp_id 
_chem_comp_bond.atom_id_1 
_chem_comp_bond.atom_id_2 
_chem_comp_bond.value_order 
_chem_comp_bond.pdbx_aromatic_flag 
_chem_comp_bond.pdbx_stereo_config 
_chem_comp_bond.pdbx_ordinal 
ALA N   CA   sing N N 1   
ALA N   H    sing N N 2   
ALA N   H2   sing N N 3   
ALA CA  C    sing N N 4   
ALA CA  CB   sing N N 5   
ALA CA  HA   sing N N 6   
ALA C   O    doub N N 7   
ALA C   OXT  sing N N 8   
ALA CB  HB1  sing N N 9   
ALA CB  HB2  sing N N 10  
ALA CB  HB3  sing N N 11  
ALA OXT HXT  sing N N 12  
ARG N   CA   sing N N 13  
ARG N   H    sing N N 14  
ARG N   H2   sing N N 15  
ARG CA  C    sing N N 16  
ARG CA  CB   sing N N 17  
ARG CA  HA   sing N N 18  
ARG C   O    doub N N 19  
ARG C   OXT  sing N N 20  
ARG CB  CG   sing N N 21  
ARG CB  HB2  sing N N 22  
ARG CB  HB3  sing N N 23  
ARG CG  CD   sing N N 24  
ARG CG  HG2  sing N N 25  
ARG CG  HG3  sing N N 26  
ARG CD  NE   sing N N 27  
ARG CD  HD2  sing N N 28  
ARG CD  HD3  sing N N 29  
ARG NE  CZ   sing N N 30  
ARG NE  HE   sing N N 31  
ARG CZ  NH1  sing N N 32  
ARG CZ  NH2  doub N N 33  
ARG NH1 HH11 sing N N 34  
ARG NH1 HH12 sing N N 35  
ARG NH2 HH21 sing N N 36  
ARG NH2 HH22 sing N N 37  
ARG OXT HXT  sing N N 38  
ASN N   CA   sing N N 39  
ASN N   H    sing N N 40  
ASN N   H2   sing N N 41  
ASN CA  C    sing N N 42  
ASN CA  CB   sing N N 43  
ASN CA  HA   sing N N 44  
ASN C   O    doub N N 45  
ASN C   OXT  sing N N 46  
ASN CB  CG   sing N N 47  
ASN CB  HB2  sing N N 48  
ASN CB  HB3  sing N N 49  
ASN CG  OD1  doub N N 50  
ASN CG  ND2  sing N N 51  
ASN ND2 HD21 sing N N 52  
ASN ND2 HD22 sing N N 53  
ASN OXT HXT  sing N N 54  
ASP N   CA   sing N N 55  
ASP N   H    sing N N 56  
ASP N   H2   sing N N 57  
ASP CA  C    sing N N 58  
ASP CA  CB   sing N N 59  
ASP CA  HA   sing N N 60  
ASP C   O    doub N N 61  
ASP C   OXT  sing N N 62  
ASP CB  CG   sing N N 63  
ASP CB  HB2  sing N N 64  
ASP CB  HB3  sing N N 65  
ASP CG  OD1  doub N N 66  
ASP CG  OD2  sing N N 67  
ASP OD2 HD2  sing N N 68  
ASP OXT HXT  sing N N 69  
CYS N   CA   sing N N 70  
CYS N   H    sing N N 71  
CYS N   H2   sing N N 72  
CYS CA  C    sing N N 73  
CYS CA  CB   sing N N 74  
CYS CA  HA   sing N N 75  
CYS C   O    doub N N 76  
CYS C   OXT  sing N N 77  
CYS CB  SG   sing N N 78  
CYS CB  HB2  sing N N 79  
CYS CB  HB3  sing N N 80  
CYS SG  HG   sing N N 81  
CYS OXT HXT  sing N N 82  
GLN N   CA   sing N N 83  
GLN N   H    sing N N 84  
GLN N   H2   sing N N 85  
GLN CA  C    sing N N 86  
GLN CA  CB   sing N N 87  
GLN CA  HA   sing N N 88  
GLN C   O    doub N N 89  
GLN C   OXT  sing N N 90  
GLN CB  CG   sing N N 91  
GLN CB  HB2  sing N N 92  
GLN CB  HB3  sing N N 93  
GLN CG  CD   sing N N 94  
GLN CG  HG2  sing N N 95  
GLN CG  HG3  sing N N 96  
GLN CD  OE1  doub N N 97  
GLN CD  NE2  sing N N 98  
GLN NE2 HE21 sing N N 99  
GLN NE2 HE22 sing N N 100 
GLN OXT HXT  sing N N 101 
GLU N   CA   sing N N 102 
GLU N   H    sing N N 103 
GLU N   H2   sing N N 104 
GLU CA  C    sing N N 105 
GLU CA  CB   sing N N 106 
GLU CA  HA   sing N N 107 
GLU C   O    doub N N 108 
GLU C   OXT  sing N N 109 
GLU CB  CG   sing N N 110 
GLU CB  HB2  sing N N 111 
GLU CB  HB3  sing N N 112 
GLU CG  CD   sing N N 113 
GLU CG  HG2  sing N N 114 
GLU CG  HG3  sing N N 115 
GLU CD  OE1  doub N N 116 
GLU CD  OE2  sing N N 117 
GLU OE2 HE2  sing N N 118 
GLU OXT HXT  sing N N 119 
GLY N   CA   sing N N 120 
GLY N   H    sing N N 121 
GLY N   H2   sing N N 122 
GLY CA  C    sing N N 123 
GLY CA  HA2  sing N N 124 
GLY CA  HA3  sing N N 125 
GLY C   O    doub N N 126 
GLY C   OXT  sing N N 127 
GLY OXT HXT  sing N N 128 
HIS N   CA   sing N N 129 
HIS N   H    sing N N 130 
HIS N   H2   sing N N 131 
HIS CA  C    sing N N 132 
HIS CA  CB   sing N N 133 
HIS CA  HA   sing N N 134 
HIS C   O    doub N N 135 
HIS C   OXT  sing N N 136 
HIS CB  CG   sing N N 137 
HIS CB  HB2  sing N N 138 
HIS CB  HB3  sing N N 139 
HIS CG  ND1  sing Y N 140 
HIS CG  CD2  doub Y N 141 
HIS ND1 CE1  doub Y N 142 
HIS ND1 HD1  sing N N 143 
HIS CD2 NE2  sing Y N 144 
HIS CD2 HD2  sing N N 145 
HIS CE1 NE2  sing Y N 146 
HIS CE1 HE1  sing N N 147 
HIS NE2 HE2  sing N N 148 
HIS OXT HXT  sing N N 149 
HOH O   H1   sing N N 150 
HOH O   H2   sing N N 151 
ILE N   CA   sing N N 152 
ILE N   H    sing N N 153 
ILE N   H2   sing N N 154 
ILE CA  C    sing N N 155 
ILE CA  CB   sing N N 156 
ILE CA  HA   sing N N 157 
ILE C   O    doub N N 158 
ILE C   OXT  sing N N 159 
ILE CB  CG1  sing N N 160 
ILE CB  CG2  sing N N 161 
ILE CB  HB   sing N N 162 
ILE CG1 CD1  sing N N 163 
ILE CG1 HG12 sing N N 164 
ILE CG1 HG13 sing N N 165 
ILE CG2 HG21 sing N N 166 
ILE CG2 HG22 sing N N 167 
ILE CG2 HG23 sing N N 168 
ILE CD1 HD11 sing N N 169 
ILE CD1 HD12 sing N N 170 
ILE CD1 HD13 sing N N 171 
ILE OXT HXT  sing N N 172 
LEU N   CA   sing N N 173 
LEU N   H    sing N N 174 
LEU N   H2   sing N N 175 
LEU CA  C    sing N N 176 
LEU CA  CB   sing N N 177 
LEU CA  HA   sing N N 178 
LEU C   O    doub N N 179 
LEU C   OXT  sing N N 180 
LEU CB  CG   sing N N 181 
LEU CB  HB2  sing N N 182 
LEU CB  HB3  sing N N 183 
LEU CG  CD1  sing N N 184 
LEU CG  CD2  sing N N 185 
LEU CG  HG   sing N N 186 
LEU CD1 HD11 sing N N 187 
LEU CD1 HD12 sing N N 188 
LEU CD1 HD13 sing N N 189 
LEU CD2 HD21 sing N N 190 
LEU CD2 HD22 sing N N 191 
LEU CD2 HD23 sing N N 192 
LEU OXT HXT  sing N N 193 
LYS N   CA   sing N N 194 
LYS N   H    sing N N 195 
LYS N   H2   sing N N 196 
LYS CA  C    sing N N 197 
LYS CA  CB   sing N N 198 
LYS CA  HA   sing N N 199 
LYS C   O    doub N N 200 
LYS C   OXT  sing N N 201 
LYS CB  CG   sing N N 202 
LYS CB  HB2  sing N N 203 
LYS CB  HB3  sing N N 204 
LYS CG  CD   sing N N 205 
LYS CG  HG2  sing N N 206 
LYS CG  HG3  sing N N 207 
LYS CD  CE   sing N N 208 
LYS CD  HD2  sing N N 209 
LYS CD  HD3  sing N N 210 
LYS CE  NZ   sing N N 211 
LYS CE  HE2  sing N N 212 
LYS CE  HE3  sing N N 213 
LYS NZ  HZ1  sing N N 214 
LYS NZ  HZ2  sing N N 215 
LYS NZ  HZ3  sing N N 216 
LYS OXT HXT  sing N N 217 
MET N   CA   sing N N 218 
MET N   H    sing N N 219 
MET N   H2   sing N N 220 
MET CA  C    sing N N 221 
MET CA  CB   sing N N 222 
MET CA  HA   sing N N 223 
MET C   O    doub N N 224 
MET C   OXT  sing N N 225 
MET CB  CG   sing N N 226 
MET CB  HB2  sing N N 227 
MET CB  HB3  sing N N 228 
MET CG  SD   sing N N 229 
MET CG  HG2  sing N N 230 
MET CG  HG3  sing N N 231 
MET SD  CE   sing N N 232 
MET CE  HE1  sing N N 233 
MET CE  HE2  sing N N 234 
MET CE  HE3  sing N N 235 
MET OXT HXT  sing N N 236 
PHE N   CA   sing N N 237 
PHE N   H    sing N N 238 
PHE N   H2   sing N N 239 
PHE CA  C    sing N N 240 
PHE CA  CB   sing N N 241 
PHE CA  HA   sing N N 242 
PHE C   O    doub N N 243 
PHE C   OXT  sing N N 244 
PHE CB  CG   sing N N 245 
PHE CB  HB2  sing N N 246 
PHE CB  HB3  sing N N 247 
PHE CG  CD1  doub Y N 248 
PHE CG  CD2  sing Y N 249 
PHE CD1 CE1  sing Y N 250 
PHE CD1 HD1  sing N N 251 
PHE CD2 CE2  doub Y N 252 
PHE CD2 HD2  sing N N 253 
PHE CE1 CZ   doub Y N 254 
PHE CE1 HE1  sing N N 255 
PHE CE2 CZ   sing Y N 256 
PHE CE2 HE2  sing N N 257 
PHE CZ  HZ   sing N N 258 
PHE OXT HXT  sing N N 259 
PLM C1  O1   sing N N 260 
PLM C1  O2   doub N N 261 
PLM C1  C2   sing N N 262 
PLM O1  H    sing N N 263 
PLM C2  C3   sing N N 264 
PLM C2  H21  sing N N 265 
PLM C2  H22  sing N N 266 
PLM C3  C4   sing N N 267 
PLM C3  H31  sing N N 268 
PLM C3  H32  sing N N 269 
PLM C4  C5   sing N N 270 
PLM C4  H41  sing N N 271 
PLM C4  H42  sing N N 272 
PLM C5  C6   sing N N 273 
PLM C5  H51  sing N N 274 
PLM C5  H52  sing N N 275 
PLM C6  C7   sing N N 276 
PLM C6  H61  sing N N 277 
PLM C6  H62  sing N N 278 
PLM C7  C8   sing N N 279 
PLM C7  H71  sing N N 280 
PLM C7  H72  sing N N 281 
PLM C8  C9   sing N N 282 
PLM C8  H81  sing N N 283 
PLM C8  H82  sing N N 284 
PLM C9  CA   sing N N 285 
PLM C9  H91  sing N N 286 
PLM C9  H92  sing N N 287 
PLM CA  CB   sing N N 288 
PLM CA  HA1  sing N N 289 
PLM CA  HA2  sing N N 290 
PLM CB  CC   sing N N 291 
PLM CB  HB1  sing N N 292 
PLM CB  HB2  sing N N 293 
PLM CC  CD   sing N N 294 
PLM CC  HC1  sing N N 295 
PLM CC  HC2  sing N N 296 
PLM CD  CE   sing N N 297 
PLM CD  HD1  sing N N 298 
PLM CD  HD2  sing N N 299 
PLM CE  CF   sing N N 300 
PLM CE  HE1  sing N N 301 
PLM CE  HE2  sing N N 302 
PLM CF  CG   sing N N 303 
PLM CF  HF1  sing N N 304 
PLM CF  HF2  sing N N 305 
PLM CG  HG1  sing N N 306 
PLM CG  HG2  sing N N 307 
PLM CG  HG3  sing N N 308 
PRO N   CA   sing N N 309 
PRO N   CD   sing N N 310 
PRO N   H    sing N N 311 
PRO CA  C    sing N N 312 
PRO CA  CB   sing N N 313 
PRO CA  HA   sing N N 314 
PRO C   O    doub N N 315 
PRO C   OXT  sing N N 316 
PRO CB  CG   sing N N 317 
PRO CB  HB2  sing N N 318 
PRO CB  HB3  sing N N 319 
PRO CG  CD   sing N N 320 
PRO CG  HG2  sing N N 321 
PRO CG  HG3  sing N N 322 
PRO CD  HD2  sing N N 323 
PRO CD  HD3  sing N N 324 
PRO OXT HXT  sing N N 325 
SER N   CA   sing N N 326 
SER N   H    sing N N 327 
SER N   H2   sing N N 328 
SER CA  C    sing N N 329 
SER CA  CB   sing N N 330 
SER CA  HA   sing N N 331 
SER C   O    doub N N 332 
SER C   OXT  sing N N 333 
SER CB  OG   sing N N 334 
SER CB  HB2  sing N N 335 
SER CB  HB3  sing N N 336 
SER OG  HG   sing N N 337 
SER OXT HXT  sing N N 338 
THR N   CA   sing N N 339 
THR N   H    sing N N 340 
THR N   H2   sing N N 341 
THR CA  C    sing N N 342 
THR CA  CB   sing N N 343 
THR CA  HA   sing N N 344 
THR C   O    doub N N 345 
THR C   OXT  sing N N 346 
THR CB  OG1  sing N N 347 
THR CB  CG2  sing N N 348 
THR CB  HB   sing N N 349 
THR OG1 HG1  sing N N 350 
THR CG2 HG21 sing N N 351 
THR CG2 HG22 sing N N 352 
THR CG2 HG23 sing N N 353 
THR OXT HXT  sing N N 354 
TRP N   CA   sing N N 355 
TRP N   H    sing N N 356 
TRP N   H2   sing N N 357 
TRP CA  C    sing N N 358 
TRP CA  CB   sing N N 359 
TRP CA  HA   sing N N 360 
TRP C   O    doub N N 361 
TRP C   OXT  sing N N 362 
TRP CB  CG   sing N N 363 
TRP CB  HB2  sing N N 364 
TRP CB  HB3  sing N N 365 
TRP CG  CD1  doub Y N 366 
TRP CG  CD2  sing Y N 367 
TRP CD1 NE1  sing Y N 368 
TRP CD1 HD1  sing N N 369 
TRP CD2 CE2  doub Y N 370 
TRP CD2 CE3  sing Y N 371 
TRP NE1 CE2  sing Y N 372 
TRP NE1 HE1  sing N N 373 
TRP CE2 CZ2  sing Y N 374 
TRP CE3 CZ3  doub Y N 375 
TRP CE3 HE3  sing N N 376 
TRP CZ2 CH2  doub Y N 377 
TRP CZ2 HZ2  sing N N 378 
TRP CZ3 CH2  sing Y N 379 
TRP CZ3 HZ3  sing N N 380 
TRP CH2 HH2  sing N N 381 
TRP OXT HXT  sing N N 382 
TYR N   CA   sing N N 383 
TYR N   H    sing N N 384 
TYR N   H2   sing N N 385 
TYR CA  C    sing N N 386 
TYR CA  CB   sing N N 387 
TYR CA  HA   sing N N 388 
TYR C   O    doub N N 389 
TYR C   OXT  sing N N 390 
TYR CB  CG   sing N N 391 
TYR CB  HB2  sing N N 392 
TYR CB  HB3  sing N N 393 
TYR CG  CD1  doub Y N 394 
TYR CG  CD2  sing Y N 395 
TYR CD1 CE1  sing Y N 396 
TYR CD1 HD1  sing N N 397 
TYR CD2 CE2  doub Y N 398 
TYR CD2 HD2  sing N N 399 
TYR CE1 CZ   doub Y N 400 
TYR CE1 HE1  sing N N 401 
TYR CE2 CZ   sing Y N 402 
TYR CE2 HE2  sing N N 403 
TYR CZ  OH   sing N N 404 
TYR OH  HH   sing N N 405 
TYR OXT HXT  sing N N 406 
VAL N   CA   sing N N 407 
VAL N   H    sing N N 408 
VAL N   H2   sing N N 409 
VAL CA  C    sing N N 410 
VAL CA  CB   sing N N 411 
VAL CA  HA   sing N N 412 
VAL C   O    doub N N 413 
VAL C   OXT  sing N N 414 
VAL CB  CG1  sing N N 415 
VAL CB  CG2  sing N N 416 
VAL CB  HB   sing N N 417 
VAL CG1 HG11 sing N N 418 
VAL CG1 HG12 sing N N 419 
VAL CG1 HG13 sing N N 420 
VAL CG2 HG21 sing N N 421 
VAL CG2 HG22 sing N N 422 
VAL CG2 HG23 sing N N 423 
VAL OXT HXT  sing N N 424 
# 
_atom_sites.entry_id                    1SZ7 
_atom_sites.fract_transf_matrix[1][1]   0.01508235 
_atom_sites.fract_transf_matrix[1][2]   -0.00421381 
_atom_sites.fract_transf_matrix[1][3]   -0.00237674 
_atom_sites.fract_transf_matrix[2][1]   0.01166558 
_atom_sites.fract_transf_matrix[2][2]   0.01027791 
_atom_sites.fract_transf_matrix[2][3]   0.00302534 
_atom_sites.fract_transf_matrix[3][1]   0.00094641 
_atom_sites.fract_transf_matrix[3][2]   -0.00594403 
_atom_sites.fract_transf_matrix[3][3]   0.01654415 
_atom_sites.fract_transf_vector[1]      0.781980 
_atom_sites.fract_transf_vector[2]      0.598957 
_atom_sites.fract_transf_vector[3]      0.127785 
# 
loop_
_atom_type.symbol 
C 
N 
O 
S 
# 
loop_
_atom_site.group_PDB 
_atom_site.id 
_atom_site.type_symbol 
_atom_site.label_atom_id 
_atom_site.label_alt_id 
_atom_site.label_comp_id 
_atom_site.label_asym_id 
_atom_site.label_entity_id 
_atom_site.label_seq_id 
_atom_site.pdbx_PDB_ins_code 
_atom_site.Cartn_x 
_atom_site.Cartn_y 
_atom_site.Cartn_z 
_atom_site.occupancy 
_atom_site.B_iso_or_equiv 
_atom_site.pdbx_formal_charge 
_atom_site.auth_seq_id 
_atom_site.auth_comp_id 
_atom_site.auth_asym_id 
_atom_site.auth_atom_id 
_atom_site.pdbx_PDB_model_num 
ATOM   1    N N   . LYS A 1 22  ? -16.322 13.209  -0.283  1.00 35.01 ? 13  LYS A N   1 
ATOM   2    C CA  . LYS A 1 22  ? -15.599 12.272  -1.205  1.00 34.62 ? 13  LYS A CA  1 
ATOM   3    C C   . LYS A 1 22  ? -15.148 12.984  -2.480  1.00 34.30 ? 13  LYS A C   1 
ATOM   4    O O   . LYS A 1 22  ? -15.815 13.902  -2.952  1.00 34.60 ? 13  LYS A O   1 
ATOM   5    C CB  . LYS A 1 22  ? -16.481 11.068  -1.569  1.00 35.03 ? 13  LYS A CB  1 
ATOM   6    C CG  . LYS A 1 22  ? -17.043 10.299  -0.372  1.00 36.37 ? 13  LYS A CG  1 
ATOM   7    C CD  . LYS A 1 22  ? -16.141 9.148   0.035   1.00 37.83 ? 13  LYS A CD  1 
ATOM   8    C CE  . LYS A 1 22  ? -16.674 8.464   1.288   1.00 38.34 ? 13  LYS A CE  1 
ATOM   9    N NZ  . LYS A 1 22  ? -16.642 6.984   1.169   1.00 40.28 ? 13  LYS A NZ  1 
ATOM   10   N N   . MET A 1 23  ? -14.025 12.546  -3.040  1.00 33.30 ? 14  MET A N   1 
ATOM   11   C CA  . MET A 1 23  ? -13.453 13.167  -4.232  1.00 32.66 ? 14  MET A CA  1 
ATOM   12   C C   . MET A 1 23  ? -12.990 12.111  -5.229  1.00 31.51 ? 14  MET A C   1 
ATOM   13   O O   . MET A 1 23  ? -12.595 11.013  -4.831  1.00 31.11 ? 14  MET A O   1 
ATOM   14   C CB  . MET A 1 23  ? -12.250 14.026  -3.833  1.00 32.99 ? 14  MET A CB  1 
ATOM   15   C CG  . MET A 1 23  ? -11.479 13.456  -2.638  1.00 36.00 ? 14  MET A CG  1 
ATOM   16   S SD  . MET A 1 23  ? -9.766  13.976  -2.454  1.00 41.43 ? 14  MET A SD  1 
ATOM   17   C CE  . MET A 1 23  ? -9.962  15.485  -1.479  1.00 41.33 ? 14  MET A CE  1 
ATOM   18   N N   . SER A 1 24  ? -13.023 12.445  -6.519  1.00 29.71 ? 15  SER A N   1 
ATOM   19   C CA  . SER A 1 24  ? -12.433 11.589  -7.547  1.00 28.67 ? 15  SER A CA  1 
ATOM   20   C C   . SER A 1 24  ? -10.930 11.598  -7.337  1.00 26.84 ? 15  SER A C   1 
ATOM   21   O O   . SER A 1 24  ? -10.415 12.414  -6.574  1.00 28.02 ? 15  SER A O   1 
ATOM   22   C CB  . SER A 1 24  ? -12.786 12.074  -8.941  1.00 28.44 ? 15  SER A CB  1 
ATOM   23   O OG  . SER A 1 24  ? -14.165 12.360  -9.015  1.00 31.81 ? 15  SER A OG  1 
ATOM   24   N N   . SER A 1 25  ? -10.216 10.689  -7.988  1.00 24.34 ? 16  SER A N   1 
ATOM   25   C CA  . SER A 1 25  ? -8.829  10.491  -7.598  1.00 21.80 ? 16  SER A CA  1 
ATOM   26   C C   . SER A 1 25  ? -7.766  11.235  -8.399  1.00 20.06 ? 16  SER A C   1 
ATOM   27   O O   . SER A 1 25  ? -6.616  11.213  -7.989  1.00 18.36 ? 16  SER A O   1 
ATOM   28   C CB  . SER A 1 25  ? -8.496  8.993   -7.566  1.00 21.86 ? 16  SER A CB  1 
ATOM   29   O OG  . SER A 1 25  ? -8.563  8.451   -8.859  1.00 24.02 ? 16  SER A OG  1 
ATOM   30   N N   . GLU A 1 26  ? -8.114  11.897  -9.503  1.00 18.60 ? 17  GLU A N   1 
ATOM   31   C CA  . GLU A 1 26  ? -7.081  12.355  -10.442 1.00 17.65 ? 17  GLU A CA  1 
ATOM   32   C C   . GLU A 1 26  ? -6.154  13.428  -9.839  1.00 16.25 ? 17  GLU A C   1 
ATOM   33   O O   . GLU A 1 26  ? -4.951  13.394  -10.066 1.00 14.72 ? 17  GLU A O   1 
ATOM   34   C CB  . GLU A 1 26  ? -7.649  12.765  -11.811 1.00 19.85 ? 17  GLU A CB  1 
ATOM   35   C CG  . GLU A 1 26  ? -6.623  13.376  -12.763 1.00 23.64 ? 17  GLU A CG  1 
ATOM   36   C CD  . GLU A 1 26  ? -5.847  12.387  -13.620 1.00 30.78 ? 17  GLU A CD  1 
ATOM   37   O OE1 . GLU A 1 26  ? -5.681  11.199  -13.246 1.00 35.06 ? 17  GLU A OE1 1 
ATOM   38   O OE2 . GLU A 1 26  ? -5.364  12.821  -14.693 1.00 34.98 ? 17  GLU A OE2 1 
ATOM   39   N N   . LEU A 1 27  ? -6.679  14.345  -9.039  1.00 14.77 ? 18  LEU A N   1 
ATOM   40   C CA  . LEU A 1 27  ? -5.777  15.304  -8.382  1.00 14.69 ? 18  LEU A CA  1 
ATOM   41   C C   . LEU A 1 27  ? -4.833  14.622  -7.370  1.00 15.00 ? 18  LEU A C   1 
ATOM   42   O O   . LEU A 1 27  ? -3.652  14.985  -7.275  1.00 14.78 ? 18  LEU A O   1 
ATOM   43   C CB  . LEU A 1 27  ? -6.558  16.468  -7.737  1.00 13.79 ? 18  LEU A CB  1 
ATOM   44   C CG  . LEU A 1 27  ? -5.710  17.542  -7.015  1.00 14.99 ? 18  LEU A CG  1 
ATOM   45   C CD1 . LEU A 1 27  ? -4.747  18.198  -7.993  1.00 17.32 ? 18  LEU A CD1 1 
ATOM   46   C CD2 . LEU A 1 27  ? -6.621  18.586  -6.414  1.00 14.89 ? 18  LEU A CD2 1 
ATOM   47   N N   . PHE A 1 28  ? -5.347  13.620  -6.650  1.00 15.48 ? 19  PHE A N   1 
ATOM   48   C CA  . PHE A 1 28  ? -4.541  12.798  -5.736  1.00 15.81 ? 19  PHE A CA  1 
ATOM   49   C C   . PHE A 1 28  ? -3.442  12.066  -6.514  1.00 15.51 ? 19  PHE A C   1 
ATOM   50   O O   . PHE A 1 28  ? -2.247  12.171  -6.176  1.00 15.00 ? 19  PHE A O   1 
ATOM   51   C CB  . PHE A 1 28  ? -5.478  11.834  -4.947  1.00 16.91 ? 19  PHE A CB  1 
ATOM   52   C CG  . PHE A 1 28  ? -4.775  10.850  -4.011  1.00 19.34 ? 19  PHE A CG  1 
ATOM   53   C CD1 . PHE A 1 28  ? -3.519  11.096  -3.476  1.00 21.24 ? 19  PHE A CD1 1 
ATOM   54   C CD2 . PHE A 1 28  ? -5.437  9.694   -3.609  1.00 25.18 ? 19  PHE A CD2 1 
ATOM   55   C CE1 . PHE A 1 28  ? -2.897  10.170  -2.606  1.00 23.47 ? 19  PHE A CE1 1 
ATOM   56   C CE2 . PHE A 1 28  ? -4.838  8.787   -2.728  1.00 25.59 ? 19  PHE A CE2 1 
ATOM   57   C CZ  . PHE A 1 28  ? -3.568  9.023   -2.241  1.00 26.39 ? 19  PHE A CZ  1 
ATOM   58   N N   . THR A 1 29  ? -3.801  11.355  -7.581  1.00 15.05 ? 20  THR A N   1 
ATOM   59   C CA  . THR A 1 29  ? -2.770  10.641  -8.330  1.00 15.25 ? 20  THR A CA  1 
ATOM   60   C C   . THR A 1 29  ? -1.727  11.567  -8.949  1.00 13.98 ? 20  THR A C   1 
ATOM   61   O O   . THR A 1 29  ? -0.541  11.247  -8.916  1.00 13.15 ? 20  THR A O   1 
ATOM   62   C CB  . THR A 1 29  ? -3.334  9.704   -9.365  1.00 16.92 ? 20  THR A CB  1 
ATOM   63   O OG1 . THR A 1 29  ? -4.066  10.445  -10.301 1.00 19.59 ? 20  THR A OG1 1 
ATOM   64   C CG2 . THR A 1 29  ? -4.393  8.819   -8.763  1.00 17.09 ? 20  THR A CG2 1 
ATOM   65   N N   . LEU A 1 30  ? -2.142  12.731  -9.460  1.00 12.65 ? 21  LEU A N   1 
ATOM   66   C CA  . LEU A 1 30  ? -1.142  13.680  -9.996  1.00 12.32 ? 21  LEU A CA  1 
ATOM   67   C C   . LEU A 1 30  ? -0.244  14.284  -8.914  1.00 12.24 ? 21  LEU A C   1 
ATOM   68   O O   . LEU A 1 30  ? 0.930   14.573  -9.166  1.00 13.19 ? 21  LEU A O   1 
ATOM   69   C CB  . LEU A 1 30  ? -1.816  14.810  -10.807 1.00 13.44 ? 21  LEU A CB  1 
ATOM   70   C CG  . LEU A 1 30  ? -2.459  14.319  -12.114 1.00 13.62 ? 21  LEU A CG  1 
ATOM   71   C CD1 . LEU A 1 30  ? -3.385  15.419  -12.682 1.00 16.08 ? 21  LEU A CD1 1 
ATOM   72   C CD2 . LEU A 1 30  ? -1.421  13.848  -13.139 1.00 17.00 ? 21  LEU A CD2 1 
ATOM   73   N N   . THR A 1 31  ? -0.804  14.530  -7.737  1.00 11.17 ? 22  THR A N   1 
ATOM   74   C CA  . THR A 1 31  ? -0.016  15.045  -6.610  1.00 12.06 ? 22  THR A CA  1 
ATOM   75   C C   . THR A 1 31  ? 0.996   13.987  -6.182  1.00 11.86 ? 22  THR A C   1 
ATOM   76   O O   . THR A 1 31  ? 2.177   14.310  -5.962  1.00 12.31 ? 22  THR A O   1 
ATOM   77   C CB  . THR A 1 31  ? -0.924  15.418  -5.439  1.00 13.16 ? 22  THR A CB  1 
ATOM   78   O OG1 . THR A 1 31  ? -1.810  16.492  -5.837  1.00 13.21 ? 22  THR A OG1 1 
ATOM   79   C CG2 . THR A 1 31  ? -0.093  16.006  -4.279  1.00 13.96 ? 22  THR A CG2 1 
ATOM   80   N N   . TYR A 1 32  ? 0.545   12.739  -6.052  1.00 11.55 ? 23  TYR A N   1 
ATOM   81   C CA  . TYR A 1 32  ? 1.498   11.650  -5.777  1.00 11.20 ? 23  TYR A CA  1 
ATOM   82   C C   . TYR A 1 32  ? 2.602   11.574  -6.840  1.00 11.80 ? 23  TYR A C   1 
ATOM   83   O O   . TYR A 1 32  ? 3.773   11.366  -6.513  1.00 11.67 ? 23  TYR A O   1 
ATOM   84   C CB  . TYR A 1 32  ? 0.757   10.316  -5.669  1.00 11.84 ? 23  TYR A CB  1 
ATOM   85   C CG  . TYR A 1 32  ? 1.692   9.168   -5.317  1.00 9.86  ? 23  TYR A CG  1 
ATOM   86   C CD1 . TYR A 1 32  ? 2.234   9.066   -4.024  1.00 12.94 ? 23  TYR A CD1 1 
ATOM   87   C CD2 . TYR A 1 32  ? 2.060   8.232   -6.267  1.00 11.12 ? 23  TYR A CD2 1 
ATOM   88   C CE1 . TYR A 1 32  ? 3.138   8.034   -3.703  1.00 12.08 ? 23  TYR A CE1 1 
ATOM   89   C CE2 . TYR A 1 32  ? 2.927   7.182   -5.957  1.00 10.41 ? 23  TYR A CE2 1 
ATOM   90   C CZ  . TYR A 1 32  ? 3.457   7.086   -4.683  1.00 10.73 ? 23  TYR A CZ  1 
ATOM   91   O OH  . TYR A 1 32  ? 4.325   6.036   -4.381  1.00 10.48 ? 23  TYR A OH  1 
ATOM   92   N N   . GLY A 1 33  ? 2.238   11.762  -8.100  1.00 11.59 ? 24  GLY A N   1 
ATOM   93   C CA  . GLY A 1 33  ? 3.190   11.846  -9.206  1.00 12.88 ? 24  GLY A CA  1 
ATOM   94   C C   . GLY A 1 33  ? 4.227   12.940  -9.003  1.00 13.02 ? 24  GLY A C   1 
ATOM   95   O O   . GLY A 1 33  ? 5.416   12.740  -9.294  1.00 13.98 ? 24  GLY A O   1 
ATOM   96   N N   . ALA A 1 34  ? 3.777   14.099  -8.502  1.00 12.95 ? 25  ALA A N   1 
ATOM   97   C CA  . ALA A 1 34  ? 4.713   15.215  -8.240  1.00 12.77 ? 25  ALA A CA  1 
ATOM   98   C C   . ALA A 1 34  ? 5.715   14.809  -7.153  1.00 12.24 ? 25  ALA A C   1 
ATOM   99   O O   . ALA A 1 34  ? 6.899   15.166  -7.202  1.00 12.58 ? 25  ALA A O   1 
ATOM   100  C CB  . ALA A 1 34  ? 3.961   16.491  -7.817  1.00 13.30 ? 25  ALA A CB  1 
ATOM   101  N N   . LEU A 1 35  ? 5.227   14.080  -6.161  1.00 12.42 ? 26  LEU A N   1 
ATOM   102  C CA  . LEU A 1 35  ? 6.094   13.599  -5.085  1.00 12.37 ? 26  LEU A CA  1 
ATOM   103  C C   . LEU A 1 35  ? 7.160   12.640  -5.638  1.00 12.30 ? 26  LEU A C   1 
ATOM   104  O O   . LEU A 1 35  ? 8.344   12.806  -5.356  1.00 11.91 ? 26  LEU A O   1 
ATOM   105  C CB  . LEU A 1 35  ? 5.282   12.903  -3.990  1.00 13.15 ? 26  LEU A CB  1 
ATOM   106  C CG  . LEU A 1 35  ? 6.077   12.166  -2.902  1.00 13.15 ? 26  LEU A CG  1 
ATOM   107  C CD1 . LEU A 1 35  ? 7.016   13.116  -2.092  1.00 13.44 ? 26  LEU A CD1 1 
ATOM   108  C CD2 . LEU A 1 35  ? 5.150   11.413  -1.959  1.00 14.67 ? 26  LEU A CD2 1 
ATOM   109  N N   . VAL A 1 36  ? 6.753   11.656  -6.444  1.00 11.91 ? 27  VAL A N   1 
ATOM   110  C CA  . VAL A 1 36  ? 7.712   10.720  -7.037  1.00 11.14 ? 27  VAL A CA  1 
ATOM   111  C C   . VAL A 1 36  ? 8.740   11.481  -7.893  1.00 12.41 ? 27  VAL A C   1 
ATOM   112  O O   . VAL A 1 36  ? 9.945   11.222  -7.808  1.00 12.17 ? 27  VAL A O   1 
ATOM   113  C CB  . VAL A 1 36  ? 7.022   9.615   -7.859  1.00 10.38 ? 27  VAL A CB  1 
ATOM   114  C CG1 . VAL A 1 36  ? 8.052   8.612   -8.402  1.00 10.95 ? 27  VAL A CG1 1 
ATOM   115  C CG2 . VAL A 1 36  ? 6.032   8.849   -7.002  1.00 10.56 ? 27  VAL A CG2 1 
ATOM   116  N N   . THR A 1 37  ? 8.257   12.430  -8.682  1.00 12.66 ? 28  THR A N   1 
ATOM   117  C CA  . THR A 1 37  ? 9.111   13.271  -9.527  1.00 13.85 ? 28  THR A CA  1 
ATOM   118  C C   . THR A 1 37  ? 10.175  14.013  -8.700  1.00 12.96 ? 28  THR A C   1 
ATOM   119  O O   . THR A 1 37  ? 11.369  14.032  -9.062  1.00 13.93 ? 28  THR A O   1 
ATOM   120  C CB  . THR A 1 37  ? 8.221   14.231  -10.341 1.00 14.45 ? 28  THR A CB  1 
ATOM   121  O OG1 . THR A 1 37  ? 7.521   13.489  -11.348 1.00 16.46 ? 28  THR A OG1 1 
ATOM   122  C CG2 . THR A 1 37  ? 9.054   15.220  -11.146 1.00 15.44 ? 28  THR A CG2 1 
ATOM   123  N N   . GLN A 1 38  ? 9.751   14.584  -7.574  1.00 12.90 ? 29  GLN A N   1 
ATOM   124  C CA  . GLN A 1 38  ? 10.660  15.316  -6.706  1.00 13.15 ? 29  GLN A CA  1 
ATOM   125  C C   . GLN A 1 38  ? 11.699  14.370  -6.125  1.00 13.26 ? 29  GLN A C   1 
ATOM   126  O O   . GLN A 1 38  ? 12.882  14.695  -6.100  1.00 13.69 ? 29  GLN A O   1 
ATOM   127  C CB  . GLN A 1 38  ? 9.895   16.063  -5.616  1.00 14.18 ? 29  GLN A CB  1 
ATOM   128  C CG  . GLN A 1 38  ? 10.798  16.874  -4.680  1.00 14.09 ? 29  GLN A CG  1 
ATOM   129  C CD  . GLN A 1 38  ? 11.507  18.019  -5.391  1.00 18.18 ? 29  GLN A CD  1 
ATOM   130  O OE1 . GLN A 1 38  ? 10.994  18.567  -6.377  1.00 18.54 ? 29  GLN A OE1 1 
ATOM   131  N NE2 . GLN A 1 38  ? 12.679  18.374  -4.909  1.00 20.45 ? 29  GLN A NE2 1 
ATOM   132  N N   . LEU A 1 39  ? 11.270  13.184  -5.687  1.00 12.88 ? 30  LEU A N   1 
ATOM   133  C CA  . LEU A 1 39  ? 12.235  12.221  -5.151  1.00 12.42 ? 30  LEU A CA  1 
ATOM   134  C C   . LEU A 1 39  ? 13.238  11.760  -6.209  1.00 13.86 ? 30  LEU A C   1 
ATOM   135  O O   . LEU A 1 39  ? 14.402  11.504  -5.890  1.00 13.65 ? 30  LEU A O   1 
ATOM   136  C CB  . LEU A 1 39  ? 11.527  11.009  -4.525  1.00 13.16 ? 30  LEU A CB  1 
ATOM   137  C CG  . LEU A 1 39  ? 10.723  11.297  -3.257  1.00 13.45 ? 30  LEU A CG  1 
ATOM   138  C CD1 . LEU A 1 39  ? 9.967   10.047  -2.782  1.00 13.13 ? 30  LEU A CD1 1 
ATOM   139  C CD2 . LEU A 1 39  ? 11.603  11.841  -2.109  1.00 17.38 ? 30  LEU A CD2 1 
ATOM   140  N N   . CYS A 1 40  ? 12.787  11.630  -7.453  1.00 14.26 ? 31  CYS A N   1 
ATOM   141  C CA  . CYS A 1 40  ? 13.679  11.231  -8.549  1.00 15.91 ? 31  CYS A CA  1 
ATOM   142  C C   . CYS A 1 40  ? 14.717  12.328  -8.782  1.00 17.30 ? 31  CYS A C   1 
ATOM   143  O O   . CYS A 1 40  ? 15.888  12.044  -9.057  1.00 18.20 ? 31  CYS A O   1 
ATOM   144  C CB  . CYS A 1 40  ? 12.886  10.930  -9.824  1.00 16.31 ? 31  CYS A CB  1 
ATOM   145  S SG  . CYS A 1 40  ? 12.026  9.362   -9.798  1.00 20.41 ? 31  CYS A SG  1 
ATOM   146  N N   . LYS A 1 41  ? 14.304  13.579  -8.598  1.00 18.12 ? 32  LYS A N   1 
ATOM   147  C CA  . LYS A 1 41  ? 15.225  14.716  -8.712  1.00 19.02 ? 32  LYS A CA  1 
ATOM   148  C C   . LYS A 1 41  ? 16.239  14.708  -7.571  1.00 19.82 ? 32  LYS A C   1 
ATOM   149  O O   . LYS A 1 41  ? 17.440  14.945  -7.797  1.00 21.36 ? 32  LYS A O   1 
ATOM   150  C CB  . LYS A 1 41  ? 14.447  16.041  -8.752  1.00 19.47 ? 32  LYS A CB  1 
ATOM   151  C CG  . LYS A 1 41  ? 15.302  17.290  -8.920  1.00 21.50 ? 32  LYS A CG  1 
ATOM   152  N N   . ASP A 1 42  ? 15.766  14.375  -6.369  1.00 18.89 ? 33  ASP A N   1 
ATOM   153  C CA  . ASP A 1 42  ? 16.560  14.435  -5.141  1.00 19.61 ? 33  ASP A CA  1 
ATOM   154  C C   . ASP A 1 42  ? 17.571  13.295  -5.006  1.00 20.91 ? 33  ASP A C   1 
ATOM   155  O O   . ASP A 1 42  ? 18.589  13.465  -4.333  1.00 21.97 ? 33  ASP A O   1 
ATOM   156  C CB  . ASP A 1 42  ? 15.657  14.398  -3.916  1.00 19.21 ? 33  ASP A CB  1 
ATOM   157  C CG  . ASP A 1 42  ? 14.865  15.659  -3.724  1.00 19.57 ? 33  ASP A CG  1 
ATOM   158  O OD1 . ASP A 1 42  ? 15.241  16.741  -4.257  1.00 19.72 ? 33  ASP A OD1 1 
ATOM   159  O OD2 . ASP A 1 42  ? 13.838  15.648  -3.019  1.00 18.24 ? 33  ASP A OD2 1 
ATOM   160  N N   . TYR A 1 43  ? 17.288  12.153  -5.638  1.00 21.03 ? 34  TYR A N   1 
ATOM   161  C CA  . TYR A 1 43  ? 18.105  10.946  -5.455  1.00 22.40 ? 34  TYR A CA  1 
ATOM   162  C C   . TYR A 1 43  ? 18.738  10.388  -6.730  1.00 23.11 ? 34  TYR A C   1 
ATOM   163  O O   . TYR A 1 43  ? 19.856  9.844   -6.675  1.00 23.96 ? 34  TYR A O   1 
ATOM   164  C CB  . TYR A 1 43  ? 17.300  9.859   -4.699  1.00 21.99 ? 34  TYR A CB  1 
ATOM   165  C CG  . TYR A 1 43  ? 16.969  10.266  -3.280  1.00 23.13 ? 34  TYR A CG  1 
ATOM   166  C CD1 . TYR A 1 43  ? 17.907  10.116  -2.250  1.00 24.22 ? 34  TYR A CD1 1 
ATOM   167  C CD2 . TYR A 1 43  ? 15.728  10.808  -2.959  1.00 25.13 ? 34  TYR A CD2 1 
ATOM   168  C CE1 . TYR A 1 43  ? 17.619  10.507  -0.949  1.00 27.19 ? 34  TYR A CE1 1 
ATOM   169  C CE2 . TYR A 1 43  ? 15.434  11.211  -1.668  1.00 27.00 ? 34  TYR A CE2 1 
ATOM   170  C CZ  . TYR A 1 43  ? 16.381  11.052  -0.665  1.00 29.19 ? 34  TYR A CZ  1 
ATOM   171  O OH  . TYR A 1 43  ? 16.077  11.435  0.620   1.00 33.56 ? 34  TYR A OH  1 
ATOM   172  N N   . GLU A 1 44  ? 18.046  10.502  -7.860  1.00 23.50 ? 35  GLU A N   1 
ATOM   173  C CA  . GLU A 1 44  ? 18.538  9.952   -9.141  1.00 24.69 ? 35  GLU A CA  1 
ATOM   174  C C   . GLU A 1 44  ? 18.981  8.472   -9.046  1.00 23.98 ? 35  GLU A C   1 
ATOM   175  O O   . GLU A 1 44  ? 20.002  8.055   -9.581  1.00 24.58 ? 35  GLU A O   1 
ATOM   176  C CB  . GLU A 1 44  ? 19.645  10.847  -9.730  1.00 25.54 ? 35  GLU A CB  1 
ATOM   177  C CG  . GLU A 1 44  ? 19.161  12.246  -10.107 1.00 28.98 ? 35  GLU A CG  1 
ATOM   178  C CD  . GLU A 1 44  ? 18.404  12.272  -11.434 1.00 33.15 ? 35  GLU A CD  1 
ATOM   179  O OE1 . GLU A 1 44  ? 18.459  11.270  -12.193 1.00 36.91 ? 35  GLU A OE1 1 
ATOM   180  O OE2 . GLU A 1 44  ? 17.738  13.295  -11.731 1.00 35.62 ? 35  GLU A OE2 1 
ATOM   181  N N   . ASN A 1 45  ? 18.194  7.680   -8.334  1.00 22.98 ? 36  ASN A N   1 
ATOM   182  C CA  . ASN A 1 45  ? 18.500  6.267   -8.143  1.00 20.65 ? 36  ASN A CA  1 
ATOM   183  C C   . ASN A 1 45  ? 17.233  5.624   -7.646  1.00 18.63 ? 36  ASN A C   1 
ATOM   184  O O   . ASN A 1 45  ? 16.686  6.034   -6.602  1.00 17.07 ? 36  ASN A O   1 
ATOM   185  C CB  . ASN A 1 45  ? 19.587  6.100   -7.108  1.00 22.14 ? 36  ASN A CB  1 
ATOM   186  C CG  . ASN A 1 45  ? 19.870  4.667   -6.812  1.00 22.65 ? 36  ASN A CG  1 
ATOM   187  O OD1 . ASN A 1 45  ? 19.223  4.058   -5.947  1.00 23.86 ? 36  ASN A OD1 1 
ATOM   188  N ND2 . ASN A 1 45  ? 20.855  4.097   -7.516  1.00 28.35 ? 36  ASN A ND2 1 
ATOM   189  N N   . ASP A 1 46  ? 16.753  4.647   -8.406  1.00 16.65 ? 37  ASP A N   1 
ATOM   190  C CA  . ASP A 1 46  ? 15.411  4.139   -8.188  1.00 15.79 ? 37  ASP A CA  1 
ATOM   191  C C   . ASP A 1 46  ? 15.265  3.491   -6.835  1.00 14.94 ? 37  ASP A C   1 
ATOM   192  O O   . ASP A 1 46  ? 14.231  3.626   -6.218  1.00 13.73 ? 37  ASP A O   1 
ATOM   193  C CB  . ASP A 1 46  ? 15.000  3.134   -9.244  1.00 17.30 ? 37  ASP A CB  1 
ATOM   194  C CG  . ASP A 1 46  ? 14.750  3.763   -10.585 1.00 18.89 ? 37  ASP A CG  1 
ATOM   195  O OD1 . ASP A 1 46  ? 14.572  4.993   -10.661 1.00 23.14 ? 37  ASP A OD1 1 
ATOM   196  O OD2 . ASP A 1 46  ? 14.720  3.059   -11.611 1.00 25.15 ? 37  ASP A OD2 1 
ATOM   197  N N   . GLU A 1 47  ? 16.304  2.791   -6.378  1.00 14.34 ? 38  GLU A N   1 
ATOM   198  C CA  . GLU A 1 47  ? 16.247  2.134   -5.069  1.00 14.28 ? 38  GLU A CA  1 
ATOM   199  C C   . GLU A 1 47  ? 16.102  3.157   -3.936  1.00 13.84 ? 38  GLU A C   1 
ATOM   200  O O   . GLU A 1 47  ? 15.381  2.927   -2.964  1.00 13.65 ? 38  GLU A O   1 
ATOM   201  C CB  . GLU A 1 47  ? 17.483  1.234   -4.859  1.00 14.10 ? 38  GLU A CB  1 
ATOM   202  C CG  . GLU A 1 47  ? 17.443  -0.076  -5.649  1.00 17.67 ? 38  GLU A CG  1 
ATOM   203  C CD  . GLU A 1 47  ? 17.810  0.033   -7.128  1.00 19.00 ? 38  GLU A CD  1 
ATOM   204  O OE1 . GLU A 1 47  ? 18.246  1.106   -7.604  1.00 21.72 ? 38  GLU A OE1 1 
ATOM   205  O OE2 . GLU A 1 47  ? 17.683  -1.003  -7.837  1.00 22.29 ? 38  GLU A OE2 1 
ATOM   206  N N   . ASP A 1 48  ? 16.778  4.297   -4.061  1.00 13.67 ? 39  ASP A N   1 
ATOM   207  C CA  . ASP A 1 48  ? 16.643  5.355   -3.067  1.00 12.26 ? 39  ASP A CA  1 
ATOM   208  C C   . ASP A 1 48  ? 15.220  5.891   -3.046  1.00 12.02 ? 39  ASP A C   1 
ATOM   209  O O   . ASP A 1 48  ? 14.654  6.146   -1.980  1.00 12.03 ? 39  ASP A O   1 
ATOM   210  C CB  . ASP A 1 48  ? 17.598  6.522   -3.336  1.00 13.63 ? 39  ASP A CB  1 
ATOM   211  C CG  . ASP A 1 48  ? 19.021  6.223   -2.932  1.00 18.19 ? 39  ASP A CG  1 
ATOM   212  O OD1 . ASP A 1 48  ? 19.220  5.701   -1.828  1.00 23.86 ? 39  ASP A OD1 1 
ATOM   213  O OD2 . ASP A 1 48  ? 19.985  6.533   -3.649  1.00 22.25 ? 39  ASP A OD2 1 
ATOM   214  N N   . VAL A 1 49  ? 14.660  6.097   -4.235  1.00 11.22 ? 40  VAL A N   1 
ATOM   215  C CA  . VAL A 1 49  ? 13.266  6.570   -4.344  1.00 10.61 ? 40  VAL A CA  1 
ATOM   216  C C   . VAL A 1 49  ? 12.311  5.559   -3.679  1.00 10.19 ? 40  VAL A C   1 
ATOM   217  O O   . VAL A 1 49  ? 11.429  5.955   -2.878  1.00 10.72 ? 40  VAL A O   1 
ATOM   218  C CB  . VAL A 1 49  ? 12.869  6.861   -5.799  1.00 10.09 ? 40  VAL A CB  1 
ATOM   219  C CG1 . VAL A 1 49  ? 11.366  7.306   -5.881  1.00 12.02 ? 40  VAL A CG1 1 
ATOM   220  C CG2 . VAL A 1 49  ? 13.777  7.962   -6.398  1.00 12.29 ? 40  VAL A CG2 1 
ATOM   221  N N   . ASN A 1 50  ? 12.512  4.276   -3.979  1.00 10.58 ? 41  ASN A N   1 
ATOM   222  C CA  . ASN A 1 50  ? 11.682  3.224   -3.378  1.00 10.20 ? 41  ASN A CA  1 
ATOM   223  C C   . ASN A 1 50  ? 11.700  3.326   -1.879  1.00 10.83 ? 41  ASN A C   1 
ATOM   224  O O   . ASN A 1 50  ? 10.657  3.246   -1.233  1.00 11.06 ? 41  ASN A O   1 
ATOM   225  C CB  . ASN A 1 50  ? 12.159  1.838   -3.802  1.00 10.26 ? 41  ASN A CB  1 
ATOM   226  C CG  . ASN A 1 50  ? 11.898  1.558   -5.263  1.00 11.94 ? 41  ASN A CG  1 
ATOM   227  O OD1 . ASN A 1 50  ? 11.149  2.271   -5.921  1.00 11.82 ? 41  ASN A OD1 1 
ATOM   228  N ND2 . ASN A 1 50  ? 12.540  0.507   -5.788  1.00 13.98 ? 41  ASN A ND2 1 
ATOM   229  N N   . LYS A 1 51  ? 12.905  3.474   -1.333  1.00 10.92 ? 42  LYS A N   1 
ATOM   230  C CA  . LYS A 1 51  ? 13.097  3.541   0.113   1.00 11.39 ? 42  LYS A CA  1 
ATOM   231  C C   . LYS A 1 51  ? 12.403  4.737   0.739   1.00 11.59 ? 42  LYS A C   1 
ATOM   232  O O   . LYS A 1 51  ? 11.753  4.609   1.767   1.00 12.67 ? 42  LYS A O   1 
ATOM   233  C CB  . LYS A 1 51  ? 14.612  3.593   0.424   1.00 12.12 ? 42  LYS A CB  1 
ATOM   234  C CG  . LYS A 1 51  ? 15.333  2.276   0.225   1.00 14.03 ? 42  LYS A CG  1 
ATOM   235  C CD  . LYS A 1 51  ? 16.830  2.504   0.446   1.00 15.48 ? 42  LYS A CD  1 
ATOM   236  C CE  . LYS A 1 51  ? 17.585  1.222   0.244   1.00 18.84 ? 42  LYS A CE  1 
ATOM   237  N NZ  . LYS A 1 51  ? 19.017  1.507   0.499   1.00 19.76 ? 42  LYS A NZ  1 
ATOM   238  N N   . GLN A 1 52  ? 12.539  5.907   0.098   1.00 10.68 ? 43  GLN A N   1 
ATOM   239  C CA  . GLN A 1 52  ? 11.957  7.114   0.641   1.00 10.55 ? 43  GLN A CA  1 
ATOM   240  C C   . GLN A 1 52  ? 10.444  7.052   0.580   1.00 10.42 ? 43  GLN A C   1 
ATOM   241  O O   . GLN A 1 52  ? 9.774   7.473   1.522   1.00 11.54 ? 43  GLN A O   1 
ATOM   242  C CB  . GLN A 1 52  ? 12.489  8.343   -0.096  0.50 9.21  ? 43  GLN A CB  1 
ATOM   243  C CG  . GLN A 1 52  ? 13.983  8.565   0.106   0.50 11.57 ? 43  GLN A CG  1 
ATOM   244  C CD  . GLN A 1 52  ? 14.351  8.757   1.572   0.50 14.75 ? 43  GLN A CD  1 
ATOM   245  O OE1 . GLN A 1 52  ? 13.584  9.349   2.353   0.50 14.79 ? 43  GLN A OE1 1 
ATOM   246  N NE2 . GLN A 1 52  ? 15.513  8.235   1.958   0.50 18.05 ? 43  GLN A NE2 1 
ATOM   247  N N   . LEU A 1 53  ? 9.899   6.515   -0.511  1.00 10.28 ? 44  LEU A N   1 
ATOM   248  C CA  . LEU A 1 53  ? 8.433   6.351   -0.610  1.00 9.79  ? 44  LEU A CA  1 
ATOM   249  C C   . LEU A 1 53  ? 7.910   5.453   0.500   1.00 9.91  ? 44  LEU A C   1 
ATOM   250  O O   . LEU A 1 53  ? 6.885   5.750   1.135   1.00 10.32 ? 44  LEU A O   1 
ATOM   251  C CB  . LEU A 1 53  ? 8.051   5.758   -1.960  1.00 10.52 ? 44  LEU A CB  1 
ATOM   252  C CG  . LEU A 1 53  ? 8.180   6.726   -3.138  1.00 8.78  ? 44  LEU A CG  1 
ATOM   253  C CD1 . LEU A 1 53  ? 8.035   5.919   -4.414  1.00 10.76 ? 44  LEU A CD1 1 
ATOM   254  C CD2 . LEU A 1 53  ? 7.114   7.870   -3.104  1.00 10.71 ? 44  LEU A CD2 1 
ATOM   255  N N   . ASP A 1 54  ? 8.636   4.376   0.777   1.00 10.08 ? 45  ASP A N   1 
ATOM   256  C CA  . ASP A 1 54  ? 8.221   3.447   1.818   1.00 10.42 ? 45  ASP A CA  1 
ATOM   257  C C   . ASP A 1 54  ? 8.299   4.118   3.192   1.00 11.05 ? 45  ASP A C   1 
ATOM   258  O O   . ASP A 1 54  ? 7.373   3.976   3.994   1.00 10.88 ? 45  ASP A O   1 
ATOM   259  C CB  . ASP A 1 54  ? 9.104   2.213   1.792   1.00 10.47 ? 45  ASP A CB  1 
ATOM   260  C CG  . ASP A 1 54  ? 8.787   1.281   2.932   1.00 12.28 ? 45  ASP A CG  1 
ATOM   261  O OD1 . ASP A 1 54  ? 7.808   0.517   2.859   1.00 14.85 ? 45  ASP A OD1 1 
ATOM   262  O OD2 . ASP A 1 54  ? 9.486   1.264   3.954   1.00 15.85 ? 45  ASP A OD2 1 
ATOM   263  N N   . LYS A 1 55  ? 9.363   4.893   3.443   1.00 10.48 ? 46  LYS A N   1 
ATOM   264  C CA  . LYS A 1 55  ? 9.480   5.621   4.721   1.00 11.27 ? 46  LYS A CA  1 
ATOM   265  C C   . LYS A 1 55  ? 8.382   6.650   4.883   1.00 11.27 ? 46  LYS A C   1 
ATOM   266  O O   . LYS A 1 55  ? 7.782   6.766   5.956   1.00 12.13 ? 46  LYS A O   1 
ATOM   267  C CB  . LYS A 1 55  ? 10.876  6.265   4.910   1.00 11.29 ? 46  LYS A CB  1 
ATOM   268  C CG  . LYS A 1 55  ? 11.007  6.980   6.264   1.00 14.13 ? 46  LYS A CG  1 
ATOM   269  N N   . MET A 1 56  ? 8.114   7.417   3.836   1.00 11.20 ? 47  MET A N   1 
ATOM   270  C CA  . MET A 1 56  ? 7.025   8.396   3.892   1.00 11.06 ? 47  MET A CA  1 
ATOM   271  C C   . MET A 1 56  ? 5.698   7.681   4.137   1.00 10.89 ? 47  MET A C   1 
ATOM   272  O O   . MET A 1 56  ? 4.872   8.123   4.955   1.00 10.88 ? 47  MET A O   1 
ATOM   273  C CB  . MET A 1 56  ? 6.966   9.247   2.632   1.00 12.49 ? 47  MET A CB  1 
ATOM   274  C CG  . MET A 1 56  ? 8.144   10.171  2.478   1.00 13.52 ? 47  MET A CG  1 
ATOM   275  S SD  . MET A 1 56  ? 7.980   10.953  0.867   1.00 18.73 ? 47  MET A SD  1 
ATOM   276  C CE  . MET A 1 56  ? 9.365   11.938  0.811   1.00 20.46 ? 47  MET A CE  1 
ATOM   277  N N   . GLY A 1 57  ? 5.502   6.557   3.445   1.00 10.26 ? 48  GLY A N   1 
ATOM   278  C CA  . GLY A 1 57  ? 4.280   5.790   3.634   1.00 10.50 ? 48  GLY A CA  1 
ATOM   279  C C   . GLY A 1 57  ? 4.137   5.333   5.079   1.00 10.49 ? 48  GLY A C   1 
ATOM   280  O O   . GLY A 1 57  ? 3.034   5.361   5.622   1.00 10.36 ? 48  GLY A O   1 
ATOM   281  N N   . PHE A 1 58  ? 5.241   4.917   5.707   1.00 10.89 ? 49  PHE A N   1 
ATOM   282  C CA  . PHE A 1 58  ? 5.185   4.481   7.082   1.00 11.56 ? 49  PHE A CA  1 
ATOM   283  C C   . PHE A 1 58  ? 4.692   5.593   8.007   1.00 11.85 ? 49  PHE A C   1 
ATOM   284  O O   . PHE A 1 58  ? 3.803   5.368   8.824   1.00 12.29 ? 49  PHE A O   1 
ATOM   285  C CB  . PHE A 1 58  ? 6.557   3.976   7.534   1.00 12.35 ? 49  PHE A CB  1 
ATOM   286  C CG  . PHE A 1 58  ? 6.567   3.432   8.943   1.00 12.73 ? 49  PHE A CG  1 
ATOM   287  C CD1 . PHE A 1 58  ? 6.271   2.085   9.183   1.00 15.00 ? 49  PHE A CD1 1 
ATOM   288  C CD2 . PHE A 1 58  ? 6.841   4.269   10.020  1.00 15.40 ? 49  PHE A CD2 1 
ATOM   289  C CE1 . PHE A 1 58  ? 6.285   1.569   10.480  1.00 16.10 ? 49  PHE A CE1 1 
ATOM   290  C CE2 . PHE A 1 58  ? 6.854   3.761   11.314  1.00 14.91 ? 49  PHE A CE2 1 
ATOM   291  C CZ  . PHE A 1 58  ? 6.562   2.418   11.544  1.00 15.87 ? 49  PHE A CZ  1 
ATOM   292  N N   . ASN A 1 59  ? 5.256   6.785   7.837   1.00 11.73 ? 50  ASN A N   1 
ATOM   293  C CA  . ASN A 1 59  ? 4.852   7.961   8.619   1.00 12.83 ? 50  ASN A CA  1 
ATOM   294  C C   . ASN A 1 59  ? 3.394   8.305   8.389   1.00 13.43 ? 50  ASN A C   1 
ATOM   295  O O   . ASN A 1 59  ? 2.676   8.683   9.335   1.00 14.76 ? 50  ASN A O   1 
ATOM   296  C CB  . ASN A 1 59  ? 5.772   9.143   8.314   1.00 13.69 ? 50  ASN A CB  1 
ATOM   297  C CG  . ASN A 1 59  ? 7.174   8.897   8.804   1.00 17.56 ? 50  ASN A CG  1 
ATOM   298  O OD1 . ASN A 1 59  ? 7.382   8.080   9.707   1.00 20.34 ? 50  ASN A OD1 1 
ATOM   299  N ND2 . ASN A 1 59  ? 8.146   9.596   8.223   1.00 20.82 ? 50  ASN A ND2 1 
ATOM   300  N N   . ILE A 1 60  ? 2.941   8.163   7.144   1.00 12.12 ? 51  ILE A N   1 
ATOM   301  C CA  . ILE A 1 60  ? 1.536   8.431   6.832   1.00 11.67 ? 51  ILE A CA  1 
ATOM   302  C C   . ILE A 1 60  ? 0.643   7.400   7.537   1.00 12.12 ? 51  ILE A C   1 
ATOM   303  O O   . ILE A 1 60  ? -0.365  7.765   8.157   1.00 13.23 ? 51  ILE A O   1 
ATOM   304  C CB  . ILE A 1 60  ? 1.319   8.393   5.309   1.00 11.14 ? 51  ILE A CB  1 
ATOM   305  C CG1 . ILE A 1 60  ? 1.910   9.655   4.653   1.00 11.47 ? 51  ILE A CG1 1 
ATOM   306  C CG2 . ILE A 1 60  ? -0.195  8.243   4.960   1.00 11.55 ? 51  ILE A CG2 1 
ATOM   307  C CD1 . ILE A 1 60  ? 2.029   9.558   3.121   1.00 13.60 ? 51  ILE A CD1 1 
ATOM   308  N N   . GLY A 1 61  ? 1.007   6.121   7.451   1.00 12.87 ? 52  GLY A N   1 
ATOM   309  C CA  . GLY A 1 61  ? 0.215   5.045   8.052   1.00 11.95 ? 52  GLY A CA  1 
ATOM   310  C C   . GLY A 1 61  ? 0.034   5.187   9.554   1.00 13.88 ? 52  GLY A C   1 
ATOM   311  O O   . GLY A 1 61  ? -1.055  4.904   10.057  1.00 12.75 ? 52  GLY A O   1 
ATOM   312  N N   . VAL A 1 62  ? 1.095   5.613   10.251  1.00 14.89 ? 53  VAL A N   1 
ATOM   313  C CA  . VAL A 1 62  ? 1.061   5.832   11.697  1.00 16.29 ? 53  VAL A CA  1 
ATOM   314  C C   . VAL A 1 62  ? 0.048   6.921   12.064  1.00 16.83 ? 53  VAL A C   1 
ATOM   315  O O   . VAL A 1 62  ? -0.514  6.898   13.163  1.00 18.33 ? 53  VAL A O   1 
ATOM   316  C CB  . VAL A 1 62  ? 2.491   6.158   12.247  1.00 15.95 ? 53  VAL A CB  1 
ATOM   317  C CG1 . VAL A 1 62  ? 2.443   6.849   13.621  1.00 20.12 ? 53  VAL A CG1 1 
ATOM   318  C CG2 . VAL A 1 62  ? 3.347   4.899   12.290  1.00 15.60 ? 53  VAL A CG2 1 
ATOM   319  N N   . ARG A 1 63  ? -0.190  7.862   11.158  1.00 17.34 ? 54  ARG A N   1 
ATOM   320  C CA  . ARG A 1 63  ? -1.202  8.895   11.389  1.00 18.54 ? 54  ARG A CA  1 
ATOM   321  C C   . ARG A 1 63  ? -2.577  8.460   10.901  1.00 17.87 ? 54  ARG A C   1 
ATOM   322  O O   . ARG A 1 63  ? -3.589  8.657   11.599  1.00 18.97 ? 54  ARG A O   1 
ATOM   323  C CB  . ARG A 1 63  ? -0.762  10.201  10.731  1.00 19.19 ? 54  ARG A CB  1 
ATOM   324  C CG  . ARG A 1 63  ? 0.601   10.644  11.206  1.00 23.20 ? 54  ARG A CG  1 
ATOM   325  C CD  . ARG A 1 63  ? 1.103   11.897  10.554  1.00 28.32 ? 54  ARG A CD  1 
ATOM   326  N NE  . ARG A 1 63  ? 0.237   13.032  10.876  1.00 33.03 ? 54  ARG A NE  1 
ATOM   327  C CZ  . ARG A 1 63  ? 0.435   14.274  10.460  1.00 35.28 ? 54  ARG A CZ  1 
ATOM   328  N NH1 . ARG A 1 63  ? 1.479   14.572  9.696   1.00 36.65 ? 54  ARG A NH1 1 
ATOM   329  N NH2 . ARG A 1 63  ? -0.414  15.227  10.816  1.00 37.43 ? 54  ARG A NH2 1 
ATOM   330  N N   . LEU A 1 64  ? -2.616  7.847   9.719   1.00 16.91 ? 55  LEU A N   1 
ATOM   331  C CA  . LEU A 1 64  ? -3.865  7.444   9.076   1.00 16.36 ? 55  LEU A CA  1 
ATOM   332  C C   . LEU A 1 64  ? -4.702  6.463   9.923   1.00 17.03 ? 55  LEU A C   1 
ATOM   333  O O   . LEU A 1 64  ? -5.931  6.539   9.925   1.00 16.89 ? 55  LEU A O   1 
ATOM   334  C CB  . LEU A 1 64  ? -3.553  6.833   7.699   1.00 16.08 ? 55  LEU A CB  1 
ATOM   335  C CG  . LEU A 1 64  ? -4.738  6.420   6.828   1.00 16.05 ? 55  LEU A CG  1 
ATOM   336  C CD1 . LEU A 1 64  ? -5.542  7.641   6.410   1.00 20.34 ? 55  LEU A CD1 1 
ATOM   337  C CD2 . LEU A 1 64  ? -4.223  5.686   5.591   1.00 18.44 ? 55  LEU A CD2 1 
ATOM   338  N N   . ILE A 1 65  ? -4.034  5.553   10.630  1.00 17.54 ? 56  ILE A N   1 
ATOM   339  C CA  . ILE A 1 65  ? -4.697  4.559   11.501  1.00 17.79 ? 56  ILE A CA  1 
ATOM   340  C C   . ILE A 1 65  ? -5.586  5.242   12.547  1.00 18.36 ? 56  ILE A C   1 
ATOM   341  O O   . ILE A 1 65  ? -6.627  4.709   12.904  1.00 18.03 ? 56  ILE A O   1 
ATOM   342  C CB  . ILE A 1 65  ? -3.637  3.618   12.165  1.00 17.60 ? 56  ILE A CB  1 
ATOM   343  C CG1 . ILE A 1 65  ? -4.296  2.513   12.992  1.00 18.88 ? 56  ILE A CG1 1 
ATOM   344  C CG2 . ILE A 1 65  ? -2.699  4.405   13.037  1.00 18.78 ? 56  ILE A CG2 1 
ATOM   345  C CD1 . ILE A 1 65  ? -5.138  1.600   12.192  1.00 14.29 ? 56  ILE A CD1 1 
ATOM   346  N N   . GLU A 1 66  ? -5.191  6.433   12.992  1.00 19.91 ? 57  GLU A N   1 
ATOM   347  C CA  . GLU A 1 66  ? -5.994  7.178   13.976  1.00 21.98 ? 57  GLU A CA  1 
ATOM   348  C C   . GLU A 1 66  ? -7.307  7.655   13.389  1.00 21.46 ? 57  GLU A C   1 
ATOM   349  O O   . GLU A 1 66  ? -8.369  7.523   14.033  1.00 21.87 ? 57  GLU A O   1 
ATOM   350  C CB  . GLU A 1 66  ? -5.181  8.329   14.594  1.00 23.14 ? 57  GLU A CB  1 
ATOM   351  C CG  . GLU A 1 66  ? -4.063  7.854   15.521  1.00 28.36 ? 57  GLU A CG  1 
ATOM   352  C CD  . GLU A 1 66  ? -4.442  6.674   16.417  1.00 33.62 ? 57  GLU A CD  1 
ATOM   353  O OE1 . GLU A 1 66  ? -5.544  6.678   17.022  1.00 37.03 ? 57  GLU A OE1 1 
ATOM   354  O OE2 . GLU A 1 66  ? -3.629  5.726   16.526  1.00 37.33 ? 57  GLU A OE2 1 
ATOM   355  N N   . ASP A 1 67  ? -7.247  8.190   12.167  1.00 21.15 ? 58  ASP A N   1 
ATOM   356  C CA  . ASP A 1 67  ? -8.436  8.578   11.402  1.00 20.50 ? 58  ASP A CA  1 
ATOM   357  C C   . ASP A 1 67  ? -9.331  7.377   11.235  1.00 20.10 ? 58  ASP A C   1 
ATOM   358  O O   . ASP A 1 67  ? -10.538 7.437   11.483  1.00 20.38 ? 58  ASP A O   1 
ATOM   359  C CB  . ASP A 1 67  ? -8.073  9.089   9.999   1.00 21.08 ? 58  ASP A CB  1 
ATOM   360  C CG  . ASP A 1 67  ? -9.306  9.474   9.181   1.00 21.94 ? 58  ASP A CG  1 
ATOM   361  O OD1 . ASP A 1 67  ? -9.958  10.475  9.544   1.00 24.10 ? 58  ASP A OD1 1 
ATOM   362  O OD2 . ASP A 1 67  ? -9.707  8.852   8.164   1.00 20.87 ? 58  ASP A OD2 1 
ATOM   363  N N   . PHE A 1 68  ? -8.731  6.279   10.799  1.00 18.69 ? 59  PHE A N   1 
ATOM   364  C CA  . PHE A 1 68  ? -9.501  5.078   10.510  1.00 18.42 ? 59  PHE A CA  1 
ATOM   365  C C   . PHE A 1 68  ? -10.238 4.512   11.708  1.00 18.37 ? 59  PHE A C   1 
ATOM   366  O O   . PHE A 1 68  ? -11.426 4.157   11.600  1.00 19.10 ? 59  PHE A O   1 
ATOM   367  C CB  . PHE A 1 68  ? -8.620  3.972   9.919   1.00 18.09 ? 59  PHE A CB  1 
ATOM   368  C CG  . PHE A 1 68  ? -9.411  2.771   9.517   1.00 18.84 ? 59  PHE A CG  1 
ATOM   369  C CD1 . PHE A 1 68  ? -10.125 2.772   8.325   1.00 19.11 ? 59  PHE A CD1 1 
ATOM   370  C CD2 . PHE A 1 68  ? -9.489  1.660   10.361  1.00 18.86 ? 59  PHE A CD2 1 
ATOM   371  C CE1 . PHE A 1 68  ? -10.889 1.673   7.948   1.00 19.78 ? 59  PHE A CE1 1 
ATOM   372  C CE2 . PHE A 1 68  ? -10.253 0.558   9.999   1.00 21.14 ? 59  PHE A CE2 1 
ATOM   373  C CZ  . PHE A 1 68  ? -10.957 0.559   8.791   1.00 19.85 ? 59  PHE A CZ  1 
ATOM   374  N N   . LEU A 1 69  ? -9.538  4.389   12.827  1.00 18.52 ? 60  LEU A N   1 
ATOM   375  C CA  . LEU A 1 69  ? -10.120 3.760   14.016  1.00 19.85 ? 60  LEU A CA  1 
ATOM   376  C C   . LEU A 1 69  ? -11.258 4.620   14.579  1.00 21.47 ? 60  LEU A C   1 
ATOM   377  O O   . LEU A 1 69  ? -12.256 4.079   15.090  1.00 22.07 ? 60  LEU A O   1 
ATOM   378  C CB  . LEU A 1 69  ? -9.037  3.494   15.057  1.00 19.47 ? 60  LEU A CB  1 
ATOM   379  C CG  . LEU A 1 69  ? -8.075  2.320   14.770  1.00 20.64 ? 60  LEU A CG  1 
ATOM   380  C CD1 . LEU A 1 69  ? -6.937  2.313   15.766  1.00 21.96 ? 60  LEU A CD1 1 
ATOM   381  C CD2 . LEU A 1 69  ? -8.782  0.971   14.746  1.00 22.17 ? 60  LEU A CD2 1 
ATOM   382  N N   . ALA A 1 70  ? -11.129 5.937   14.443  1.00 21.59 ? 61  ALA A N   1 
ATOM   383  C CA  . ALA A 1 70  ? -12.171 6.880   14.869  1.00 22.93 ? 61  ALA A CA  1 
ATOM   384  C C   . ALA A 1 70  ? -13.450 6.781   14.055  1.00 23.54 ? 61  ALA A C   1 
ATOM   385  O O   . ALA A 1 70  ? -14.555 7.048   14.571  1.00 24.86 ? 61  ALA A O   1 
ATOM   386  C CB  . ALA A 1 70  ? -11.622 8.324   14.827  1.00 22.76 ? 61  ALA A CB  1 
ATOM   387  N N   . ARG A 1 71  ? -13.298 6.416   12.786  1.00 23.83 ? 62  ARG A N   1 
ATOM   388  C CA  . ARG A 1 71  ? -14.389 6.380   11.824  1.00 24.63 ? 62  ARG A CA  1 
ATOM   389  C C   . ARG A 1 71  ? -15.004 4.982   11.674  1.00 24.98 ? 62  ARG A C   1 
ATOM   390  O O   . ARG A 1 71  ? -16.054 4.842   11.041  1.00 26.15 ? 62  ARG A O   1 
ATOM   391  C CB  . ARG A 1 71  ? -13.911 6.891   10.455  1.00 24.76 ? 62  ARG A CB  1 
ATOM   392  C CG  . ARG A 1 71  ? -13.704 8.411   10.387  1.00 26.49 ? 62  ARG A CG  1 
ATOM   393  N N   . SER A 1 72  ? -14.378 3.968   12.278  1.00 24.29 ? 63  SER A N   1 
ATOM   394  C CA  . SER A 1 72  ? -14.775 2.578   12.029  1.00 23.62 ? 63  SER A CA  1 
ATOM   395  C C   . SER A 1 72  ? -15.326 1.878   13.269  1.00 23.15 ? 63  SER A C   1 
ATOM   396  O O   . SER A 1 72  ? -15.362 2.441   14.357  1.00 23.32 ? 63  SER A O   1 
ATOM   397  C CB  . SER A 1 72  ? -13.622 1.768   11.418  1.00 23.51 ? 63  SER A CB  1 
ATOM   398  O OG  . SER A 1 72  ? -12.591 1.556   12.357  1.00 25.53 ? 63  SER A OG  1 
ATOM   399  N N   . ASN A 1 73  ? -15.752 0.635   13.080  1.00 22.70 ? 64  ASN A N   1 
ATOM   400  C CA  . ASN A 1 73  ? -16.390 -0.129  14.139  1.00 23.27 ? 64  ASN A CA  1 
ATOM   401  C C   . ASN A 1 73  ? -15.536 -1.284  14.655  1.00 23.61 ? 64  ASN A C   1 
ATOM   402  O O   . ASN A 1 73  ? -16.052 -2.208  15.282  1.00 23.77 ? 64  ASN A O   1 
ATOM   403  C CB  . ASN A 1 73  ? -17.752 -0.655  13.651  1.00 22.91 ? 64  ASN A CB  1 
ATOM   404  C CG  . ASN A 1 73  ? -18.745 0.458   13.385  1.00 23.45 ? 64  ASN A CG  1 
ATOM   405  O OD1 . ASN A 1 73  ? -19.358 0.537   12.306  1.00 23.32 ? 64  ASN A OD1 1 
ATOM   406  N ND2 . ASN A 1 73  ? -18.915 1.335   14.368  1.00 24.32 ? 64  ASN A ND2 1 
ATOM   407  N N   . VAL A 1 74  ? -14.231 -1.235  14.401  1.00 23.65 ? 65  VAL A N   1 
ATOM   408  C CA  . VAL A 1 74  ? -13.360 -2.367  14.713  1.00 24.54 ? 65  VAL A CA  1 
ATOM   409  C C   . VAL A 1 74  ? -12.867 -2.415  16.165  1.00 26.15 ? 65  VAL A C   1 
ATOM   410  O O   . VAL A 1 74  ? -12.719 -3.499  16.746  1.00 26.90 ? 65  VAL A O   1 
ATOM   411  C CB  . VAL A 1 74  ? -12.179 -2.429  13.742  1.00 24.66 ? 65  VAL A CB  1 
ATOM   412  C CG1 . VAL A 1 74  ? -11.436 -3.698  13.910  0.50 23.88 ? 65  VAL A CG1 1 
ATOM   413  C CG2 . VAL A 1 74  ? -12.692 -2.339  12.295  0.50 22.49 ? 65  VAL A CG2 1 
ATOM   414  N N   . GLY A 1 75  ? -12.592 -1.249  16.738  1.00 27.34 ? 66  GLY A N   1 
ATOM   415  C CA  . GLY A 1 75  ? -12.062 -1.172  18.094  1.00 29.22 ? 66  GLY A CA  1 
ATOM   416  C C   . GLY A 1 75  ? -10.707 -1.842  18.251  1.00 29.92 ? 66  GLY A C   1 
ATOM   417  O O   . GLY A 1 75  ? -9.821  -1.656  17.411  1.00 30.55 ? 66  GLY A O   1 
ATOM   418  N N   . ARG A 1 76  ? -10.557 -2.625  19.327  1.00 30.36 ? 67  ARG A N   1 
ATOM   419  C CA  . ARG A 1 76  ? -9.304  -3.312  19.654  1.00 30.40 ? 67  ARG A CA  1 
ATOM   420  C C   . ARG A 1 76  ? -9.295  -4.798  19.261  1.00 29.63 ? 67  ARG A C   1 
ATOM   421  O O   . ARG A 1 76  ? -10.037 -5.618  19.819  1.00 30.17 ? 67  ARG A O   1 
ATOM   422  C CB  . ARG A 1 76  ? -8.985  -3.163  21.147  1.00 31.03 ? 67  ARG A CB  1 
ATOM   423  C CG  . ARG A 1 76  ? -7.584  -3.624  21.528  1.00 31.37 ? 67  ARG A CG  1 
ATOM   424  N N   . CYS A 1 77  ? -8.444  -5.143  18.302  1.00 28.50 ? 68  CYS A N   1 
ATOM   425  C CA  . CYS A 1 77  ? -8.375  -6.503  17.789  1.00 27.26 ? 68  CYS A CA  1 
ATOM   426  C C   . CYS A 1 77  ? -7.030  -6.763  17.105  1.00 27.20 ? 68  CYS A C   1 
ATOM   427  O O   . CYS A 1 77  ? -6.383  -5.836  16.602  1.00 27.54 ? 68  CYS A O   1 
ATOM   428  C CB  . CYS A 1 77  ? -9.545  -6.768  16.833  1.00 27.34 ? 68  CYS A CB  1 
ATOM   429  S SG  . CYS A 1 77  ? -9.636  -5.587  15.471  1.00 22.85 ? 68  CYS A SG  1 
ATOM   430  N N   . HIS A 1 78  ? -6.607  -8.021  17.105  1.00 26.96 ? 69  HIS A N   1 
ATOM   431  C CA  . HIS A 1 78  ? -5.289  -8.385  16.570  1.00 26.72 ? 69  HIS A CA  1 
ATOM   432  C C   . HIS A 1 78  ? -5.381  -9.659  15.757  1.00 25.61 ? 69  HIS A C   1 
ATOM   433  O O   . HIS A 1 78  ? -4.471  -10.486 15.751  1.00 25.95 ? 69  HIS A O   1 
ATOM   434  C CB  . HIS A 1 78  ? -4.272  -8.517  17.717  1.00 27.70 ? 69  HIS A CB  1 
ATOM   435  C CG  . HIS A 1 78  ? -4.151  -7.278  18.547  1.00 29.93 ? 69  HIS A CG  1 
ATOM   436  N ND1 . HIS A 1 78  ? -4.762  -7.139  19.776  1.00 32.93 ? 69  HIS A ND1 1 
ATOM   437  C CD2 . HIS A 1 78  ? -3.520  -6.104  18.305  1.00 31.84 ? 69  HIS A CD2 1 
ATOM   438  C CE1 . HIS A 1 78  ? -4.496  -5.939  20.264  1.00 32.78 ? 69  HIS A CE1 1 
ATOM   439  N NE2 . HIS A 1 78  ? -3.746  -5.291  19.390  1.00 34.70 ? 69  HIS A NE2 1 
ATOM   440  N N   . ASP A 1 79  ? -6.495  -9.808  15.043  1.00 23.21 ? 70  ASP A N   1 
ATOM   441  C CA  . ASP A 1 79  ? -6.732  -11.000 14.254  1.00 22.04 ? 70  ASP A CA  1 
ATOM   442  C C   . ASP A 1 79  ? -6.326  -10.756 12.800  1.00 20.82 ? 70  ASP A C   1 
ATOM   443  O O   . ASP A 1 79  ? -6.851  -9.855  12.171  1.00 19.57 ? 70  ASP A O   1 
ATOM   444  C CB  . ASP A 1 79  ? -8.204  -11.389 14.317  1.00 22.48 ? 70  ASP A CB  1 
ATOM   445  C CG  . ASP A 1 79  ? -8.477  -12.667 13.589  1.00 23.47 ? 70  ASP A CG  1 
ATOM   446  O OD1 . ASP A 1 79  ? -8.182  -13.757 14.147  1.00 27.80 ? 70  ASP A OD1 1 
ATOM   447  O OD2 . ASP A 1 79  ? -8.947  -12.703 12.445  1.00 22.12 ? 70  ASP A OD2 1 
ATOM   448  N N   . PHE A 1 80  ? -5.408  -11.569 12.273  1.00 20.37 ? 71  PHE A N   1 
ATOM   449  C CA  . PHE A 1 80  ? -4.867  -11.326 10.929  1.00 19.37 ? 71  PHE A CA  1 
ATOM   450  C C   . PHE A 1 80  ? -5.891  -11.422 9.804   1.00 18.70 ? 71  PHE A C   1 
ATOM   451  O O   . PHE A 1 80  ? -5.889  -10.588 8.882   1.00 18.40 ? 71  PHE A O   1 
ATOM   452  C CB  . PHE A 1 80  ? -3.658  -12.231 10.640  1.00 20.05 ? 71  PHE A CB  1 
ATOM   453  C CG  . PHE A 1 80  ? -2.761  -11.724 9.530   1.00 19.56 ? 71  PHE A CG  1 
ATOM   454  C CD1 . PHE A 1 80  ? -2.295  -10.411 9.511   1.00 19.47 ? 71  PHE A CD1 1 
ATOM   455  C CD2 . PHE A 1 80  ? -2.354  -12.588 8.514   1.00 19.58 ? 71  PHE A CD2 1 
ATOM   456  C CE1 . PHE A 1 80  ? -1.442  -9.960  8.478   1.00 20.86 ? 71  PHE A CE1 1 
ATOM   457  C CE2 . PHE A 1 80  ? -1.530  -12.143 7.485   1.00 20.99 ? 71  PHE A CE2 1 
ATOM   458  C CZ  . PHE A 1 80  ? -1.067  -10.837 7.472   1.00 20.18 ? 71  PHE A CZ  1 
ATOM   459  N N   . ARG A 1 81  ? -6.781  -12.408 9.870   1.00 18.01 ? 72  ARG A N   1 
ATOM   460  C CA  . ARG A 1 81  ? -7.799  -12.536 8.832   1.00 17.70 ? 72  ARG A CA  1 
ATOM   461  C C   . ARG A 1 81  ? -8.826  -11.388 8.880   1.00 16.52 ? 72  ARG A C   1 
ATOM   462  O O   . ARG A 1 81  ? -9.230  -10.869 7.835   1.00 15.48 ? 72  ARG A O   1 
ATOM   463  C CB  . ARG A 1 81  ? -8.478  -13.914 8.837   1.00 18.93 ? 72  ARG A CB  1 
ATOM   464  C CG  . ARG A 1 81  ? -9.558  -14.052 7.756   1.00 22.81 ? 72  ARG A CG  1 
ATOM   465  C CD  . ARG A 1 81  ? -10.022 -15.466 7.433   1.00 29.93 ? 72  ARG A CD  1 
ATOM   466  N NE  . ARG A 1 81  ? -10.633 -15.525 6.104   1.00 32.30 ? 72  ARG A NE  1 
ATOM   467  C CZ  . ARG A 1 81  ? -11.618 -16.358 5.744   1.00 33.94 ? 72  ARG A CZ  1 
ATOM   468  N NH1 . ARG A 1 81  ? -12.140 -17.216 6.616   1.00 35.53 ? 72  ARG A NH1 1 
ATOM   469  N NH2 . ARG A 1 81  ? -12.088 -16.323 4.500   1.00 34.69 ? 72  ARG A NH2 1 
ATOM   470  N N   . GLU A 1 82  ? -9.264  -11.025 10.083  1.00 15.11 ? 73  GLU A N   1 
ATOM   471  C CA  . GLU A 1 82  ? -10.142 -9.869  10.251  1.00 14.33 ? 73  GLU A CA  1 
ATOM   472  C C   . GLU A 1 82  ? -9.442  -8.626  9.708   1.00 14.34 ? 73  GLU A C   1 
ATOM   473  O O   . GLU A 1 82  ? -10.049 -7.816  9.028   1.00 14.59 ? 73  GLU A O   1 
ATOM   474  C CB  . GLU A 1 82  ? -10.534 -9.641  11.715  1.00 14.41 ? 73  GLU A CB  1 
ATOM   475  C CG  . GLU A 1 82  ? -11.358 -8.372  11.893  1.00 12.75 ? 73  GLU A CG  1 
ATOM   476  C CD  . GLU A 1 82  ? -11.718 -8.058  13.333  1.00 16.17 ? 73  GLU A CD  1 
ATOM   477  O OE1 . GLU A 1 82  ? -11.364 -8.851  14.232  1.00 15.83 ? 73  GLU A OE1 1 
ATOM   478  O OE2 . GLU A 1 82  ? -12.364 -7.005  13.559  1.00 15.41 ? 73  GLU A OE2 1 
ATOM   479  N N   . THR A 1 83  ? -8.145  -8.506  10.001  1.00 14.32 ? 74  THR A N   1 
ATOM   480  C CA  . THR A 1 83  ? -7.350  -7.396  9.489   1.00 14.38 ? 74  THR A CA  1 
ATOM   481  C C   . THR A 1 83  ? -7.301  -7.334  7.941   1.00 14.04 ? 74  THR A C   1 
ATOM   482  O O   . THR A 1 83  ? -7.498  -6.250  7.360   1.00 13.84 ? 74  THR A O   1 
ATOM   483  C CB  . THR A 1 83  ? -5.940  -7.458  10.129  1.00 14.69 ? 74  THR A CB  1 
ATOM   484  O OG1 . THR A 1 83  ? -6.085  -7.202  11.525  1.00 16.85 ? 74  THR A OG1 1 
ATOM   485  C CG2 . THR A 1 83  ? -5.103  -6.262  9.683   1.00 14.44 ? 74  THR A CG2 1 
ATOM   486  N N   . ALA A 1 84  ? -7.054  -8.467  7.289   1.00 14.19 ? 75  ALA A N   1 
ATOM   487  C CA  . ALA A 1 84  ? -7.085  -8.536  5.823   1.00 13.70 ? 75  ALA A CA  1 
ATOM   488  C C   . ALA A 1 84  ? -8.436  -8.026  5.318   1.00 13.72 ? 75  ALA A C   1 
ATOM   489  O O   . ALA A 1 84  ? -8.499  -7.179  4.449   1.00 13.73 ? 75  ALA A O   1 
ATOM   490  C CB  . ALA A 1 84  ? -6.869  -9.973  5.349   1.00 15.03 ? 75  ALA A CB  1 
ATOM   491  N N   . ASP A 1 85  ? -9.528  -8.549  5.891   1.00 12.79 ? 76  ASP A N   1 
ATOM   492  C CA  . ASP A 1 85  ? -10.854 -8.138  5.456   1.00 13.42 ? 76  ASP A CA  1 
ATOM   493  C C   . ASP A 1 85  ? -11.118 -6.643  5.615   1.00 13.33 ? 76  ASP A C   1 
ATOM   494  O O   . ASP A 1 85  ? -11.698 -6.007  4.727   1.00 13.44 ? 76  ASP A O   1 
ATOM   495  C CB  . ASP A 1 85  ? -11.918 -8.886  6.263   1.00 13.31 ? 76  ASP A CB  1 
ATOM   496  C CG  . ASP A 1 85  ? -12.008 -10.340 5.904   1.00 17.93 ? 76  ASP A CG  1 
ATOM   497  O OD1 . ASP A 1 85  ? -11.772 -10.690 4.734   1.00 20.28 ? 76  ASP A OD1 1 
ATOM   498  O OD2 . ASP A 1 85  ? -12.347 -11.219 6.740   1.00 18.79 ? 76  ASP A OD2 1 
ATOM   499  N N   . VAL A 1 86  ? -10.743 -6.084  6.760   1.00 12.58 ? 77  VAL A N   1 
ATOM   500  C CA  . VAL A 1 86  ? -10.964 -4.675  7.010   1.00 13.07 ? 77  VAL A CA  1 
ATOM   501  C C   . VAL A 1 86  ? -10.099 -3.830  6.070   1.00 12.66 ? 77  VAL A C   1 
ATOM   502  O O   . VAL A 1 86  ? -10.572 -2.840  5.539   1.00 12.63 ? 77  VAL A O   1 
ATOM   503  C CB  . VAL A 1 86  ? -10.712 -4.316  8.486   1.00 12.65 ? 77  VAL A CB  1 
ATOM   504  C CG1 . VAL A 1 86  ? -10.818 -2.831  8.704   1.00 13.35 ? 77  VAL A CG1 1 
ATOM   505  C CG2 . VAL A 1 86  ? -11.756 -5.073  9.361   1.00 14.66 ? 77  VAL A CG2 1 
ATOM   506  N N   . ILE A 1 87  ? -8.851  -4.244  5.864   1.00 12.78 ? 78  ILE A N   1 
ATOM   507  C CA  . ILE A 1 87  ? -7.985  -3.490  4.946   1.00 13.48 ? 78  ILE A CA  1 
ATOM   508  C C   . ILE A 1 87  ? -8.603  -3.460  3.551   1.00 13.48 ? 78  ILE A C   1 
ATOM   509  O O   . ILE A 1 87  ? -8.753  -2.388  2.943   1.00 13.76 ? 78  ILE A O   1 
ATOM   510  C CB  . ILE A 1 87  ? -6.580  -4.089  4.896   1.00 13.41 ? 78  ILE A CB  1 
ATOM   511  C CG1 . ILE A 1 87  ? -5.829  -3.735  6.169   1.00 13.63 ? 78  ILE A CG1 1 
ATOM   512  C CG2 . ILE A 1 87  ? -5.782  -3.504  3.716   1.00 13.19 ? 78  ILE A CG2 1 
ATOM   513  C CD1 . ILE A 1 87  ? -4.570  -4.547  6.372   1.00 15.39 ? 78  ILE A CD1 1 
ATOM   514  N N   . ALA A 1 88  ? -8.990  -4.629  3.053   1.00 13.83 ? 79  ALA A N   1 
ATOM   515  C CA  . ALA A 1 88  ? -9.434  -4.723  1.674   1.00 14.54 ? 79  ALA A CA  1 
ATOM   516  C C   . ALA A 1 88  ? -10.807 -4.085  1.439   1.00 15.07 ? 79  ALA A C   1 
ATOM   517  O O   . ALA A 1 88  ? -11.012 -3.330  0.478   1.00 15.21 ? 79  ALA A O   1 
ATOM   518  C CB  . ALA A 1 88  ? -9.463  -6.178  1.237   1.00 14.19 ? 79  ALA A CB  1 
ATOM   519  N N   . LYS A 1 89  ? -11.742 -4.395  2.338   1.00 14.57 ? 80  LYS A N   1 
ATOM   520  C CA  . LYS A 1 89  ? -13.150 -4.081  2.124   1.00 14.74 ? 80  LYS A CA  1 
ATOM   521  C C   . LYS A 1 89  ? -13.581 -2.729  2.689   1.00 14.89 ? 80  LYS A C   1 
ATOM   522  O O   . LYS A 1 89  ? -14.634 -2.208  2.311   1.00 15.70 ? 80  LYS A O   1 
ATOM   523  C CB  . LYS A 1 89  ? -14.023 -5.237  2.668   1.00 14.42 ? 80  LYS A CB  1 
ATOM   524  C CG  . LYS A 1 89  ? -13.667 -6.586  2.054   1.00 15.27 ? 80  LYS A CG  1 
ATOM   525  C CD  . LYS A 1 89  ? -14.475 -7.754  2.648   1.00 18.54 ? 80  LYS A CD  1 
ATOM   526  C CE  . LYS A 1 89  ? -13.902 -9.076  2.173   1.00 21.07 ? 80  LYS A CE  1 
ATOM   527  N NZ  . LYS A 1 89  ? -14.763 -10.235 2.546   1.00 22.83 ? 80  LYS A NZ  1 
ATOM   528  N N   . VAL A 1 90  ? -12.790 -2.170  3.602   1.00 13.60 ? 81  VAL A N   1 
ATOM   529  C CA  . VAL A 1 90  ? -13.112 -0.881  4.240   1.00 13.81 ? 81  VAL A CA  1 
ATOM   530  C C   . VAL A 1 90  ? -12.034 0.173   3.972   1.00 13.97 ? 81  VAL A C   1 
ATOM   531  O O   . VAL A 1 90  ? -12.351 1.224   3.458   1.00 14.66 ? 81  VAL A O   1 
ATOM   532  C CB  . VAL A 1 90  ? -13.344 -0.981  5.753   1.00 13.98 ? 81  VAL A CB  1 
ATOM   533  C CG1 . VAL A 1 90  ? -13.892 0.329   6.308   1.00 14.06 ? 81  VAL A CG1 1 
ATOM   534  C CG2 . VAL A 1 90  ? -14.326 -2.127  6.062   1.00 14.57 ? 81  VAL A CG2 1 
ATOM   535  N N   . ALA A 1 91  ? -10.778 -0.109  4.307   1.00 13.19 ? 82  ALA A N   1 
ATOM   536  C CA  . ALA A 1 91  ? -9.753  0.948   4.216   1.00 12.78 ? 82  ALA A CA  1 
ATOM   537  C C   . ALA A 1 91  ? -9.406  1.318   2.775   1.00 12.92 ? 82  ALA A C   1 
ATOM   538  O O   . ALA A 1 91  ? -9.333  2.498   2.438   1.00 12.32 ? 82  ALA A O   1 
ATOM   539  C CB  . ALA A 1 91  ? -8.521  0.578   5.020   1.00 12.81 ? 82  ALA A CB  1 
ATOM   540  N N   . PHE A 1 92  ? -9.194  0.330   1.916   1.00 12.87 ? 83  PHE A N   1 
ATOM   541  C CA  . PHE A 1 92  ? -8.918  0.642   0.516   1.00 14.13 ? 83  PHE A CA  1 
ATOM   542  C C   . PHE A 1 92  ? -10.066 1.395   -0.135  1.00 14.70 ? 83  PHE A C   1 
ATOM   543  O O   . PHE A 1 92  ? -9.846  2.351   -0.898  1.00 15.00 ? 83  PHE A O   1 
ATOM   544  C CB  . PHE A 1 92  ? -8.571  -0.621  -0.275  1.00 13.73 ? 83  PHE A CB  1 
ATOM   545  C CG  . PHE A 1 92  ? -7.101  -0.891  -0.364  1.00 13.09 ? 83  PHE A CG  1 
ATOM   546  C CD1 . PHE A 1 92  ? -6.415  -1.527  0.677   1.00 13.69 ? 83  PHE A CD1 1 
ATOM   547  C CD2 . PHE A 1 92  ? -6.392  -0.503  -1.497  1.00 14.38 ? 83  PHE A CD2 1 
ATOM   548  C CE1 . PHE A 1 92  ? -5.046  -1.780  0.595   1.00 13.98 ? 83  PHE A CE1 1 
ATOM   549  C CE2 . PHE A 1 92  ? -5.015  -0.766  -1.606  1.00 15.11 ? 83  PHE A CE2 1 
ATOM   550  C CZ  . PHE A 1 92  ? -4.334  -1.393  -0.567  1.00 14.31 ? 83  PHE A CZ  1 
ATOM   551  N N   . LYS A 1 93  ? -11.298 0.982   0.167   1.00 15.91 ? 84  LYS A N   1 
ATOM   552  C CA  . LYS A 1 93  ? -12.464 1.647   -0.386  1.00 17.28 ? 84  LYS A CA  1 
ATOM   553  C C   . LYS A 1 93  ? -12.568 3.087   0.095   1.00 16.61 ? 84  LYS A C   1 
ATOM   554  O O   . LYS A 1 93  ? -12.798 4.005   -0.695  1.00 16.97 ? 84  LYS A O   1 
ATOM   555  C CB  . LYS A 1 93  ? -13.731 0.856   -0.010  1.00 18.20 ? 84  LYS A CB  1 
ATOM   556  C CG  . LYS A 1 93  ? -15.022 1.445   -0.572  1.00 21.85 ? 84  LYS A CG  1 
ATOM   557  C CD  . LYS A 1 93  ? -15.096 1.303   -2.082  1.00 27.21 ? 84  LYS A CD  1 
ATOM   558  C CE  . LYS A 1 93  ? -16.480 1.677   -2.613  1.00 31.35 ? 84  LYS A CE  1 
ATOM   559  N NZ  . LYS A 1 93  ? -16.444 2.881   -3.493  1.00 33.29 ? 84  LYS A NZ  1 
ATOM   560  N N   . MET A 1 94  ? -12.369 3.284   1.388   1.00 15.87 ? 85  MET A N   1 
ATOM   561  C CA  . MET A 1 94  ? -12.490 4.583   2.005   1.00 16.23 ? 85  MET A CA  1 
ATOM   562  C C   . MET A 1 94  ? -11.438 5.557   1.508   1.00 16.32 ? 85  MET A C   1 
ATOM   563  O O   . MET A 1 94  ? -11.749 6.698   1.260   1.00 17.13 ? 85  MET A O   1 
ATOM   564  C CB  . MET A 1 94  ? -12.356 4.425   3.511   1.00 16.46 ? 85  MET A CB  1 
ATOM   565  C CG  . MET A 1 94  ? -12.425 5.701   4.305   1.00 18.47 ? 85  MET A CG  1 
ATOM   566  S SD  . MET A 1 94  ? -12.125 5.258   6.032   1.00 24.95 ? 85  MET A SD  1 
ATOM   567  C CE  . MET A 1 94  ? -13.517 4.167   6.353   1.00 25.04 ? 85  MET A CE  1 
ATOM   568  N N   . TYR A 1 95  ? -10.199 5.095   1.366   1.00 15.98 ? 86  TYR A N   1 
ATOM   569  C CA  . TYR A 1 95  ? -9.084  6.006   1.078   1.00 16.03 ? 86  TYR A CA  1 
ATOM   570  C C   . TYR A 1 95  ? -8.608  6.055   -0.366  1.00 17.04 ? 86  TYR A C   1 
ATOM   571  O O   . TYR A 1 95  ? -7.899  7.008   -0.736  1.00 17.60 ? 86  TYR A O   1 
ATOM   572  C CB  . TYR A 1 95  ? -7.903  5.642   1.972   1.00 14.29 ? 86  TYR A CB  1 
ATOM   573  C CG  . TYR A 1 95  ? -8.183  5.819   3.458   1.00 14.11 ? 86  TYR A CG  1 
ATOM   574  C CD1 . TYR A 1 95  ? -8.633  7.034   3.957   1.00 14.07 ? 86  TYR A CD1 1 
ATOM   575  C CD2 . TYR A 1 95  ? -7.986  4.770   4.348   1.00 14.85 ? 86  TYR A CD2 1 
ATOM   576  C CE1 . TYR A 1 95  ? -8.892  7.211   5.311   1.00 15.41 ? 86  TYR A CE1 1 
ATOM   577  C CE2 . TYR A 1 95  ? -8.231  4.933   5.702   1.00 16.07 ? 86  TYR A CE2 1 
ATOM   578  C CZ  . TYR A 1 95  ? -8.683  6.163   6.176   1.00 16.67 ? 86  TYR A CZ  1 
ATOM   579  O OH  . TYR A 1 95  ? -8.925  6.320   7.511   1.00 18.07 ? 86  TYR A OH  1 
ATOM   580  N N   . LEU A 1 96  ? -8.956  5.029   -1.157  1.00 17.15 ? 87  LEU A N   1 
ATOM   581  C CA  . LEU A 1 96  ? -8.523  4.919   -2.556  1.00 18.34 ? 87  LEU A CA  1 
ATOM   582  C C   . LEU A 1 96  ? -9.648  4.664   -3.560  1.00 19.39 ? 87  LEU A C   1 
ATOM   583  O O   . LEU A 1 96  ? -9.415  4.704   -4.790  1.00 19.81 ? 87  LEU A O   1 
ATOM   584  C CB  . LEU A 1 96  ? -7.423  3.864   -2.706  1.00 18.92 ? 87  LEU A CB  1 
ATOM   585  C CG  . LEU A 1 96  ? -6.069  4.312   -2.164  1.00 19.06 ? 87  LEU A CG  1 
ATOM   586  C CD1 . LEU A 1 96  ? -5.104  3.162   -2.172  1.00 19.84 ? 87  LEU A CD1 1 
ATOM   587  C CD2 . LEU A 1 96  ? -5.474  5.501   -2.950  1.00 20.62 ? 87  LEU A CD2 1 
ATOM   588  N N   . GLY A 1 97  ? -10.845 4.397   -3.045  1.00 18.83 ? 88  GLY A N   1 
ATOM   589  C CA  . GLY A 1 97  ? -12.021 4.200   -3.881  1.00 20.31 ? 88  GLY A CA  1 
ATOM   590  C C   . GLY A 1 97  ? -12.109 2.863   -4.595  1.00 21.04 ? 88  GLY A C   1 
ATOM   591  O O   . GLY A 1 97  ? -12.930 2.701   -5.512  1.00 21.63 ? 88  GLY A O   1 
ATOM   592  N N   . ILE A 1 98  ? -11.288 1.904   -4.169  1.00 20.17 ? 89  ILE A N   1 
ATOM   593  C CA  . ILE A 1 98  ? -11.249 0.575   -4.772  1.00 19.89 ? 89  ILE A CA  1 
ATOM   594  C C   . ILE A 1 98  ? -11.323 -0.496  -3.709  1.00 19.07 ? 89  ILE A C   1 
ATOM   595  O O   . ILE A 1 98  ? -10.958 -0.259  -2.552  1.00 17.35 ? 89  ILE A O   1 
ATOM   596  C CB  . ILE A 1 98  ? -9.947  0.389   -5.602  1.00 20.61 ? 89  ILE A CB  1 
ATOM   597  C CG1 . ILE A 1 98  ? -8.727  0.679   -4.719  1.00 21.13 ? 89  ILE A CG1 1 
ATOM   598  C CG2 . ILE A 1 98  ? -9.972  1.309   -6.828  1.00 21.44 ? 89  ILE A CG2 1 
ATOM   599  C CD1 . ILE A 1 98  ? -7.422  0.274   -5.306  1.00 25.29 ? 89  ILE A CD1 1 
ATOM   600  N N   . THR A 1 99  ? -11.803 -1.676  -4.100  1.00 18.41 ? 90  THR A N   1 
ATOM   601  C CA  . THR A 1 99  ? -11.808 -2.829  -3.206  1.00 17.80 ? 90  THR A CA  1 
ATOM   602  C C   . THR A 1 99  ? -10.995 -3.963  -3.820  1.00 17.16 ? 90  THR A C   1 
ATOM   603  O O   . THR A 1 99  ? -11.493 -4.647  -4.723  1.00 18.05 ? 90  THR A O   1 
ATOM   604  C CB  . THR A 1 99  ? -13.264 -3.301  -2.974  1.00 18.51 ? 90  THR A CB  1 
ATOM   605  O OG1 . THR A 1 99  ? -14.000 -2.262  -2.311  1.00 19.48 ? 90  THR A OG1 1 
ATOM   606  C CG2 . THR A 1 99  ? -13.288 -4.486  -2.003  1.00 18.34 ? 90  THR A CG2 1 
ATOM   607  N N   . PRO A 1 100 ? -9.756  -4.179  -3.353  1.00 15.99 ? 91  PRO A N   1 
ATOM   608  C CA  . PRO A 1 100 ? -8.933  -5.284  -3.845  1.00 15.87 ? 91  PRO A CA  1 
ATOM   609  C C   . PRO A 1 100 ? -9.510  -6.618  -3.376  1.00 15.93 ? 91  PRO A C   1 
ATOM   610  O O   . PRO A 1 100 ? -10.236 -6.646  -2.386  1.00 15.85 ? 91  PRO A O   1 
ATOM   611  C CB  . PRO A 1 100 ? -7.557  -5.039  -3.207  1.00 15.91 ? 91  PRO A CB  1 
ATOM   612  C CG  . PRO A 1 100 ? -7.799  -4.121  -2.047  1.00 16.85 ? 91  PRO A CG  1 
ATOM   613  C CD  . PRO A 1 100 ? -9.073  -3.377  -2.314  1.00 15.66 ? 91  PRO A CD  1 
ATOM   614  N N   . SER A 1 101 ? -9.215  -7.704  -4.069  1.00 16.20 ? 92  SER A N   1 
ATOM   615  C CA  . SER A 1 101 ? -9.554  -9.020  -3.542  1.00 17.51 ? 92  SER A CA  1 
ATOM   616  C C   . SER A 1 101 ? -8.452  -9.544  -2.610  1.00 17.86 ? 92  SER A C   1 
ATOM   617  O O   . SER A 1 101 ? -7.285  -9.133  -2.697  1.00 17.60 ? 92  SER A O   1 
ATOM   618  C CB  . SER A 1 101 ? -9.831  -10.026 -4.674  1.00 18.77 ? 92  SER A CB  1 
ATOM   619  O OG  . SER A 1 101 ? -8.792  -10.000 -5.619  1.00 22.11 ? 92  SER A OG  1 
ATOM   620  N N   . ILE A 1 102 ? -8.840  -10.408 -1.671  1.00 18.49 ? 93  ILE A N   1 
ATOM   621  C CA  . ILE A 1 102 ? -7.913  -11.091 -0.776  1.00 19.32 ? 93  ILE A CA  1 
ATOM   622  C C   . ILE A 1 102 ? -7.776  -12.514 -1.271  1.00 20.06 ? 93  ILE A C   1 
ATOM   623  O O   . ILE A 1 102 ? -8.777  -13.260 -1.348  1.00 21.14 ? 93  ILE A O   1 
ATOM   624  C CB  . ILE A 1 102 ? -8.462  -11.100 0.687   1.00 19.36 ? 93  ILE A CB  1 
ATOM   625  C CG1 . ILE A 1 102 ? -8.661  -9.684  1.215   1.00 19.58 ? 93  ILE A CG1 1 
ATOM   626  C CG2 . ILE A 1 102 ? -7.592  -11.926 1.624   1.00 20.35 ? 93  ILE A CG2 1 
ATOM   627  C CD1 . ILE A 1 102 ? -9.699  -9.623  2.331   1.00 23.26 ? 93  ILE A CD1 1 
ATOM   628  N N   . THR A 1 103 ? -6.557  -12.902 -1.613  1.00 20.58 ? 94  THR A N   1 
ATOM   629  C CA  . THR A 1 103 ? -6.314  -14.208 -2.230  1.00 21.60 ? 94  THR A CA  1 
ATOM   630  C C   . THR A 1 103 ? -5.077  -14.849 -1.676  1.00 21.72 ? 94  THR A C   1 
ATOM   631  O O   . THR A 1 103 ? -4.303  -14.246 -0.912  1.00 19.91 ? 94  THR A O   1 
ATOM   632  C CB  . THR A 1 103 ? -6.060  -14.085 -3.761  1.00 22.87 ? 94  THR A CB  1 
ATOM   633  O OG1 . THR A 1 103 ? -4.757  -13.517 -3.977  1.00 24.64 ? 94  THR A OG1 1 
ATOM   634  C CG2 . THR A 1 103 ? -6.988  -13.127 -4.422  1.00 23.20 ? 94  THR A CG2 1 
ATOM   635  N N   . ASN A 1 104 ? -4.870  -16.082 -2.124  1.00 21.99 ? 95  ASN A N   1 
ATOM   636  C CA  . ASN A 1 104 ? -3.573  -16.700 -2.085  1.00 23.44 ? 95  ASN A CA  1 
ATOM   637  C C   . ASN A 1 104 ? -3.078  -16.791 -0.619  1.00 22.72 ? 95  ASN A C   1 
ATOM   638  O O   . ASN A 1 104 ? -1.942  -16.471 -0.318  1.00 22.62 ? 95  ASN A O   1 
ATOM   639  C CB  . ASN A 1 104 ? -2.602  -15.967 -3.076  1.00 24.11 ? 95  ASN A CB  1 
ATOM   640  C CG  . ASN A 1 104 ? -3.188  -15.827 -4.538  1.00 26.70 ? 95  ASN A CG  1 
ATOM   641  O OD1 . ASN A 1 104 ? -3.982  -16.658 -4.996  1.00 31.42 ? 95  ASN A OD1 1 
ATOM   642  N ND2 . ASN A 1 104 ? -2.794  -14.756 -5.253  1.00 28.41 ? 95  ASN A ND2 1 
ATOM   643  N N   . TRP A 1 105 ? -3.958  -17.229 0.292   1.00 23.35 ? 96  TRP A N   1 
ATOM   644  C CA  . TRP A 1 105 ? -3.591  -17.425 1.698   1.00 24.00 ? 96  TRP A CA  1 
ATOM   645  C C   . TRP A 1 105 ? -2.574  -18.547 1.857   1.00 25.64 ? 96  TRP A C   1 
ATOM   646  O O   . TRP A 1 105 ? -2.700  -19.602 1.222   1.00 26.16 ? 96  TRP A O   1 
ATOM   647  C CB  . TRP A 1 105 ? -4.813  -17.770 2.565   1.00 23.97 ? 96  TRP A CB  1 
ATOM   648  C CG  . TRP A 1 105 ? -5.654  -16.597 2.962   1.00 21.91 ? 96  TRP A CG  1 
ATOM   649  C CD1 . TRP A 1 105 ? -6.795  -16.190 2.361   1.00 21.51 ? 96  TRP A CD1 1 
ATOM   650  C CD2 . TRP A 1 105 ? -5.422  -15.676 4.045   1.00 19.75 ? 96  TRP A CD2 1 
ATOM   651  N NE1 . TRP A 1 105 ? -7.299  -15.080 2.987   1.00 20.09 ? 96  TRP A NE1 1 
ATOM   652  C CE2 . TRP A 1 105 ? -6.477  -14.741 4.030   1.00 18.37 ? 96  TRP A CE2 1 
ATOM   653  C CE3 . TRP A 1 105 ? -4.433  -15.555 5.033   1.00 18.44 ? 96  TRP A CE3 1 
ATOM   654  C CZ2 . TRP A 1 105 ? -6.572  -13.683 4.948   1.00 16.51 ? 96  TRP A CZ2 1 
ATOM   655  C CZ3 . TRP A 1 105 ? -4.519  -14.503 5.949   1.00 18.18 ? 96  TRP A CZ3 1 
ATOM   656  C CH2 . TRP A 1 105 ? -5.595  -13.594 5.913   1.00 18.24 ? 96  TRP A CH2 1 
ATOM   657  N N   . SER A 1 106 ? -1.581  -18.326 2.711   1.00 26.54 ? 97  SER A N   1 
ATOM   658  C CA  . SER A 1 106 ? -0.635  -19.378 3.093   1.00 28.19 ? 97  SER A CA  1 
ATOM   659  C C   . SER A 1 106 ? -1.373  -20.400 3.965   1.00 29.44 ? 97  SER A C   1 
ATOM   660  O O   . SER A 1 106 ? -2.387  -20.057 4.577   1.00 30.22 ? 97  SER A O   1 
ATOM   661  C CB  . SER A 1 106 ? 0.535   -18.782 3.874   1.00 28.03 ? 97  SER A CB  1 
ATOM   662  O OG  . SER A 1 106 ? 0.099   -18.218 5.095   1.00 25.99 ? 97  SER A OG  1 
ATOM   663  N N   . PRO A 1 107 ? -0.882  -21.642 4.028   1.00 31.18 ? 98  PRO A N   1 
ATOM   664  C CA  . PRO A 1 107 ? -1.473  -22.656 4.918   1.00 31.67 ? 98  PRO A CA  1 
ATOM   665  C C   . PRO A 1 107 ? -1.608  -22.217 6.380   1.00 31.70 ? 98  PRO A C   1 
ATOM   666  O O   . PRO A 1 107 ? -2.662  -22.451 6.996   1.00 32.04 ? 98  PRO A O   1 
ATOM   667  C CB  . PRO A 1 107 ? -0.500  -23.832 4.793   1.00 32.11 ? 98  PRO A CB  1 
ATOM   668  C CG  . PRO A 1 107 ? 0.060   -23.689 3.420   1.00 32.21 ? 98  PRO A CG  1 
ATOM   669  C CD  . PRO A 1 107 ? 0.233   -22.193 3.233   1.00 31.38 ? 98  PRO A CD  1 
ATOM   670  N N   . ALA A 1 108 ? -0.567  -21.577 6.913   1.00 31.20 ? 99  ALA A N   1 
ATOM   671  C CA  . ALA A 1 108 ? -0.542  -21.088 8.291   1.00 30.83 ? 99  ALA A CA  1 
ATOM   672  C C   . ALA A 1 108 ? -1.503  -19.917 8.536   1.00 30.04 ? 99  ALA A C   1 
ATOM   673  O O   . ALA A 1 108 ? -1.746  -19.537 9.681   1.00 30.92 ? 99  ALA A O   1 
ATOM   674  C CB  . ALA A 1 108 ? 0.880   -20.697 8.676   1.00 30.89 ? 99  ALA A CB  1 
ATOM   675  N N   . GLY A 1 109 ? -2.053  -19.363 7.457   1.00 28.98 ? 100 GLY A N   1 
ATOM   676  C CA  . GLY A 1 109 ? -2.911  -18.190 7.534   1.00 27.06 ? 100 GLY A CA  1 
ATOM   677  C C   . GLY A 1 109 ? -2.155  -16.934 7.939   1.00 25.60 ? 100 GLY A C   1 
ATOM   678  O O   . GLY A 1 109 ? -2.766  -15.991 8.456   1.00 25.60 ? 100 GLY A O   1 
ATOM   679  N N   . ASP A 1 110 ? -0.840  -16.927 7.722   1.00 23.82 ? 101 ASP A N   1 
ATOM   680  C CA  . ASP A 1 110 ? 0.015   -15.800 8.121   1.00 22.94 ? 101 ASP A CA  1 
ATOM   681  C C   . ASP A 1 110 ? 0.463   -14.899 6.967   1.00 21.36 ? 101 ASP A C   1 
ATOM   682  O O   . ASP A 1 110 ? 1.223   -13.949 7.166   1.00 20.18 ? 101 ASP A O   1 
ATOM   683  C CB  . ASP A 1 110 ? 1.237   -16.285 8.911   1.00 23.55 ? 101 ASP A CB  1 
ATOM   684  C CG  . ASP A 1 110 ? 2.170   -17.177 8.097   1.00 25.98 ? 101 ASP A CG  1 
ATOM   685  O OD1 . ASP A 1 110 ? 1.774   -17.737 7.051   1.00 27.62 ? 101 ASP A OD1 1 
ATOM   686  O OD2 . ASP A 1 110 ? 3.343   -17.382 8.451   1.00 30.96 ? 101 ASP A OD2 1 
ATOM   687  N N   . GLU A 1 111 ? -0.011  -15.216 5.773   1.00 20.10 ? 102 GLU A N   1 
ATOM   688  C CA  . GLU A 1 111 ? 0.359   -14.479 4.560   1.00 19.49 ? 102 GLU A CA  1 
ATOM   689  C C   . GLU A 1 111 ? -0.849  -14.453 3.643   1.00 18.00 ? 102 GLU A C   1 
ATOM   690  O O   . GLU A 1 111 ? -1.574  -15.430 3.547   1.00 18.73 ? 102 GLU A O   1 
ATOM   691  C CB  . GLU A 1 111 ? 1.528   -15.154 3.827   1.00 20.08 ? 102 GLU A CB  1 
ATOM   692  C CG  . GLU A 1 111 ? 2.886   -15.052 4.491   1.00 25.68 ? 102 GLU A CG  1 
ATOM   693  C CD  . GLU A 1 111 ? 4.058   -15.139 3.509   1.00 30.50 ? 102 GLU A CD  1 
ATOM   694  O OE1 . GLU A 1 111 ? 3.892   -14.850 2.302   1.00 32.98 ? 102 GLU A OE1 1 
ATOM   695  O OE2 . GLU A 1 111 ? 5.168   -15.503 3.942   1.00 33.73 ? 102 GLU A OE2 1 
ATOM   696  N N   . PHE A 1 112 ? -1.074  -13.324 2.979   1.00 15.98 ? 103 PHE A N   1 
ATOM   697  C CA  . PHE A 1 112 ? -2.163  -13.197 2.002   1.00 15.03 ? 103 PHE A CA  1 
ATOM   698  C C   . PHE A 1 112 ? -1.766  -12.137 0.983   1.00 14.80 ? 103 PHE A C   1 
ATOM   699  O O   . PHE A 1 112 ? -0.835  -11.358 1.215   1.00 14.46 ? 103 PHE A O   1 
ATOM   700  C CB  . PHE A 1 112 ? -3.538  -12.841 2.643   1.00 15.09 ? 103 PHE A CB  1 
ATOM   701  C CG  . PHE A 1 112 ? -3.607  -11.463 3.260   1.00 15.04 ? 103 PHE A CG  1 
ATOM   702  C CD1 . PHE A 1 112 ? -4.071  -10.366 2.515   1.00 14.80 ? 103 PHE A CD1 1 
ATOM   703  C CD2 . PHE A 1 112 ? -3.227  -11.258 4.570   1.00 14.76 ? 103 PHE A CD2 1 
ATOM   704  C CE1 . PHE A 1 112 ? -4.129  -9.092  3.084   1.00 15.09 ? 103 PHE A CE1 1 
ATOM   705  C CE2 . PHE A 1 112 ? -3.281  -9.987  5.147   1.00 14.98 ? 103 PHE A CE2 1 
ATOM   706  C CZ  . PHE A 1 112 ? -3.727  -8.904  4.402   1.00 16.20 ? 103 PHE A CZ  1 
ATOM   707  N N   . SER A 1 113 ? -2.481  -12.116 -0.138  1.00 14.32 ? 104 SER A N   1 
ATOM   708  C CA  . SER A 1 113 ? -2.293  -11.089 -1.147  1.00 14.58 ? 104 SER A CA  1 
ATOM   709  C C   . SER A 1 113 ? -3.514  -10.204 -1.330  1.00 13.67 ? 104 SER A C   1 
ATOM   710  O O   . SER A 1 113 ? -4.671  -10.649 -1.213  1.00 14.03 ? 104 SER A O   1 
ATOM   711  C CB  . SER A 1 113 ? -1.958  -11.739 -2.489  1.00 14.48 ? 104 SER A CB  1 
ATOM   712  O OG  . SER A 1 113 ? -0.664  -12.308 -2.435  1.00 17.98 ? 104 SER A OG  1 
ATOM   713  N N   . LEU A 1 114 ? -3.235  -8.936  -1.612  1.00 12.97 ? 105 LEU A N   1 
ATOM   714  C CA  . LEU A 1 114 ? -4.247  -7.994  -2.057  1.00 13.18 ? 105 LEU A CA  1 
ATOM   715  C C   . LEU A 1 114 ? -4.067  -7.878  -3.568  1.00 13.50 ? 105 LEU A C   1 
ATOM   716  O O   . LEU A 1 114 ? -2.965  -7.568  -4.058  1.00 13.74 ? 105 LEU A O   1 
ATOM   717  C CB  . LEU A 1 114 ? -4.046  -6.633  -1.380  1.00 13.97 ? 105 LEU A CB  1 
ATOM   718  C CG  . LEU A 1 114 ? -4.212  -6.636  0.147   1.00 12.51 ? 105 LEU A CG  1 
ATOM   719  C CD1 . LEU A 1 114 ? -3.519  -5.402  0.740   1.00 15.14 ? 105 LEU A CD1 1 
ATOM   720  C CD2 . LEU A 1 114 ? -5.718  -6.634  0.464   1.00 16.60 ? 105 LEU A CD2 1 
ATOM   721  N N   . ILE A 1 115 ? -5.139  -8.167  -4.302  1.00 14.50 ? 106 ILE A N   1 
ATOM   722  C CA  . ILE A 1 115 ? -5.101  -8.101  -5.765  1.00 15.12 ? 106 ILE A CA  1 
ATOM   723  C C   . ILE A 1 115 ? -5.920  -6.904  -6.261  1.00 14.80 ? 106 ILE A C   1 
ATOM   724  O O   . ILE A 1 115 ? -7.112  -6.771  -5.968  1.00 15.12 ? 106 ILE A O   1 
ATOM   725  C CB  . ILE A 1 115 ? -5.611  -9.398  -6.395  1.00 15.20 ? 106 ILE A CB  1 
ATOM   726  C CG1 . ILE A 1 115 ? -4.775  -10.608 -5.933  1.00 18.08 ? 106 ILE A CG1 1 
ATOM   727  C CG2 . ILE A 1 115 ? -5.641  -9.231  -7.920  1.00 16.31 ? 106 ILE A CG2 1 
ATOM   728  C CD1 . ILE A 1 115 ? -3.444  -10.801 -6.604  1.00 20.27 ? 106 ILE A CD1 1 
ATOM   729  N N   . LEU A 1 116 ? -5.240  -6.024  -6.984  1.00 15.44 ? 107 LEU A N   1 
ATOM   730  C CA  . LEU A 1 116 ? -5.828  -4.810  -7.496  1.00 16.16 ? 107 LEU A CA  1 
ATOM   731  C C   . LEU A 1 116 ? -5.863  -4.911  -9.013  1.00 18.11 ? 107 LEU A C   1 
ATOM   732  O O   . LEU A 1 116 ? -4.866  -5.249  -9.637  1.00 19.05 ? 107 LEU A O   1 
ATOM   733  C CB  . LEU A 1 116 ? -4.973  -3.604  -7.091  1.00 16.84 ? 107 LEU A CB  1 
ATOM   734  C CG  . LEU A 1 116 ? -4.990  -3.130  -5.633  1.00 16.55 ? 107 LEU A CG  1 
ATOM   735  C CD1 . LEU A 1 116 ? -3.756  -2.302  -5.330  0.50 15.90 ? 107 LEU A CD1 1 
ATOM   736  C CD2 . LEU A 1 116 ? -6.195  -2.298  -5.400  0.50 15.62 ? 107 LEU A CD2 1 
ATOM   737  N N   . GLU A 1 117 ? -7.001  -4.608  -9.601  1.00 19.81 ? 108 GLU A N   1 
ATOM   738  C CA  . GLU A 1 117 ? -7.123  -4.666  -11.057 1.00 22.35 ? 108 GLU A CA  1 
ATOM   739  C C   . GLU A 1 117 ? -6.311  -3.605  -11.814 1.00 23.60 ? 108 GLU A C   1 
ATOM   740  O O   . GLU A 1 117 ? -5.925  -3.805  -12.963 1.00 24.03 ? 108 GLU A O   1 
ATOM   741  C CB  . GLU A 1 117 ? -8.600  -4.605  -11.432 1.00 23.27 ? 108 GLU A CB  1 
ATOM   742  C CG  . GLU A 1 117 ? -9.358  -5.850  -11.027 1.00 27.43 ? 108 GLU A CG  1 
ATOM   743  C CD  . GLU A 1 117 ? -9.282  -6.910  -12.097 1.00 30.55 ? 108 GLU A CD  1 
ATOM   744  O OE1 . GLU A 1 117 ? -8.618  -6.653  -13.119 1.00 36.28 ? 108 GLU A OE1 1 
ATOM   745  O OE2 . GLU A 1 117 ? -9.876  -7.990  -11.935 1.00 35.36 ? 108 GLU A OE2 1 
ATOM   746  N N   . ASN A 1 118 ? -6.047  -2.467  -11.184 1.00 24.93 ? 109 ASN A N   1 
ATOM   747  C CA  . ASN A 1 118 ? -5.138  -1.496  -11.797 1.00 25.93 ? 109 ASN A CA  1 
ATOM   748  C C   . ASN A 1 118 ? -3.937  -1.266  -10.890 1.00 26.75 ? 109 ASN A C   1 
ATOM   749  O O   . ASN A 1 118 ? -3.504  -2.182  -10.198 1.00 26.64 ? 109 ASN A O   1 
ATOM   750  N N   . ASN A 1 119 ? -3.376  -0.063  -10.964 1.00 27.26 ? 110 ASN A N   1 
ATOM   751  C CA  . ASN A 1 119 ? -2.531  0.480   -9.904  1.00 27.64 ? 110 ASN A CA  1 
ATOM   752  C C   . ASN A 1 119 ? -3.205  1.828   -9.565  1.00 29.33 ? 110 ASN A C   1 
ATOM   753  O O   . ASN A 1 119 ? -3.327  2.719   -10.415 1.00 28.47 ? 110 ASN A O   1 
ATOM   754  C CB  . ASN A 1 119 ? -1.076  0.593   -10.389 1.00 27.44 ? 110 ASN A CB  1 
ATOM   755  C CG  . ASN A 1 119 ? -0.112  1.071   -9.313  1.00 26.16 ? 110 ASN A CG  1 
ATOM   756  O OD1 . ASN A 1 119 ? -0.468  1.866   -8.443  1.00 23.35 ? 110 ASN A OD1 1 
ATOM   757  N ND2 . ASN A 1 119 ? 1.131   0.601   -9.388  1.00 25.41 ? 110 ASN A ND2 1 
ATOM   758  N N   . PRO A 1 120 ? -3.740  1.958   -8.357  1.00 30.49 ? 111 PRO A N   1 
ATOM   759  C CA  . PRO A 1 120 ? -4.661  3.077   -8.086  1.00 30.77 ? 111 PRO A CA  1 
ATOM   760  C C   . PRO A 1 120 ? -3.958  4.438   -8.173  1.00 31.24 ? 111 PRO A C   1 
ATOM   761  O O   . PRO A 1 120 ? -4.567  5.419   -8.589  1.00 32.40 ? 111 PRO A O   1 
ATOM   762  C CB  . PRO A 1 120 ? -5.176  2.790   -6.671  1.00 31.22 ? 111 PRO A CB  1 
ATOM   763  C CG  . PRO A 1 120 ? -4.198  1.840   -6.067  1.00 30.57 ? 111 PRO A CG  1 
ATOM   764  C CD  . PRO A 1 120 ? -3.518  1.100   -7.180  1.00 30.92 ? 111 PRO A CD  1 
ATOM   765  N N   . LEU A 1 121 ? -2.678  4.460   -7.841  1.00 30.74 ? 112 LEU A N   1 
ATOM   766  C CA  . LEU A 1 121 ? -1.870  5.663   -7.940  1.00 30.55 ? 112 LEU A CA  1 
ATOM   767  C C   . LEU A 1 121 ? -1.241  5.859   -9.340  1.00 31.63 ? 112 LEU A C   1 
ATOM   768  O O   . LEU A 1 121 ? -0.489  6.826   -9.548  1.00 31.16 ? 112 LEU A O   1 
ATOM   769  C CB  . LEU A 1 121 ? -0.802  5.627   -6.833  1.00 29.87 ? 112 LEU A CB  1 
ATOM   770  C CG  . LEU A 1 121 ? -1.251  5.683   -5.364  1.00 28.60 ? 112 LEU A CG  1 
ATOM   771  C CD1 . LEU A 1 121 ? -0.064  5.579   -4.398  1.00 29.50 ? 112 LEU A CD1 1 
ATOM   772  C CD2 . LEU A 1 121 ? -2.057  6.972   -5.086  1.00 27.41 ? 112 LEU A CD2 1 
ATOM   773  N N   . VAL A 1 122 ? -1.534  4.961   -10.292 1.00 32.79 ? 113 VAL A N   1 
ATOM   774  C CA  . VAL A 1 122 ? -0.847  4.993   -11.610 1.00 35.05 ? 113 VAL A CA  1 
ATOM   775  C C   . VAL A 1 122 ? -1.686  5.249   -12.861 1.00 36.68 ? 113 VAL A C   1 
ATOM   776  O O   . VAL A 1 122 ? -1.210  5.017   -13.985 1.00 36.46 ? 113 VAL A O   1 
ATOM   777  C CB  . VAL A 1 122 ? 0.060   3.758   -11.902 1.00 35.16 ? 113 VAL A CB  1 
ATOM   778  C CG1 . VAL A 1 122 ? 1.033   3.489   -10.772 1.00 35.19 ? 113 VAL A CG1 1 
ATOM   779  C CG2 . VAL A 1 122 ? -0.757  2.521   -12.292 1.00 35.41 ? 113 VAL A CG2 1 
ATOM   780  N N   . ASP A 1 123 ? -2.920  5.702   -12.682 1.00 38.29 ? 114 ASP A N   1 
ATOM   781  C CA  . ASP A 1 123 ? -3.710  6.168   -13.817 1.00 40.66 ? 114 ASP A CA  1 
ATOM   782  C C   . ASP A 1 123 ? -2.827  7.062   -14.698 1.00 41.64 ? 114 ASP A C   1 
ATOM   783  O O   . ASP A 1 123 ? -2.350  8.104   -14.245 1.00 41.83 ? 114 ASP A O   1 
ATOM   784  C CB  . ASP A 1 123 ? -4.925  6.959   -13.330 1.00 40.59 ? 114 ASP A CB  1 
ATOM   785  C CG  . ASP A 1 123 ? -6.053  6.073   -12.842 1.00 41.88 ? 114 ASP A CG  1 
ATOM   786  O OD1 . ASP A 1 123 ? -7.079  6.643   -12.405 1.00 43.49 ? 114 ASP A OD1 1 
ATOM   787  O OD2 . ASP A 1 123 ? -6.022  4.818   -12.855 1.00 42.25 ? 114 ASP A OD2 1 
ATOM   788  N N   . PHE A 1 124 ? -2.584  6.616   -15.931 1.00 43.08 ? 115 PHE A N   1 
ATOM   789  C CA  . PHE A 1 124 ? -1.856  7.382   -16.960 1.00 44.62 ? 115 PHE A CA  1 
ATOM   790  C C   . PHE A 1 124 ? -0.386  7.742   -16.647 1.00 45.03 ? 115 PHE A C   1 
ATOM   791  O O   . PHE A 1 124 ? 0.043   8.874   -16.912 1.00 45.37 ? 115 PHE A O   1 
ATOM   792  C CB  . PHE A 1 124 ? -2.646  8.646   -17.366 1.00 45.02 ? 115 PHE A CB  1 
ATOM   793  C CG  . PHE A 1 124 ? -4.124  8.412   -17.583 1.00 46.65 ? 115 PHE A CG  1 
ATOM   794  C CD1 . PHE A 1 124 ? -5.053  8.816   -16.622 1.00 47.59 ? 115 PHE A CD1 1 
ATOM   795  C CD2 . PHE A 1 124 ? -4.588  7.801   -18.749 1.00 47.70 ? 115 PHE A CD2 1 
ATOM   796  C CE1 . PHE A 1 124 ? -6.419  8.604   -16.809 1.00 48.08 ? 115 PHE A CE1 1 
ATOM   797  C CE2 . PHE A 1 124 ? -5.955  7.586   -18.947 1.00 48.43 ? 115 PHE A CE2 1 
ATOM   798  C CZ  . PHE A 1 124 ? -6.872  7.991   -17.973 1.00 48.61 ? 115 PHE A CZ  1 
ATOM   799  N N   . VAL A 1 125 ? 0.388   6.799   -16.097 1.00 45.57 ? 116 VAL A N   1 
ATOM   800  C CA  . VAL A 1 125 ? 1.819   7.050   -15.799 1.00 45.78 ? 116 VAL A CA  1 
ATOM   801  C C   . VAL A 1 125 ? 2.807   5.926   -16.191 1.00 46.15 ? 116 VAL A C   1 
ATOM   802  O O   . VAL A 1 125 ? 3.472   5.353   -15.320 1.00 46.54 ? 116 VAL A O   1 
ATOM   803  C CB  . VAL A 1 125 ? 2.088   7.430   -14.300 1.00 45.86 ? 116 VAL A CB  1 
ATOM   804  C CG1 . VAL A 1 125 ? 3.082   8.573   -14.214 1.00 45.64 ? 116 VAL A CG1 1 
ATOM   805  C CG2 . VAL A 1 125 ? 0.817   7.774   -13.547 1.00 45.73 ? 116 VAL A CG2 1 
ATOM   806  N N   . GLU A 1 126 ? 2.932   5.652   -17.492 1.00 46.37 ? 117 GLU A N   1 
ATOM   807  C CA  . GLU A 1 126 ? 3.787   4.566   -18.012 1.00 46.45 ? 117 GLU A CA  1 
ATOM   808  C C   . GLU A 1 126 ? 5.288   4.767   -17.775 1.00 46.47 ? 117 GLU A C   1 
ATOM   809  O O   . GLU A 1 126 ? 5.838   5.823   -18.102 1.00 46.56 ? 117 GLU A O   1 
ATOM   810  N N   . LEU A 1 127 ? 5.942   3.739   -17.223 1.00 46.33 ? 118 LEU A N   1 
ATOM   811  C CA  . LEU A 1 127 ? 7.338   3.831   -16.777 1.00 46.36 ? 118 LEU A CA  1 
ATOM   812  C C   . LEU A 1 127 ? 8.354   3.884   -17.928 1.00 46.37 ? 118 LEU A C   1 
ATOM   813  O O   . LEU A 1 127 ? 8.168   3.218   -18.948 1.00 46.31 ? 118 LEU A O   1 
ATOM   814  C CB  . LEU A 1 127 ? 7.690   2.643   -15.865 1.00 46.49 ? 118 LEU A CB  1 
ATOM   815  C CG  . LEU A 1 127 ? 7.665   2.744   -14.332 1.00 46.45 ? 118 LEU A CG  1 
ATOM   816  C CD1 . LEU A 1 127 ? 8.129   1.424   -13.714 1.00 46.90 ? 118 LEU A CD1 1 
ATOM   817  C CD2 . LEU A 1 127 ? 8.499   3.900   -13.791 1.00 46.43 ? 118 LEU A CD2 1 
ATOM   818  N N   . PRO A 1 128 ? 9.420   4.674   -17.771 1.00 46.21 ? 119 PRO A N   1 
ATOM   819  C CA  . PRO A 1 128 ? 10.596  4.546   -18.643 1.00 46.04 ? 119 PRO A CA  1 
ATOM   820  C C   . PRO A 1 128 ? 11.267  3.182   -18.462 1.00 45.86 ? 119 PRO A C   1 
ATOM   821  O O   . PRO A 1 128 ? 11.279  2.640   -17.348 1.00 45.90 ? 119 PRO A O   1 
ATOM   822  C CB  . PRO A 1 128 ? 11.527  5.660   -18.154 1.00 46.13 ? 119 PRO A CB  1 
ATOM   823  C CG  . PRO A 1 128 ? 10.649  6.606   -17.407 1.00 46.32 ? 119 PRO A CG  1 
ATOM   824  C CD  . PRO A 1 128 ? 9.580   5.758   -16.784 1.00 46.26 ? 119 PRO A CD  1 
ATOM   825  N N   . ASP A 1 129 ? 11.808  2.634   -19.550 1.00 45.50 ? 120 ASP A N   1 
ATOM   826  C CA  . ASP A 1 129 ? 12.510  1.348   -19.519 1.00 44.80 ? 120 ASP A CA  1 
ATOM   827  C C   . ASP A 1 129 ? 13.754  1.388   -18.625 1.00 44.11 ? 120 ASP A C   1 
ATOM   828  O O   . ASP A 1 129 ? 14.172  0.363   -18.076 1.00 44.58 ? 120 ASP A O   1 
ATOM   829  N N   . ASN A 1 130 ? 14.326  2.578   -18.477 1.00 43.37 ? 121 ASN A N   1 
ATOM   830  C CA  . ASN A 1 130 ? 15.484  2.799   -17.619 1.00 42.44 ? 121 ASN A CA  1 
ATOM   831  C C   . ASN A 1 130 ? 15.156  2.719   -16.125 1.00 41.15 ? 121 ASN A C   1 
ATOM   832  O O   . ASN A 1 130 ? 16.063  2.672   -15.293 1.00 41.30 ? 121 ASN A O   1 
ATOM   833  C CB  . ASN A 1 130 ? 16.101  4.164   -17.930 1.00 43.01 ? 121 ASN A CB  1 
ATOM   834  C CG  . ASN A 1 130 ? 17.344  4.060   -18.783 1.00 44.62 ? 121 ASN A CG  1 
ATOM   835  O OD1 . ASN A 1 130 ? 17.269  3.785   -19.985 1.00 46.88 ? 121 ASN A OD1 1 
ATOM   836  N ND2 . ASN A 1 130 ? 18.502  4.291   -18.170 1.00 45.75 ? 121 ASN A ND2 1 
ATOM   837  N N   . HIS A 1 131 ? 13.862  2.704   -15.797 1.00 39.18 ? 122 HIS A N   1 
ATOM   838  C CA  . HIS A 1 131 ? 13.400  2.762   -14.408 1.00 37.12 ? 122 HIS A CA  1 
ATOM   839  C C   . HIS A 1 131 ? 12.696  1.479   -13.966 1.00 35.22 ? 122 HIS A C   1 
ATOM   840  O O   . HIS A 1 131 ? 11.784  1.503   -13.135 1.00 34.22 ? 122 HIS A O   1 
ATOM   841  C CB  . HIS A 1 131 ? 12.500  3.984   -14.198 1.00 37.79 ? 122 HIS A CB  1 
ATOM   842  C CG  . HIS A 1 131 ? 13.247  5.278   -14.103 1.00 39.17 ? 122 HIS A CG  1 
ATOM   843  N ND1 . HIS A 1 131 ? 12.636  6.464   -13.756 1.00 41.91 ? 122 HIS A ND1 1 
ATOM   844  C CD2 . HIS A 1 131 ? 14.553  5.575   -14.311 1.00 41.39 ? 122 HIS A CD2 1 
ATOM   845  C CE1 . HIS A 1 131 ? 13.534  7.435   -13.751 1.00 42.26 ? 122 HIS A CE1 1 
ATOM   846  N NE2 . HIS A 1 131 ? 14.704  6.922   -14.087 1.00 42.71 ? 122 HIS A NE2 1 
ATOM   847  N N   . SER A 1 132 ? 13.167  0.360   -14.510 1.00 32.68 ? 123 SER A N   1 
ATOM   848  C CA  . SER A 1 132 ? 12.605  -0.966  -14.286 1.00 30.92 ? 123 SER A CA  1 
ATOM   849  C C   . SER A 1 132 ? 12.537  -1.361  -12.810 1.00 28.65 ? 123 SER A C   1 
ATOM   850  O O   . SER A 1 132 ? 11.690  -2.164  -12.417 1.00 29.55 ? 123 SER A O   1 
ATOM   851  C CB  . SER A 1 132 ? 13.428  -2.003  -15.074 1.00 30.88 ? 123 SER A CB  1 
ATOM   852  O OG  . SER A 1 132 ? 13.357  -3.287  -14.476 1.00 32.15 ? 123 SER A OG  1 
ATOM   853  N N   . SER A 1 133 ? 13.430  -0.794  -12.003 1.00 26.12 ? 124 SER A N   1 
ATOM   854  C CA  . SER A 1 133 ? 13.526  -1.128  -10.588 1.00 23.42 ? 124 SER A CA  1 
ATOM   855  C C   . SER A 1 133 ? 12.659  -0.245  -9.701  1.00 20.59 ? 124 SER A C   1 
ATOM   856  O O   . SER A 1 133 ? 12.487  -0.547  -8.518  1.00 19.76 ? 124 SER A O   1 
ATOM   857  C CB  . SER A 1 133 ? 14.973  -1.042  -10.126 1.00 23.84 ? 124 SER A CB  1 
ATOM   858  O OG  . SER A 1 133 ? 15.716  -2.087  -10.722 1.00 26.99 ? 124 SER A OG  1 
ATOM   859  N N   . LEU A 1 134 ? 12.123  0.841   -10.255 1.00 17.80 ? 125 LEU A N   1 
ATOM   860  C CA  . LEU A 1 134 ? 11.262  1.712   -9.444  1.00 15.64 ? 125 LEU A CA  1 
ATOM   861  C C   . LEU A 1 134 ? 9.967   0.972   -9.097  1.00 14.82 ? 125 LEU A C   1 
ATOM   862  O O   . LEU A 1 134 ? 9.373   0.307   -9.950  1.00 14.61 ? 125 LEU A O   1 
ATOM   863  C CB  . LEU A 1 134 ? 10.964  3.018   -10.197 1.00 15.71 ? 125 LEU A CB  1 
ATOM   864  C CG  . LEU A 1 134 ? 10.134  4.075   -9.457  1.00 16.80 ? 125 LEU A CG  1 
ATOM   865  C CD1 . LEU A 1 134 ? 10.940  4.683   -8.313  1.00 17.89 ? 125 LEU A CD1 1 
ATOM   866  C CD2 . LEU A 1 134 ? 9.669   5.148   -10.409 1.00 17.17 ? 125 LEU A CD2 1 
ATOM   867  N N   . ILE A 1 135 ? 9.544   1.071   -7.830  1.00 11.58 ? 126 ILE A N   1 
ATOM   868  C CA  . ILE A 1 135 ? 8.257   0.538   -7.402  1.00 11.62 ? 126 ILE A CA  1 
ATOM   869  C C   . ILE A 1 135 ? 7.401   1.790   -7.209  1.00 10.76 ? 126 ILE A C   1 
ATOM   870  O O   . ILE A 1 135 ? 7.417   2.437   -6.164  1.00 10.65 ? 126 ILE A O   1 
ATOM   871  C CB  . ILE A 1 135 ? 8.426   -0.245  -6.103  1.00 11.08 ? 126 ILE A CB  1 
ATOM   872  C CG1 . ILE A 1 135 ? 9.486   -1.354  -6.286  1.00 12.92 ? 126 ILE A CG1 1 
ATOM   873  C CG2 . ILE A 1 135 ? 7.083   -0.857  -5.660  1.00 13.41 ? 126 ILE A CG2 1 
ATOM   874  C CD1 . ILE A 1 135 ? 10.001  -1.905  -4.948  1.00 16.75 ? 126 ILE A CD1 1 
ATOM   875  N N   . TYR A 1 136 ? 6.702   2.179   -8.263  1.00 11.03 ? 127 TYR A N   1 
ATOM   876  C CA  . TYR A 1 136 ? 6.128   3.524   -8.297  1.00 10.60 ? 127 TYR A CA  1 
ATOM   877  C C   . TYR A 1 136 ? 5.192   3.828   -7.124  1.00 9.79  ? 127 TYR A C   1 
ATOM   878  O O   . TYR A 1 136 ? 5.231   4.917   -6.564  1.00 10.06 ? 127 TYR A O   1 
ATOM   879  C CB  . TYR A 1 136 ? 5.414   3.700   -9.625  1.00 11.41 ? 127 TYR A CB  1 
ATOM   880  C CG  . TYR A 1 136 ? 4.866   5.086   -9.862  1.00 11.92 ? 127 TYR A CG  1 
ATOM   881  C CD1 . TYR A 1 136 ? 5.648   6.077   -10.462 1.00 13.76 ? 127 TYR A CD1 1 
ATOM   882  C CD2 . TYR A 1 136 ? 3.575   5.399   -9.483  1.00 12.67 ? 127 TYR A CD2 1 
ATOM   883  C CE1 . TYR A 1 136 ? 5.150   7.361   -10.675 1.00 14.30 ? 127 TYR A CE1 1 
ATOM   884  C CE2 . TYR A 1 136 ? 3.058   6.681   -9.675  1.00 14.06 ? 127 TYR A CE2 1 
ATOM   885  C CZ  . TYR A 1 136 ? 3.844   7.645   -10.285 1.00 13.11 ? 127 TYR A CZ  1 
ATOM   886  O OH  . TYR A 1 136 ? 3.320   8.897   -10.491 1.00 15.96 ? 127 TYR A OH  1 
ATOM   887  N N   . SER A 1 137 ? 4.369   2.844   -6.764  1.00 10.83 ? 128 SER A N   1 
ATOM   888  C CA  . SER A 1 137 ? 3.394   3.001   -5.673  1.00 10.99 ? 128 SER A CA  1 
ATOM   889  C C   . SER A 1 137 ? 3.864   2.485   -4.330  1.00 10.89 ? 128 SER A C   1 
ATOM   890  O O   . SER A 1 137 ? 3.049   2.187   -3.474  1.00 11.08 ? 128 SER A O   1 
ATOM   891  C CB  . SER A 1 137 ? 2.061   2.334   -6.058  1.00 12.38 ? 128 SER A CB  1 
ATOM   892  O OG  . SER A 1 137 ? 1.660   2.810   -7.340  1.00 15.34 ? 128 SER A OG  1 
ATOM   893  N N   . ASN A 1 138 ? 5.188   2.426   -4.127  1.00 10.40 ? 129 ASN A N   1 
ATOM   894  C CA  . ASN A 1 138 ? 5.746   1.857   -2.894  1.00 10.33 ? 129 ASN A CA  1 
ATOM   895  C C   . ASN A 1 138 ? 5.280   2.529   -1.583  1.00 9.85  ? 129 ASN A C   1 
ATOM   896  O O   . ASN A 1 138 ? 5.345   1.929   -0.517  1.00 10.72 ? 129 ASN A O   1 
ATOM   897  C CB  . ASN A 1 138 ? 7.277   1.825   -2.954  1.00 11.02 ? 129 ASN A CB  1 
ATOM   898  C CG  . ASN A 1 138 ? 7.853   0.643   -2.233  1.00 12.11 ? 129 ASN A CG  1 
ATOM   899  O OD1 . ASN A 1 138 ? 7.240   -0.422  -2.212  1.00 13.24 ? 129 ASN A OD1 1 
ATOM   900  N ND2 . ASN A 1 138 ? 9.058   0.803   -1.668  1.00 12.60 ? 129 ASN A ND2 1 
ATOM   901  N N   . LEU A 1 139 ? 4.810   3.773   -1.678  1.00 9.92  ? 130 LEU A N   1 
ATOM   902  C CA  . LEU A 1 139 ? 4.224   4.467   -0.546  1.00 10.70 ? 130 LEU A CA  1 
ATOM   903  C C   . LEU A 1 139 ? 3.192   3.558   0.140   1.00 10.44 ? 130 LEU A C   1 
ATOM   904  O O   . LEU A 1 139 ? 3.098   3.549   1.379   1.00 10.43 ? 130 LEU A O   1 
ATOM   905  C CB  . LEU A 1 139 ? 3.537   5.759   -1.012  1.00 10.46 ? 130 LEU A CB  1 
ATOM   906  C CG  . LEU A 1 139 ? 3.099   6.659   0.132   1.00 12.19 ? 130 LEU A CG  1 
ATOM   907  C CD1 . LEU A 1 139 ? 3.955   7.903   0.259   1.00 12.94 ? 130 LEU A CD1 1 
ATOM   908  C CD2 . LEU A 1 139 ? 1.653   7.050   -0.107  1.00 13.39 ? 130 LEU A CD2 1 
ATOM   909  N N   . LEU A 1 140 ? 2.390   2.845   -0.659  1.00 10.28 ? 131 LEU A N   1 
ATOM   910  C CA  . LEU A 1 140 ? 1.296   2.042   -0.083  1.00 11.22 ? 131 LEU A CA  1 
ATOM   911  C C   . LEU A 1 140 ? 1.792   0.946   0.851   1.00 12.15 ? 131 LEU A C   1 
ATOM   912  O O   . LEU A 1 140 ? 1.134   0.648   1.863   1.00 12.49 ? 131 LEU A O   1 
ATOM   913  C CB  . LEU A 1 140 ? 0.387   1.451   -1.164  1.00 11.82 ? 131 LEU A CB  1 
ATOM   914  C CG  . LEU A 1 140 ? -0.340  2.486   -2.007  1.00 13.23 ? 131 LEU A CG  1 
ATOM   915  C CD1 . LEU A 1 140 ? -1.234  1.758   -3.001  1.00 17.10 ? 131 LEU A CD1 1 
ATOM   916  C CD2 . LEU A 1 140 ? -1.180  3.434   -1.145  1.00 16.82 ? 131 LEU A CD2 1 
ATOM   917  N N   . CYS A 1 141 ? 2.961   0.381   0.560   1.00 11.52 ? 132 CYS A N   1 
ATOM   918  C CA  . CYS A 1 141 ? 3.513   -0.649  1.442   1.00 13.05 ? 132 CYS A CA  1 
ATOM   919  C C   . CYS A 1 141 ? 3.859   -0.064  2.785   1.00 11.74 ? 132 CYS A C   1 
ATOM   920  O O   . CYS A 1 141 ? 3.601   -0.685  3.800   1.00 11.73 ? 132 CYS A O   1 
ATOM   921  C CB  . CYS A 1 141 ? 4.765   -1.279  0.885   1.00 13.23 ? 132 CYS A CB  1 
ATOM   922  S SG  . CYS A 1 141 ? 4.401   -2.208  -0.601  1.00 19.83 ? 132 CYS A SG  1 
ATOM   923  N N   . GLY A 1 142 ? 4.478   1.118   2.785   1.00 10.45 ? 133 GLY A N   1 
ATOM   924  C CA  . GLY A 1 142 ? 4.781   1.803   4.028   1.00 10.34 ? 133 GLY A CA  1 
ATOM   925  C C   . GLY A 1 142 ? 3.516   2.120   4.782   1.00 10.49 ? 133 GLY A C   1 
ATOM   926  O O   . GLY A 1 142 ? 3.478   1.963   5.987   1.00 9.95  ? 133 GLY A O   1 
ATOM   927  N N   . VAL A 1 143 ? 2.483   2.613   4.091   1.00 9.84  ? 134 VAL A N   1 
ATOM   928  C CA  . VAL A 1 143 ? 1.238   2.968   4.796   1.00 10.43 ? 134 VAL A CA  1 
ATOM   929  C C   . VAL A 1 143 ? 0.670   1.746   5.540   1.00 10.18 ? 134 VAL A C   1 
ATOM   930  O O   . VAL A 1 143 ? 0.291   1.848   6.718   1.00 10.64 ? 134 VAL A O   1 
ATOM   931  C CB  . VAL A 1 143 ? 0.176   3.498   3.814   1.00 10.39 ? 134 VAL A CB  1 
ATOM   932  C CG1 . VAL A 1 143 ? -1.184  3.721   4.513   1.00 12.67 ? 134 VAL A CG1 1 
ATOM   933  C CG2 . VAL A 1 143 ? 0.641   4.808   3.216   1.00 9.94  ? 134 VAL A CG2 1 
ATOM   934  N N   . LEU A 1 144 ? 0.618   0.598   4.856   1.00 10.23 ? 135 LEU A N   1 
ATOM   935  C CA  . LEU A 1 144 ? 0.116   -0.649  5.477   1.00 10.44 ? 135 LEU A CA  1 
ATOM   936  C C   . LEU A 1 144 ? 0.927   -1.037  6.717   1.00 10.86 ? 135 LEU A C   1 
ATOM   937  O O   . LEU A 1 144 ? 0.370   -1.389  7.767   1.00 12.13 ? 135 LEU A O   1 
ATOM   938  C CB  . LEU A 1 144 ? 0.124   -1.814  4.469   1.00 9.92  ? 135 LEU A CB  1 
ATOM   939  C CG  . LEU A 1 144 ? -0.960  -1.633  3.401   1.00 10.84 ? 135 LEU A CG  1 
ATOM   940  C CD1 . LEU A 1 144 ? -0.637  -2.457  2.152   1.00 12.06 ? 135 LEU A CD1 1 
ATOM   941  C CD2 . LEU A 1 144 ? -2.352  -2.004  3.977   1.00 12.58 ? 135 LEU A CD2 1 
ATOM   942  N N   . ARG A 1 145 ? 2.249   -0.982  6.592   1.00 11.32 ? 136 ARG A N   1 
ATOM   943  C CA  . ARG A 1 145 ? 3.120   -1.399  7.691   1.00 11.56 ? 136 ARG A CA  1 
ATOM   944  C C   . ARG A 1 145 ? 3.013   -0.437  8.884   1.00 11.87 ? 136 ARG A C   1 
ATOM   945  O O   . ARG A 1 145 ? 2.934   -0.892  10.041  1.00 12.55 ? 136 ARG A O   1 
ATOM   946  C CB  . ARG A 1 145 ? 4.565   -1.535  7.215   1.00 12.36 ? 136 ARG A CB  1 
ATOM   947  C CG  . ARG A 1 145 ? 5.517   -2.058  8.295   1.00 11.52 ? 136 ARG A CG  1 
ATOM   948  C CD  . ARG A 1 145 ? 6.951   -2.298  7.791   1.00 12.46 ? 136 ARG A CD  1 
ATOM   949  N NE  . ARG A 1 145 ? 7.651   -1.027  7.595   1.00 13.34 ? 136 ARG A NE  1 
ATOM   950  C CZ  . ARG A 1 145 ? 7.826   -0.381  6.434   1.00 12.67 ? 136 ARG A CZ  1 
ATOM   951  N NH1 . ARG A 1 145 ? 7.385   -0.895  5.280   1.00 13.04 ? 136 ARG A NH1 1 
ATOM   952  N NH2 . ARG A 1 145 ? 8.488   0.786   6.442   1.00 11.49 ? 136 ARG A NH2 1 
ATOM   953  N N   . GLY A 1 146 ? 2.984   0.867   8.615   1.00 11.55 ? 137 GLY A N   1 
ATOM   954  C CA  . GLY A 1 146 ? 2.884   1.874   9.671   1.00 11.70 ? 137 GLY A CA  1 
ATOM   955  C C   . GLY A 1 146 ? 1.558   1.821   10.395  1.00 13.12 ? 137 GLY A C   1 
ATOM   956  O O   . GLY A 1 146 ? 1.491   1.881   11.630  1.00 13.82 ? 137 GLY A O   1 
ATOM   957  N N   . ALA A 1 147 ? 0.482   1.709   9.622   1.00 13.62 ? 138 ALA A N   1 
ATOM   958  C CA  . ALA A 1 147 ? -0.831  1.606   10.228  1.00 14.34 ? 138 ALA A CA  1 
ATOM   959  C C   . ALA A 1 147 ? -0.930  0.396   11.161  1.00 15.54 ? 138 ALA A C   1 
ATOM   960  O O   . ALA A 1 147 ? -1.433  0.515   12.283  1.00 15.92 ? 138 ALA A O   1 
ATOM   961  C CB  . ALA A 1 147 ? -1.906  1.555   9.133   1.00 14.35 ? 138 ALA A CB  1 
ATOM   962  N N   . LEU A 1 148 ? -0.430  -0.753  10.722  1.00 15.56 ? 139 LEU A N   1 
ATOM   963  C CA  . LEU A 1 148 ? -0.591  -1.969  11.506  1.00 16.07 ? 139 LEU A CA  1 
ATOM   964  C C   . LEU A 1 148 ? 0.326   -2.017  12.711  1.00 16.53 ? 139 LEU A C   1 
ATOM   965  O O   . LEU A 1 148 ? -0.031  -2.581  13.747  1.00 16.56 ? 139 LEU A O   1 
ATOM   966  C CB  . LEU A 1 148 ? -0.443  -3.222  10.644  1.00 15.96 ? 139 LEU A CB  1 
ATOM   967  C CG  . LEU A 1 148 ? -1.610  -3.383  9.658   1.00 18.17 ? 139 LEU A CG  1 
ATOM   968  C CD1 . LEU A 1 148 ? -1.417  -4.665  8.876   1.00 19.51 ? 139 LEU A CD1 1 
ATOM   969  C CD2 . LEU A 1 148 ? -2.971  -3.364  10.344  1.00 20.20 ? 139 LEU A CD2 1 
ATOM   970  N N   . GLU A 1 149 ? 1.497   -1.393  12.584  1.00 17.06 ? 140 GLU A N   1 
ATOM   971  C CA  . GLU A 1 149 ? 2.397   -1.273  13.729  1.00 18.99 ? 140 GLU A CA  1 
ATOM   972  C C   . GLU A 1 149 ? 1.648   -0.639  14.891  1.00 20.07 ? 140 GLU A C   1 
ATOM   973  O O   . GLU A 1 149 ? 1.845   -1.020  16.048  1.00 20.25 ? 140 GLU A O   1 
ATOM   974  C CB  . GLU A 1 149 ? 3.625   -0.435  13.384  1.00 19.56 ? 140 GLU A CB  1 
ATOM   975  C CG  . GLU A 1 149 ? 4.686   -0.484  14.479  1.00 23.13 ? 140 GLU A CG  1 
ATOM   976  C CD  . GLU A 1 149 ? 6.060   -0.071  14.001  1.00 29.00 ? 140 GLU A CD  1 
ATOM   977  O OE1 . GLU A 1 149 ? 6.547   -0.603  12.975  1.00 34.29 ? 140 GLU A OE1 1 
ATOM   978  O OE2 . GLU A 1 149 ? 6.664   0.788   14.668  1.00 33.38 ? 140 GLU A OE2 1 
ATOM   979  N N   . MET A 1 150 ? 0.808   0.345   14.575  1.00 20.48 ? 141 MET A N   1 
ATOM   980  C CA  . MET A 1 150 ? 0.103   1.114   15.599  1.00 22.50 ? 141 MET A CA  1 
ATOM   981  C C   . MET A 1 150 ? -1.029  0.346   16.259  1.00 22.91 ? 141 MET A C   1 
ATOM   982  O O   . MET A 1 150 ? -1.586  0.792   17.269  1.00 24.77 ? 141 MET A O   1 
ATOM   983  C CB  . MET A 1 150 ? -0.405  2.438   15.019  1.00 22.65 ? 141 MET A CB  1 
ATOM   984  C CG  . MET A 1 150 ? 0.689   3.444   14.753  1.00 26.27 ? 141 MET A CG  1 
ATOM   985  S SD  . MET A 1 150 ? 1.619   3.983   16.226  1.00 34.46 ? 141 MET A SD  1 
ATOM   986  C CE  . MET A 1 150 ? 0.356   4.348   17.370  1.00 33.03 ? 141 MET A CE  1 
ATOM   987  N N   . VAL A 1 151 ? -1.386  -0.798  15.689  1.00 22.82 ? 142 VAL A N   1 
ATOM   988  C CA  . VAL A 1 151 ? -2.324  -1.705  16.351  1.00 22.76 ? 142 VAL A CA  1 
ATOM   989  C C   . VAL A 1 151 ? -1.609  -3.005  16.741  1.00 22.75 ? 142 VAL A C   1 
ATOM   990  O O   . VAL A 1 151 ? -2.201  -4.080  16.788  1.00 23.33 ? 142 VAL A O   1 
ATOM   991  C CB  . VAL A 1 151 ? -3.654  -1.908  15.548  1.00 23.32 ? 142 VAL A CB  1 
ATOM   992  C CG1 . VAL A 1 151 ? -4.447  -0.600  15.505  1.00 24.43 ? 142 VAL A CG1 1 
ATOM   993  C CG2 . VAL A 1 151 ? -3.401  -2.458  14.127  1.00 22.55 ? 142 VAL A CG2 1 
ATOM   994  N N   . GLN A 1 152 ? -0.313  -2.857  17.000  1.00 22.68 ? 143 GLN A N   1 
ATOM   995  C CA  . GLN A 1 152 ? 0.558   -3.881  17.580  1.00 23.02 ? 143 GLN A CA  1 
ATOM   996  C C   . GLN A 1 152 ? 0.764   -5.122  16.712  1.00 21.93 ? 143 GLN A C   1 
ATOM   997  O O   . GLN A 1 152 ? 1.019   -6.222  17.211  1.00 22.43 ? 143 GLN A O   1 
ATOM   998  C CB  . GLN A 1 152 ? 0.120   -4.228  19.023  1.00 23.34 ? 143 GLN A CB  1 
ATOM   999  C CG  . GLN A 1 152 ? 0.478   -3.140  20.036  1.00 27.71 ? 143 GLN A CG  1 
ATOM   1000 C CD  . GLN A 1 152 ? -0.360  -1.881  19.890  1.00 31.47 ? 143 GLN A CD  1 
ATOM   1001 O OE1 . GLN A 1 152 ? -1.595  -1.945  19.805  1.00 35.85 ? 143 GLN A OE1 1 
ATOM   1002 N NE2 . GLN A 1 152 ? 0.304   -0.734  19.863  1.00 34.29 ? 143 GLN A NE2 1 
ATOM   1003 N N   . MET A 1 153 ? 0.686   -4.941  15.390  1.00 20.62 ? 144 MET A N   1 
ATOM   1004 C CA  . MET A 1 153 ? 0.952   -6.027  14.461  1.00 19.64 ? 144 MET A CA  1 
ATOM   1005 C C   . MET A 1 153 ? 2.155   -5.676  13.589  1.00 19.05 ? 144 MET A C   1 
ATOM   1006 O O   . MET A 1 153 ? 2.099   -4.720  12.832  1.00 17.59 ? 144 MET A O   1 
ATOM   1007 C CB  . MET A 1 153 ? -0.277  -6.312  13.584  1.00 20.21 ? 144 MET A CB  1 
ATOM   1008 C CG  . MET A 1 153 ? -1.533  -6.692  14.369  1.00 22.87 ? 144 MET A CG  1 
ATOM   1009 S SD  . MET A 1 153 ? -2.923  -7.155  13.266  1.00 30.46 ? 144 MET A SD  1 
ATOM   1010 C CE  . MET A 1 153 ? -2.508  -8.797  12.951  1.00 28.90 ? 144 MET A CE  1 
ATOM   1011 N N   . ALA A 1 154 ? 3.244   -6.434  13.728  1.00 18.48 ? 145 ALA A N   1 
ATOM   1012 C CA  . ALA A 1 154 ? 4.405   -6.276  12.861  1.00 18.17 ? 145 ALA A CA  1 
ATOM   1013 C C   . ALA A 1 154 ? 4.162   -7.066  11.590  1.00 18.41 ? 145 ALA A C   1 
ATOM   1014 O O   . ALA A 1 154 ? 3.993   -8.285  11.638  1.00 18.59 ? 145 ALA A O   1 
ATOM   1015 C CB  . ALA A 1 154 ? 5.687   -6.752  13.562  1.00 18.14 ? 145 ALA A CB  1 
ATOM   1016 N N   . VAL A 1 155 ? 4.088   -6.351  10.464  1.00 17.66 ? 146 VAL A N   1 
ATOM   1017 C CA  . VAL A 1 155 ? 3.906   -6.977  9.157   1.00 16.91 ? 146 VAL A CA  1 
ATOM   1018 C C   . VAL A 1 155 ? 4.977   -6.523  8.151   1.00 16.80 ? 146 VAL A C   1 
ATOM   1019 O O   . VAL A 1 155 ? 5.664   -5.500  8.366   1.00 16.05 ? 146 VAL A O   1 
ATOM   1020 C CB  . VAL A 1 155 ? 2.503   -6.699  8.567   1.00 17.09 ? 146 VAL A CB  1 
ATOM   1021 C CG1 . VAL A 1 155 ? 1.392   -7.083  9.562   1.00 16.96 ? 146 VAL A CG1 1 
ATOM   1022 C CG2 . VAL A 1 155 ? 2.363   -5.225  8.128   1.00 16.93 ? 146 VAL A CG2 1 
ATOM   1023 N N   . GLU A 1 156 ? 5.118   -7.313  7.084   1.00 16.26 ? 147 GLU A N   1 
ATOM   1024 C CA  . GLU A 1 156 ? 5.871   -6.933  5.888   1.00 17.23 ? 147 GLU A CA  1 
ATOM   1025 C C   . GLU A 1 156 ? 4.857   -6.820  4.745   1.00 16.41 ? 147 GLU A C   1 
ATOM   1026 O O   . GLU A 1 156 ? 4.017   -7.703  4.567   1.00 16.25 ? 147 GLU A O   1 
ATOM   1027 C CB  . GLU A 1 156 ? 6.950   -7.992  5.540   1.00 18.66 ? 147 GLU A CB  1 
ATOM   1028 C CG  . GLU A 1 156 ? 7.628   -7.741  4.188   1.00 22.44 ? 147 GLU A CG  1 
ATOM   1029 C CD  . GLU A 1 156 ? 8.347   -8.942  3.567   1.00 28.94 ? 147 GLU A CD  1 
ATOM   1030 O OE1 . GLU A 1 156 ? 7.682   -9.885  3.085   1.00 31.76 ? 147 GLU A OE1 1 
ATOM   1031 O OE2 . GLU A 1 156 ? 9.593   -8.925  3.511   1.00 31.73 ? 147 GLU A OE2 1 
ATOM   1032 N N   . ALA A 1 157 ? 4.932   -5.729  3.997   1.00 14.83 ? 148 ALA A N   1 
ATOM   1033 C CA  . ALA A 1 157 ? 4.115   -5.539  2.796   1.00 13.77 ? 148 ALA A CA  1 
ATOM   1034 C C   . ALA A 1 157 ? 5.025   -5.232  1.626   1.00 13.43 ? 148 ALA A C   1 
ATOM   1035 O O   . ALA A 1 157 ? 5.936   -4.392  1.744   1.00 14.54 ? 148 ALA A O   1 
ATOM   1036 C CB  . ALA A 1 157 ? 3.130   -4.423  3.007   1.00 14.15 ? 148 ALA A CB  1 
ATOM   1037 N N   . LYS A 1 158 ? 4.811   -5.923  0.497   1.00 12.78 ? 149 LYS A N   1 
ATOM   1038 C CA  . LYS A 1 158 ? 5.667   -5.719  -0.664  1.00 13.55 ? 149 LYS A CA  1 
ATOM   1039 C C   . LYS A 1 158 ? 4.881   -5.903  -1.956  1.00 12.98 ? 149 LYS A C   1 
ATOM   1040 O O   . LYS A 1 158 ? 3.960   -6.701  -2.016  1.00 13.23 ? 149 LYS A O   1 
ATOM   1041 C CB  . LYS A 1 158 ? 6.898   -6.643  -0.646  1.00 14.93 ? 149 LYS A CB  1 
ATOM   1042 C CG  . LYS A 1 158 ? 6.607   -8.140  -0.614  1.00 17.75 ? 149 LYS A CG  1 
ATOM   1043 C CD  . LYS A 1 158 ? 7.920   -8.954  -0.519  1.00 22.49 ? 149 LYS A CD  1 
ATOM   1044 C CE  . LYS A 1 158 ? 7.731   -10.394 -0.967  1.00 26.72 ? 149 LYS A CE  1 
ATOM   1045 N NZ  . LYS A 1 158 ? 8.916   -11.274 -0.659  1.00 30.26 ? 149 LYS A NZ  1 
ATOM   1046 N N   . PHE A 1 159 ? 5.242   -5.162  -2.987  1.00 12.64 ? 150 PHE A N   1 
ATOM   1047 C CA  . PHE A 1 159 ? 4.657   -5.391  -4.308  1.00 12.87 ? 150 PHE A CA  1 
ATOM   1048 C C   . PHE A 1 159 ? 5.308   -6.622  -4.894  1.00 13.12 ? 150 PHE A C   1 
ATOM   1049 O O   . PHE A 1 159 ? 6.545   -6.710  -4.929  1.00 15.48 ? 150 PHE A O   1 
ATOM   1050 C CB  . PHE A 1 159 ? 4.879   -4.198  -5.243  1.00 12.78 ? 150 PHE A CB  1 
ATOM   1051 C CG  . PHE A 1 159 ? 3.921   -3.076  -5.013  1.00 13.50 ? 150 PHE A CG  1 
ATOM   1052 C CD1 . PHE A 1 159 ? 2.710   -3.010  -5.707  1.00 14.38 ? 150 PHE A CD1 1 
ATOM   1053 C CD2 . PHE A 1 159 ? 4.204   -2.093  -4.065  1.00 13.08 ? 150 PHE A CD2 1 
ATOM   1054 C CE1 . PHE A 1 159 ? 1.794   -1.967  -5.480  1.00 13.44 ? 150 PHE A CE1 1 
ATOM   1055 C CE2 . PHE A 1 159 ? 3.302   -1.052  -3.831  1.00 13.41 ? 150 PHE A CE2 1 
ATOM   1056 C CZ  . PHE A 1 159 ? 2.085   -0.983  -4.541  1.00 13.53 ? 150 PHE A CZ  1 
ATOM   1057 N N   . VAL A 1 160 ? 4.477   -7.563  -5.335  1.00 12.27 ? 151 VAL A N   1 
ATOM   1058 C CA  . VAL A 1 160 ? 4.983   -8.718  -6.093  1.00 13.41 ? 151 VAL A CA  1 
ATOM   1059 C C   . VAL A 1 160 ? 4.528   -8.748  -7.559  1.00 12.61 ? 151 VAL A C   1 
ATOM   1060 O O   . VAL A 1 160 ? 5.120   -9.473  -8.371  1.00 12.66 ? 151 VAL A O   1 
ATOM   1061 C CB  . VAL A 1 160 ? 4.663   -10.040 -5.376  1.00 13.91 ? 151 VAL A CB  1 
ATOM   1062 C CG1 . VAL A 1 160 ? 5.453   -10.137 -4.059  1.00 16.73 ? 151 VAL A CG1 1 
ATOM   1063 C CG2 . VAL A 1 160 ? 3.195   -10.174 -5.136  1.00 15.49 ? 151 VAL A CG2 1 
ATOM   1064 N N   . GLN A 1 161 ? 3.462   -8.014  -7.874  1.00 11.90 ? 152 GLN A N   1 
ATOM   1065 C CA  . GLN A 1 161 ? 3.078   -7.708  -9.252  1.00 12.21 ? 152 GLN A CA  1 
ATOM   1066 C C   . GLN A 1 161 ? 2.676   -6.246  -9.384  1.00 12.20 ? 152 GLN A C   1 
ATOM   1067 O O   . GLN A 1 161 ? 2.226   -5.612  -8.420  1.00 11.91 ? 152 GLN A O   1 
ATOM   1068 C CB  . GLN A 1 161 ? 1.901   -8.569  -9.717  1.00 13.12 ? 152 GLN A CB  1 
ATOM   1069 C CG  . GLN A 1 161 ? 2.211   -10.046 -9.775  1.00 12.72 ? 152 GLN A CG  1 
ATOM   1070 C CD  . GLN A 1 161 ? 1.125   -10.798 -10.504 1.00 12.91 ? 152 GLN A CD  1 
ATOM   1071 O OE1 . GLN A 1 161 ? 1.040   -10.698 -11.719 1.00 17.64 ? 152 GLN A OE1 1 
ATOM   1072 N NE2 . GLN A 1 161 ? 0.265   -11.500 -9.770  1.00 14.30 ? 152 GLN A NE2 1 
ATOM   1073 N N   . ASP A 1 162 ? 2.833   -5.703  -10.577 1.00 12.04 ? 153 ASP A N   1 
ATOM   1074 C CA  . ASP A 1 162 ? 2.511   -4.294  -10.813 1.00 12.99 ? 153 ASP A CA  1 
ATOM   1075 C C   . ASP A 1 162 ? 2.067   -4.103  -12.270 1.00 13.63 ? 153 ASP A C   1 
ATOM   1076 O O   . ASP A 1 162 ? 2.807   -4.438  -13.194 1.00 13.71 ? 153 ASP A O   1 
ATOM   1077 C CB  . ASP A 1 162 ? 3.778   -3.481  -10.495 1.00 13.58 ? 153 ASP A CB  1 
ATOM   1078 C CG  . ASP A 1 162 ? 3.570   -1.986  -10.503 1.00 14.80 ? 153 ASP A CG  1 
ATOM   1079 O OD1 . ASP A 1 162 ? 2.535   -1.491  -10.979 1.00 16.88 ? 153 ASP A OD1 1 
ATOM   1080 O OD2 . ASP A 1 162 ? 4.470   -1.223  -10.065 1.00 18.63 ? 153 ASP A OD2 1 
ATOM   1081 N N   . THR A 1 163 ? 0.862   -3.596  -12.477 1.00 14.91 ? 154 THR A N   1 
ATOM   1082 C CA  . THR A 1 163 ? 0.363   -3.430  -13.841 1.00 16.73 ? 154 THR A CA  1 
ATOM   1083 C C   . THR A 1 163 ? 1.271   -2.481  -14.637 1.00 17.67 ? 154 THR A C   1 
ATOM   1084 O O   . THR A 1 163 ? 1.365   -2.573  -15.858 1.00 18.37 ? 154 THR A O   1 
ATOM   1085 C CB  . THR A 1 163 ? -1.113  -2.942  -13.895 1.00 17.23 ? 154 THR A CB  1 
ATOM   1086 O OG1 . THR A 1 163 ? -1.300  -1.843  -13.002 1.00 19.09 ? 154 THR A OG1 1 
ATOM   1087 C CG2 . THR A 1 163 ? -2.074  -3.979  -13.346 1.00 19.37 ? 154 THR A CG2 1 
ATOM   1088 N N   . LEU A 1 164 ? 1.956   -1.589  -13.925 1.00 19.04 ? 155 LEU A N   1 
ATOM   1089 C CA  . LEU A 1 164 ? 2.846   -0.635  -14.566 1.00 19.95 ? 155 LEU A CA  1 
ATOM   1090 C C   . LEU A 1 164 ? 4.041   -1.338  -15.230 1.00 20.21 ? 155 LEU A C   1 
ATOM   1091 O O   . LEU A 1 164 ? 4.672   -0.806  -16.168 1.00 21.73 ? 155 LEU A O   1 
ATOM   1092 C CB  . LEU A 1 164 ? 3.297   0.398   -13.527 1.00 20.64 ? 155 LEU A CB  1 
ATOM   1093 C CG  . LEU A 1 164 ? 3.674   1.788   -13.989 1.00 22.30 ? 155 LEU A CG  1 
ATOM   1094 C CD1 . LEU A 1 164 ? 2.547   2.410   -14.810 1.00 22.91 ? 155 LEU A CD1 1 
ATOM   1095 C CD2 . LEU A 1 164 ? 4.027   2.634   -12.758 1.00 20.77 ? 155 LEU A CD2 1 
ATOM   1096 N N   . LYS A 1 165 ? 4.349   -2.540  -14.754 1.00 19.73 ? 156 LYS A N   1 
ATOM   1097 C CA  . LYS A 1 165 ? 5.456   -3.329  -15.256 1.00 19.80 ? 156 LYS A CA  1 
ATOM   1098 C C   . LYS A 1 165 ? 4.990   -4.429  -16.219 1.00 19.44 ? 156 LYS A C   1 
ATOM   1099 O O   . LYS A 1 165 ? 5.763   -5.320  -16.546 1.00 20.75 ? 156 LYS A O   1 
ATOM   1100 C CB  . LYS A 1 165 ? 6.230   -3.935  -14.090 1.00 20.08 ? 156 LYS A CB  1 
ATOM   1101 C CG  . LYS A 1 165 ? 6.991   -2.875  -13.295 1.00 21.52 ? 156 LYS A CG  1 
ATOM   1102 C CD  . LYS A 1 165 ? 7.858   -3.458  -12.200 1.00 24.46 ? 156 LYS A CD  1 
ATOM   1103 C CE  . LYS A 1 165 ? 8.587   -2.293  -11.502 1.00 24.06 ? 156 LYS A CE  1 
ATOM   1104 N NZ  . LYS A 1 165 ? 9.221   -2.650  -10.207 1.00 25.05 ? 156 LYS A NZ  1 
ATOM   1105 N N   . GLY A 1 166 ? 3.734   -4.354  -16.635 1.00 18.98 ? 157 GLY A N   1 
ATOM   1106 C CA  . GLY A 1 166 ? 3.174   -5.283  -17.612 1.00 18.64 ? 157 GLY A CA  1 
ATOM   1107 C C   . GLY A 1 166 ? 2.572   -6.552  -17.027 1.00 17.79 ? 157 GLY A C   1 
ATOM   1108 O O   . GLY A 1 166 ? 2.201   -7.473  -17.776 1.00 17.71 ? 157 GLY A O   1 
ATOM   1109 N N   . ASP A 1 167 ? 2.464   -6.620  -15.703 1.00 16.35 ? 158 ASP A N   1 
ATOM   1110 C CA  . ASP A 1 167 ? 1.770   -7.738  -15.063 1.00 15.22 ? 158 ASP A CA  1 
ATOM   1111 C C   . ASP A 1 167 ? 0.262   -7.613  -15.241 1.00 14.40 ? 158 ASP A C   1 
ATOM   1112 O O   . ASP A 1 167 ? -0.236  -6.542  -15.545 1.00 15.40 ? 158 ASP A O   1 
ATOM   1113 C CB  . ASP A 1 167 ? 2.113   -7.817  -13.570 1.00 13.85 ? 158 ASP A CB  1 
ATOM   1114 C CG  . ASP A 1 167 ? 3.597   -8.006  -13.323 1.00 16.23 ? 158 ASP A CG  1 
ATOM   1115 O OD1 . ASP A 1 167 ? 4.271   -8.758  -14.078 1.00 17.24 ? 158 ASP A OD1 1 
ATOM   1116 O OD2 . ASP A 1 167 ? 4.195   -7.448  -12.382 1.00 16.07 ? 158 ASP A OD2 1 
ATOM   1117 N N   . GLY A 1 168 ? -0.479  -8.710  -15.060 1.00 14.05 ? 159 GLY A N   1 
ATOM   1118 C CA  . GLY A 1 168 ? -1.906  -8.690  -15.361 1.00 14.84 ? 159 GLY A CA  1 
ATOM   1119 C C   . GLY A 1 168 ? -2.751  -8.069  -14.253 1.00 14.34 ? 159 GLY A C   1 
ATOM   1120 O O   . GLY A 1 168 ? -3.916  -7.694  -14.471 1.00 15.84 ? 159 GLY A O   1 
ATOM   1121 N N   . VAL A 1 169 ? -2.148  -7.985  -13.064 1.00 13.74 ? 160 VAL A N   1 
ATOM   1122 C CA  . VAL A 1 169 ? -2.753  -7.349  -11.892 1.00 12.73 ? 160 VAL A CA  1 
ATOM   1123 C C   . VAL A 1 169 ? -1.647  -6.635  -11.110 1.00 12.17 ? 160 VAL A C   1 
ATOM   1124 O O   . VAL A 1 169 ? -0.458  -6.832  -11.372 1.00 12.21 ? 160 VAL A O   1 
ATOM   1125 C CB  . VAL A 1 169 ? -3.417  -8.387  -10.938 1.00 12.68 ? 160 VAL A CB  1 
ATOM   1126 C CG1 . VAL A 1 169 ? -4.589  -9.074  -11.583 1.00 13.77 ? 160 VAL A CG1 1 
ATOM   1127 C CG2 . VAL A 1 169 ? -2.400  -9.425  -10.411 1.00 13.64 ? 160 VAL A CG2 1 
ATOM   1128 N N   . THR A 1 170 ? -2.046  -5.816  -10.143 1.00 11.40 ? 161 THR A N   1 
ATOM   1129 C CA  . THR A 1 170 ? -1.109  -5.334  -9.130  1.00 12.25 ? 161 THR A CA  1 
ATOM   1130 C C   . THR A 1 170 ? -1.349  -6.154  -7.881  1.00 11.16 ? 161 THR A C   1 
ATOM   1131 O O   . THR A 1 170 ? -2.491  -6.358  -7.510  1.00 12.28 ? 161 THR A O   1 
ATOM   1132 C CB  . THR A 1 170 ? -1.372  -3.858  -8.876  1.00 12.24 ? 161 THR A CB  1 
ATOM   1133 O OG1 . THR A 1 170 ? -0.961  -3.136  -10.054 1.00 12.43 ? 161 THR A OG1 1 
ATOM   1134 C CG2 . THR A 1 170 ? -0.455  -3.327  -7.782  1.00 13.44 ? 161 THR A CG2 1 
ATOM   1135 N N   . GLU A 1 171 ? -0.276  -6.664  -7.280  1.00 11.09 ? 162 GLU A N   1 
ATOM   1136 C CA  . GLU A 1 171 ? -0.398  -7.569  -6.141  1.00 11.55 ? 162 GLU A CA  1 
ATOM   1137 C C   . GLU A 1 171 ? 0.503   -7.078  -5.025  1.00 11.39 ? 162 GLU A C   1 
ATOM   1138 O O   . GLU A 1 171 ? 1.718   -6.903  -5.219  1.00 11.46 ? 162 GLU A O   1 
ATOM   1139 C CB  . GLU A 1 171 ? 0.000   -9.020  -6.516  1.00 11.40 ? 162 GLU A CB  1 
ATOM   1140 C CG  . GLU A 1 171 ? -0.191  -10.012 -5.355  1.00 12.00 ? 162 GLU A CG  1 
ATOM   1141 C CD  . GLU A 1 171 ? 0.183   -11.444 -5.718  1.00 14.88 ? 162 GLU A CD  1 
ATOM   1142 O OE1 . GLU A 1 171 ? 0.517   -11.703 -6.896  1.00 14.50 ? 162 GLU A OE1 1 
ATOM   1143 O OE2 . GLU A 1 171 ? 0.140   -12.337 -4.822  1.00 16.77 ? 162 GLU A OE2 1 
ATOM   1144 N N   . ILE A 1 172 ? -0.107  -6.848  -3.856  1.00 11.58 ? 163 ILE A N   1 
ATOM   1145 C CA  . ILE A 1 172 ? 0.647   -6.553  -2.632  1.00 12.09 ? 163 ILE A CA  1 
ATOM   1146 C C   . ILE A 1 172 ? 0.566   -7.771  -1.719  1.00 12.57 ? 163 ILE A C   1 
ATOM   1147 O O   . ILE A 1 172 ? -0.536  -8.197  -1.344  1.00 13.39 ? 163 ILE A O   1 
ATOM   1148 C CB  . ILE A 1 172 ? 0.089   -5.304  -1.922  1.00 12.89 ? 163 ILE A CB  1 
ATOM   1149 C CG1 . ILE A 1 172 ? 0.243   -4.065  -2.812  1.00 13.96 ? 163 ILE A CG1 1 
ATOM   1150 C CG2 . ILE A 1 172 ? 0.826   -5.082  -0.607  1.00 13.50 ? 163 ILE A CG2 1 
ATOM   1151 C CD1 . ILE A 1 172 ? -0.530  -2.837  -2.268  1.00 14.57 ? 163 ILE A CD1 1 
ATOM   1152 N N   . ARG A 1 173 ? 1.725   -8.349  -1.408  1.00 13.11 ? 164 ARG A N   1 
ATOM   1153 C CA  . ARG A 1 173 ? 1.813   -9.527  -0.532  1.00 14.07 ? 164 ARG A CA  1 
ATOM   1154 C C   . ARG A 1 173 ? 2.020   -9.018  0.877   1.00 14.07 ? 164 ARG A C   1 
ATOM   1155 O O   . ARG A 1 173 ? 2.866   -8.153  1.091   1.00 13.42 ? 164 ARG A O   1 
ATOM   1156 C CB  . ARG A 1 173 ? 3.009   -10.396 -0.958  1.00 15.07 ? 164 ARG A CB  1 
ATOM   1157 C CG  . ARG A 1 173 ? 3.119   -11.741 -0.226  1.00 17.35 ? 164 ARG A CG  1 
ATOM   1158 C CD  . ARG A 1 173 ? 2.164   -12.757 -0.800  1.00 19.83 ? 164 ARG A CD  1 
ATOM   1159 N NE  . ARG A 1 173 ? 2.181   -14.064 -0.143  1.00 19.13 ? 164 ARG A NE  1 
ATOM   1160 C CZ  . ARG A 1 173 ? 1.136   -14.877 -0.116  1.00 17.32 ? 164 ARG A CZ  1 
ATOM   1161 N NH1 . ARG A 1 173 ? -0.011  -14.520 -0.682  1.00 18.04 ? 164 ARG A NH1 1 
ATOM   1162 N NH2 . ARG A 1 173 ? 1.233   -16.062 0.481   1.00 21.22 ? 164 ARG A NH2 1 
ATOM   1163 N N   . MET A 1 174 ? 1.230   -9.515  1.824   1.00 13.84 ? 165 MET A N   1 
ATOM   1164 C CA  . MET A 1 174 ? 1.351   -9.067  3.218   1.00 14.60 ? 165 MET A CA  1 
ATOM   1165 C C   . MET A 1 174 ? 1.659   -10.286 4.103   1.00 15.41 ? 165 MET A C   1 
ATOM   1166 O O   . MET A 1 174 ? 1.006   -11.320 3.982   1.00 15.92 ? 165 MET A O   1 
ATOM   1167 C CB  . MET A 1 174 ? 0.099   -8.263  3.688   1.00 16.52 ? 165 MET A CB  1 
ATOM   1168 C CG  . MET A 1 174 ? 0.095   -6.660  3.327   1.00 16.51 ? 165 MET A CG  1 
ATOM   1169 S SD  . MET A 1 174 ? -1.291  -5.920  4.106   1.00 31.63 ? 165 MET A SD  1 
ATOM   1170 C CE  . MET A 1 174 ? -0.527  -5.462  5.496   1.00 20.74 ? 165 MET A CE  1 
ATOM   1171 N N   . ARG A 1 175 ? 2.658   -10.164 4.966   1.00 15.62 ? 166 ARG A N   1 
ATOM   1172 C CA  . ARG A 1 175 ? 3.054   -11.263 5.843   1.00 16.77 ? 166 ARG A CA  1 
ATOM   1173 C C   . ARG A 1 175 ? 3.022   -10.815 7.303   1.00 17.13 ? 166 ARG A C   1 
ATOM   1174 O O   . ARG A 1 175 ? 3.563   -9.782  7.655   1.00 17.75 ? 166 ARG A O   1 
ATOM   1175 C CB  . ARG A 1 175 ? 4.459   -11.761 5.435   1.00 17.46 ? 166 ARG A CB  1 
ATOM   1176 C CG  . ARG A 1 175 ? 5.053   -12.809 6.381   1.00 20.22 ? 166 ARG A CG  1 
ATOM   1177 C CD  . ARG A 1 175 ? 6.428   -13.339 5.962   1.00 26.48 ? 166 ARG A CD  1 
ATOM   1178 N NE  . ARG A 1 175 ? 7.459   -12.298 5.895   1.00 31.36 ? 166 ARG A NE  1 
ATOM   1179 C CZ  . ARG A 1 175 ? 8.331   -12.018 6.865   1.00 33.69 ? 166 ARG A CZ  1 
ATOM   1180 N NH1 . ARG A 1 175 ? 8.316   -12.690 8.012   1.00 35.98 ? 166 ARG A NH1 1 
ATOM   1181 N NH2 . ARG A 1 175 ? 9.229   -11.058 6.681   1.00 35.67 ? 166 ARG A NH2 1 
ATOM   1182 N N   . PHE A 1 176 ? 2.324   -11.575 8.149   1.00 17.90 ? 167 PHE A N   1 
ATOM   1183 C CA  . PHE A 1 176 ? 2.347   -11.311 9.582   1.00 19.85 ? 167 PHE A CA  1 
ATOM   1184 C C   . PHE A 1 176 ? 3.637   -11.849 10.213  1.00 21.10 ? 167 PHE A C   1 
ATOM   1185 O O   . PHE A 1 176 ? 3.974   -13.029 10.057  1.00 21.62 ? 167 PHE A O   1 
ATOM   1186 C CB  . PHE A 1 176 ? 1.128   -11.948 10.250  1.00 20.69 ? 167 PHE A CB  1 
ATOM   1187 C CG  . PHE A 1 176 ? 1.140   -11.823 11.749  1.00 22.66 ? 167 PHE A CG  1 
ATOM   1188 C CD1 . PHE A 1 176 ? 0.577   -10.723 12.376  1.00 26.56 ? 167 PHE A CD1 1 
ATOM   1189 C CD2 . PHE A 1 176 ? 1.760   -12.799 12.534  1.00 27.14 ? 167 PHE A CD2 1 
ATOM   1190 C CE1 . PHE A 1 176 ? 0.607   -10.598 13.774  1.00 27.05 ? 167 PHE A CE1 1 
ATOM   1191 C CE2 . PHE A 1 176 ? 1.791   -12.686 13.925  1.00 29.11 ? 167 PHE A CE2 1 
ATOM   1192 C CZ  . PHE A 1 176 ? 1.210   -11.585 14.542  1.00 29.46 ? 167 PHE A CZ  1 
ATOM   1193 N N   . ILE A 1 177 ? 4.357   -10.972 10.906  1.00 21.69 ? 168 ILE A N   1 
ATOM   1194 C CA  . ILE A 1 177 ? 5.644   -11.332 11.519  1.00 23.31 ? 168 ILE A CA  1 
ATOM   1195 C C   . ILE A 1 177 ? 5.484   -11.697 12.991  1.00 24.86 ? 168 ILE A C   1 
ATOM   1196 O O   . ILE A 1 177 ? 5.848   -12.807 13.409  1.00 24.97 ? 168 ILE A O   1 
ATOM   1197 C CB  . ILE A 1 177 ? 6.660   -10.185 11.350  1.00 23.23 ? 168 ILE A CB  1 
ATOM   1198 C CG1 . ILE A 1 177 ? 6.838   -9.856  9.863   1.00 23.44 ? 168 ILE A CG1 1 
ATOM   1199 C CG2 . ILE A 1 177 ? 8.021   -10.542 11.987  1.00 23.52 ? 168 ILE A CG2 1 
ATOM   1200 C CD1 . ILE A 1 177 ? 7.623   -8.586  9.601   1.00 27.29 ? 168 ILE A CD1 1 
ATOM   1201 N N   . ARG A 1 178 ? 4.949   -10.765 13.771  1.00 26.31 ? 169 ARG A N   1 
ATOM   1202 C CA  . ARG A 1 178 ? 4.823   -10.944 15.215  1.00 28.33 ? 169 ARG A CA  1 
ATOM   1203 C C   . ARG A 1 178 ? 3.861   -9.931  15.792  1.00 29.01 ? 169 ARG A C   1 
ATOM   1204 O O   . ARG A 1 178 ? 3.638   -8.868  15.208  1.00 29.07 ? 169 ARG A O   1 
ATOM   1205 C CB  . ARG A 1 178 ? 6.196   -10.833 15.915  1.00 28.43 ? 169 ARG A CB  1 
ATOM   1206 C CG  . ARG A 1 178 ? 6.926   -9.511  15.697  1.00 30.64 ? 169 ARG A CG  1 
ATOM   1207 C CD  . ARG A 1 178 ? 8.266   -9.384  16.421  1.00 33.85 ? 169 ARG A CD  1 
ATOM   1208 N NE  . ARG A 1 178 ? 8.076   -9.117  17.849  1.00 38.27 ? 169 ARG A NE  1 
ATOM   1209 C CZ  . ARG A 1 178 ? 7.991   -7.905  18.389  1.00 39.21 ? 169 ARG A CZ  1 
ATOM   1210 N NH1 . ARG A 1 178 ? 8.089   -6.819  17.631  1.00 40.52 ? 169 ARG A NH1 1 
ATOM   1211 N NH2 . ARG A 1 178 ? 7.810   -7.775  19.700  1.00 40.65 ? 169 ARG A NH2 1 
ATOM   1212 N N   . ARG A 1 179 ? 3.277   -10.272 16.935  1.00 30.00 ? 170 ARG A N   1 
ATOM   1213 C CA  . ARG A 1 179 ? 2.590   -9.292  17.751  1.00 31.54 ? 170 ARG A CA  1 
ATOM   1214 C C   . ARG A 1 179 ? 3.630   -8.422  18.464  1.00 31.63 ? 170 ARG A C   1 
ATOM   1215 O O   . ARG A 1 179 ? 4.681   -8.920  18.922  1.00 31.66 ? 170 ARG A O   1 
ATOM   1216 C CB  . ARG A 1 179 ? 1.657   -9.980  18.749  1.00 32.00 ? 170 ARG A CB  1 
ATOM   1217 C CG  . ARG A 1 179 ? 0.861   -9.019  19.606  1.00 34.87 ? 170 ARG A CG  1 
ATOM   1218 C CD  . ARG A 1 179 ? -0.600  -8.924  19.227  1.00 39.27 ? 170 ARG A CD  1 
ATOM   1219 N NE  . ARG A 1 179 ? -1.469  -9.244  20.358  1.00 42.25 ? 170 ARG A NE  1 
ATOM   1220 C CZ  . ARG A 1 179 ? -1.849  -8.375  21.293  1.00 43.74 ? 170 ARG A CZ  1 
ATOM   1221 N NH1 . ARG A 1 179 ? -1.436  -7.110  21.256  1.00 43.89 ? 170 ARG A NH1 1 
ATOM   1222 N NH2 . ARG A 1 179 ? -2.648  -8.777  22.276  1.00 44.04 ? 170 ARG A NH2 1 
ATOM   1223 N N   . ILE A 1 180 ? 3.348   -7.122  18.525  1.00 31.75 ? 171 ILE A N   1 
ATOM   1224 C CA  . ILE A 1 180 ? 4.222   -6.150  19.179  1.00 32.13 ? 171 ILE A CA  1 
ATOM   1225 C C   . ILE A 1 180 ? 3.754   -5.909  20.615  1.00 32.53 ? 171 ILE A C   1 
ATOM   1226 O O   . ILE A 1 180 ? 2.579   -6.095  20.931  1.00 33.21 ? 171 ILE A O   1 
ATOM   1227 C CB  . ILE A 1 180 ? 4.251   -4.818  18.389  1.00 31.73 ? 171 ILE A CB  1 
ATOM   1228 C CG1 . ILE A 1 180 ? 4.833   -5.042  16.985  1.00 31.58 ? 171 ILE A CG1 1 
ATOM   1229 C CG2 . ILE A 1 180 ? 5.052   -3.765  19.141  1.00 32.56 ? 171 ILE A CG2 1 
ATOM   1230 C CD1 . ILE A 1 180 ? 4.597   -3.895  16.002  1.00 30.59 ? 171 ILE A CD1 1 
HETATM 1231 C C1  . PLM B 2 .   ? -8.704  -6.359  13.978  1.00 20.79 ? 221 PLM A C1  1 
HETATM 1232 O O1  . PLM B 2 .   ? -8.168  -7.524  14.125  1.00 21.27 ? 221 PLM A O1  1 
HETATM 1233 C C2  . PLM B 2 .   ? -8.726  -5.644  12.656  1.00 20.34 ? 221 PLM A C2  1 
HETATM 1234 C C3  . PLM B 2 .   ? -7.847  -4.409  12.750  1.00 22.19 ? 221 PLM A C3  1 
HETATM 1235 C C4  . PLM B 2 .   ? -7.986  -3.691  11.420  1.00 21.51 ? 221 PLM A C4  1 
HETATM 1236 C C5  . PLM B 2 .   ? -7.011  -2.527  11.291  1.00 23.30 ? 221 PLM A C5  1 
HETATM 1237 C C6  . PLM B 2 .   ? -7.111  -1.967  9.869   1.00 24.34 ? 221 PLM A C6  1 
HETATM 1238 C C7  . PLM B 2 .   ? -6.292  -0.699  9.708   1.00 26.46 ? 221 PLM A C7  1 
HETATM 1239 C C8  . PLM B 2 .   ? -6.552  -0.060  8.348   1.00 26.42 ? 221 PLM A C8  1 
HETATM 1240 C C9  . PLM B 2 .   ? -6.119  1.403   8.366   1.00 27.83 ? 221 PLM A C9  1 
HETATM 1241 C CA  . PLM B 2 .   ? -5.040  1.840   7.374   1.00 24.99 ? 221 PLM A CA  1 
HETATM 1242 C CB  . PLM B 2 .   ? -4.813  0.961   6.146   1.00 25.37 ? 221 PLM A CB  1 
HETATM 1243 C CC  . PLM B 2 .   ? -4.846  1.850   4.906   1.00 23.15 ? 221 PLM A CC  1 
HETATM 1244 C CD  . PLM B 2 .   ? -4.737  1.029   3.630   1.00 26.45 ? 221 PLM A CD  1 
HETATM 1245 C CE  . PLM B 2 .   ? -5.526  1.648   2.477   1.00 27.79 ? 221 PLM A CE  1 
HETATM 1246 C CF  . PLM B 2 .   ? -4.627  2.379   1.489   1.00 29.48 ? 221 PLM A CF  1 
HETATM 1247 C CG  . PLM B 2 .   ? -3.304  1.641   1.274   1.00 31.96 ? 221 PLM A CG  1 
HETATM 1248 O O   . HOH C 3 .   ? 3.716   -3.392  11.014  1.00 14.71 ? 222 HOH A O   1 
HETATM 1249 O O   . HOH C 3 .   ? 0.857   -11.158 -14.368 1.00 14.21 ? 223 HOH A O   1 
HETATM 1250 O O   . HOH C 3 .   ? 21.029  2.670   -4.274  1.00 16.30 ? 224 HOH A O   1 
HETATM 1251 O O   . HOH C 3 .   ? 6.866   -3.643  4.522   1.00 18.60 ? 225 HOH A O   1 
HETATM 1252 O O   . HOH C 3 .   ? 7.381   -3.209  -2.475  1.00 16.05 ? 226 HOH A O   1 
HETATM 1253 O O   . HOH C 3 .   ? 20.790  1.261   -7.087  1.00 19.31 ? 227 HOH A O   1 
HETATM 1254 O O   . HOH C 3 .   ? 6.670   -2.454  -8.938  1.00 23.48 ? 228 HOH A O   1 
HETATM 1255 O O   . HOH C 3 .   ? 6.515   0.654   -10.707 1.00 15.31 ? 229 HOH A O   1 
HETATM 1256 O O   . HOH C 3 .   ? 4.117   0.026   -7.495  1.00 17.19 ? 230 HOH A O   1 
HETATM 1257 O O   . HOH C 3 .   ? 0.673   9.041   -10.036 1.00 16.83 ? 231 HOH A O   1 
HETATM 1258 O O   . HOH C 3 .   ? -8.699  14.198  -6.752  1.00 19.69 ? 232 HOH A O   1 
HETATM 1259 O O   . HOH C 3 .   ? -12.098 -12.629 9.261   1.00 21.64 ? 233 HOH A O   1 
HETATM 1260 O O   . HOH C 3 .   ? -12.970 -6.281  15.903  1.00 19.24 ? 234 HOH A O   1 
HETATM 1261 O O   . HOH C 3 .   ? 7.524   17.345  -8.874  1.00 21.23 ? 235 HOH A O   1 
HETATM 1262 O O   . HOH C 3 .   ? 3.664   -11.274 -15.066 1.00 19.13 ? 236 HOH A O   1 
HETATM 1263 O O   . HOH C 3 .   ? 7.530   -4.959  10.311  1.00 24.28 ? 237 HOH A O   1 
HETATM 1264 O O   . HOH C 3 .   ? -10.488 12.120  -11.119 1.00 30.82 ? 238 HOH A O   1 
HETATM 1265 O O   . HOH C 3 .   ? -11.754 -10.766 -1.358  1.00 27.05 ? 239 HOH A O   1 
HETATM 1266 O O   . HOH C 3 .   ? -12.193 -8.003  -0.926  1.00 22.18 ? 240 HOH A O   1 
HETATM 1267 O O   . HOH C 3 .   ? -15.283 1.932   3.321   1.00 28.70 ? 241 HOH A O   1 
HETATM 1268 O O   . HOH C 3 .   ? 5.347   -9.810  2.095   1.00 24.18 ? 242 HOH A O   1 
HETATM 1269 O O   . HOH C 3 .   ? 18.334  3.786   -10.786 1.00 24.41 ? 243 HOH A O   1 
HETATM 1270 O O   . HOH C 3 .   ? 1.833   -14.397 -4.482  1.00 28.17 ? 244 HOH A O   1 
HETATM 1271 O O   . HOH C 3 .   ? 19.601  3.008   -1.883  1.00 27.02 ? 245 HOH A O   1 
HETATM 1272 O O   . HOH C 3 .   ? 4.991   11.045  5.398   1.00 23.29 ? 246 HOH A O   1 
HETATM 1273 O O   . HOH C 3 .   ? 18.154  1.157   -10.380 1.00 27.60 ? 247 HOH A O   1 
HETATM 1274 O O   . HOH C 3 .   ? 2.336   14.664  -11.624 1.00 26.05 ? 248 HOH A O   1 
HETATM 1275 O O   . HOH C 3 .   ? 6.372   -3.106  12.032  1.00 23.00 ? 249 HOH A O   1 
HETATM 1276 O O   . HOH C 3 .   ? 7.052   12.158  5.737   1.00 28.13 ? 250 HOH A O   1 
HETATM 1277 O O   . HOH C 3 .   ? 1.651   -7.644  -20.398 1.00 26.58 ? 251 HOH A O   1 
HETATM 1278 O O   . HOH C 3 .   ? 4.955   -11.602 -17.455 1.00 26.17 ? 252 HOH A O   1 
HETATM 1279 O O   . HOH C 3 .   ? 22.221  5.109   -3.774  1.00 26.06 ? 253 HOH A O   1 
HETATM 1280 O O   . HOH C 3 .   ? 13.742  -1.250  -3.658  1.00 28.70 ? 254 HOH A O   1 
HETATM 1281 O O   . HOH C 3 .   ? -9.008  -11.494 -7.663  1.00 30.66 ? 255 HOH A O   1 
HETATM 1282 O O   . HOH C 3 .   ? -12.983 -1.778  -6.826  1.00 28.88 ? 256 HOH A O   1 
HETATM 1283 O O   . HOH C 3 .   ? -15.834 -4.317  16.808  1.00 27.79 ? 257 HOH A O   1 
HETATM 1284 O O   . HOH C 3 .   ? 3.030   11.632  7.374   1.00 28.38 ? 258 HOH A O   1 
HETATM 1285 O O   . HOH C 3 .   ? -8.467  -17.557 5.267   1.00 32.79 ? 259 HOH A O   1 
HETATM 1286 O O   . HOH C 3 .   ? -7.667  -2.414  16.430  1.00 32.98 ? 260 HOH A O   1 
HETATM 1287 O O   . HOH C 3 .   ? 15.829  0.941   -12.496 1.00 37.50 ? 261 HOH A O   1 
HETATM 1288 O O   . HOH C 3 .   ? -1.661  -19.036 -2.636  1.00 40.76 ? 262 HOH A O   1 
HETATM 1289 O O   . HOH C 3 .   ? -6.655  -18.436 -0.724  1.00 29.26 ? 263 HOH A O   1 
HETATM 1290 O O   . HOH C 3 .   ? -8.714  -2.647  -8.239  1.00 28.64 ? 264 HOH A O   1 
HETATM 1291 O O   . HOH C 3 .   ? 10.104  18.047  -8.991  1.00 26.58 ? 265 HOH A O   1 
HETATM 1292 O O   . HOH C 3 .   ? -5.971  -6.197  -14.172 1.00 25.96 ? 266 HOH A O   1 
HETATM 1293 O O   . HOH C 3 .   ? -14.828 5.733   -0.901  1.00 32.32 ? 267 HOH A O   1 
HETATM 1294 O O   . HOH C 3 .   ? -15.656 -2.879  -0.026  1.00 27.24 ? 268 HOH A O   1 
HETATM 1295 O O   . HOH C 3 .   ? -15.057 -7.513  -1.338  1.00 31.96 ? 269 HOH A O   1 
HETATM 1296 O O   . HOH C 3 .   ? 6.421   -6.587  -11.560 1.00 30.75 ? 270 HOH A O   1 
HETATM 1297 O O   . HOH C 3 .   ? -6.396  -14.913 11.517  1.00 27.90 ? 271 HOH A O   1 
HETATM 1298 O O   . HOH C 3 .   ? 8.324   -3.751  0.595   1.00 28.79 ? 272 HOH A O   1 
HETATM 1299 O O   . HOH C 3 .   ? -9.273  -7.170  -7.729  1.00 31.51 ? 273 HOH A O   1 
HETATM 1300 O O   . HOH C 3 .   ? 5.197   14.719  -11.858 1.00 28.73 ? 274 HOH A O   1 
HETATM 1301 O O   . HOH C 3 .   ? 6.212   -5.384  -8.628  1.00 30.76 ? 275 HOH A O   1 
HETATM 1302 O O   . HOH C 3 .   ? 5.651   10.800  -11.450 1.00 31.99 ? 276 HOH A O   1 
HETATM 1303 O O   . HOH C 3 .   ? 12.654  -3.096  -7.670  1.00 31.50 ? 277 HOH A O   1 
HETATM 1304 O O   . HOH C 3 .   ? -11.564 8.475   -9.773  1.00 33.42 ? 278 HOH A O   1 
HETATM 1305 O O   . HOH C 3 .   ? -13.057 -6.854  -5.427  1.00 32.79 ? 279 HOH A O   1 
HETATM 1306 O O   . HOH C 3 .   ? 15.562  -0.423  -2.063  1.00 31.00 ? 280 HOH A O   1 
HETATM 1307 O O   . HOH C 3 .   ? 6.978   -11.474 -7.971  1.00 22.65 ? 281 HOH A O   1 
HETATM 1308 O O   . HOH C 3 .   ? -6.325  -18.014 -4.058  1.00 34.84 ? 282 HOH A O   1 
HETATM 1309 O O   . HOH C 3 .   ? 15.392  19.706  -4.789  1.00 38.57 ? 283 HOH A O   1 
HETATM 1310 O O   . HOH C 3 .   ? -6.508  -1.130  19.320  1.00 48.77 ? 284 HOH A O   1 
HETATM 1311 O O   . HOH C 3 .   ? 18.043  6.544   0.879   1.00 34.73 ? 285 HOH A O   1 
HETATM 1312 O O   . HOH C 3 .   ? -9.793  -14.673 1.348   1.00 39.38 ? 286 HOH A O   1 
HETATM 1313 O O   . HOH C 3 .   ? 12.433  14.129  -11.792 1.00 33.11 ? 287 HOH A O   1 
HETATM 1314 O O   . HOH C 3 .   ? -10.319 -13.236 3.915   1.00 31.91 ? 288 HOH A O   1 
HETATM 1315 O O   . HOH C 3 .   ? -12.613 1.342   15.688  1.00 30.19 ? 289 HOH A O   1 
HETATM 1316 O O   . HOH C 3 .   ? 0.890   15.808  7.411   1.00 31.43 ? 290 HOH A O   1 
HETATM 1317 O O   . HOH C 3 .   ? 3.851   9.856   11.581  1.00 28.95 ? 291 HOH A O   1 
HETATM 1318 O O   . HOH C 3 .   ? -16.034 4.319   2.039   1.00 39.11 ? 292 HOH A O   1 
HETATM 1319 O O   . HOH C 3 .   ? 15.525  7.780   -9.888  1.00 33.19 ? 293 HOH A O   1 
HETATM 1320 O O   . HOH C 3 .   ? 13.647  21.194  -9.405  1.00 36.87 ? 294 HOH A O   1 
HETATM 1321 O O   . HOH C 3 .   ? -16.129 -3.011  19.254  1.00 39.23 ? 295 HOH A O   1 
HETATM 1322 O O   . HOH C 3 .   ? -8.565  -16.306 12.326  1.00 42.53 ? 296 HOH A O   1 
HETATM 1323 O O   . HOH C 3 .   ? 11.847  17.697  -11.548 1.00 45.55 ? 297 HOH A O   1 
HETATM 1324 O O   . HOH C 3 .   ? 9.312   -4.224  4.843   1.00 32.76 ? 298 HOH A O   1 
HETATM 1325 O O   . HOH C 3 .   ? -16.612 -9.463  -0.237  1.00 36.81 ? 299 HOH A O   1 
HETATM 1326 O O   . HOH C 3 .   ? -12.226 -17.607 9.369   1.00 39.63 ? 300 HOH A O   1 
HETATM 1327 O O   . HOH C 3 .   ? -16.677 -5.524  -0.115  1.00 36.50 ? 301 HOH A O   1 
HETATM 1328 O O   . HOH C 3 .   ? 7.707   -4.012  14.352  1.00 35.74 ? 302 HOH A O   1 
HETATM 1329 O O   . HOH C 3 .   ? 5.835   -8.165  -16.331 1.00 34.95 ? 303 HOH A O   1 
HETATM 1330 O O   . HOH C 3 .   ? 14.743  12.693  -12.451 1.00 37.79 ? 304 HOH A O   1 
HETATM 1331 O O   . HOH C 3 .   ? -10.100 -5.645  -14.783 1.00 38.43 ? 305 HOH A O   1 
HETATM 1332 O O   . HOH C 3 .   ? 14.721  -1.364  -0.149  1.00 35.58 ? 306 HOH A O   1 
HETATM 1333 O O   . HOH C 3 .   ? 16.801  -1.981  1.604   1.00 24.21 ? 307 HOH A O   1 
HETATM 1334 O O   . HOH C 3 .   ? -18.101 0.933   17.015  1.00 36.24 ? 308 HOH A O   1 
HETATM 1335 O O   . HOH C 3 .   ? -11.465 0.478   25.384  1.00 36.63 ? 309 HOH A O   1 
HETATM 1336 O O   . HOH C 3 .   ? -0.567  -4.655  -17.467 1.00 44.73 ? 310 HOH A O   1 
HETATM 1337 O O   . HOH C 3 .   ? 8.267   -12.871 3.189   1.00 43.83 ? 311 HOH A O   1 
HETATM 1338 O O   . HOH C 3 .   ? 18.514  14.867  -1.714  1.00 41.04 ? 312 HOH A O   1 
HETATM 1339 O O   . HOH C 3 .   ? -1.164  6.357   15.422  1.00 40.22 ? 313 HOH A O   1 
HETATM 1340 O O   . HOH C 3 .   ? 12.122  -3.100  -2.499  1.00 35.69 ? 314 HOH A O   1 
HETATM 1341 O O   . HOH C 3 .   ? -13.275 -10.766 -3.645  1.00 43.42 ? 315 HOH A O   1 
HETATM 1342 O O   . HOH C 3 .   ? 20.999  8.811   -4.555  1.00 38.66 ? 316 HOH A O   1 
HETATM 1343 O O   . HOH C 3 .   ? 2.942   -2.484  -19.617 1.00 47.63 ? 317 HOH A O   1 
HETATM 1344 O O   . HOH C 3 .   ? 10.532  -1.826  4.595   1.00 39.52 ? 318 HOH A O   1 
HETATM 1345 O O   . HOH C 3 .   ? -12.409 -12.334 0.579   1.00 41.87 ? 319 HOH A O   1 
HETATM 1346 O O   . HOH C 3 .   ? 8.229   -8.096  -8.787  1.00 40.42 ? 320 HOH A O   1 
HETATM 1347 O O   . HOH C 3 .   ? -4.157  -13.731 13.784  1.00 35.11 ? 321 HOH A O   1 
HETATM 1348 O O   . HOH C 3 .   ? 22.778  5.623   -8.890  1.00 44.52 ? 322 HOH A O   1 
HETATM 1349 O O   . HOH C 3 .   ? -10.217 -4.636  -7.393  1.00 47.06 ? 323 HOH A O   1 
HETATM 1350 O O   . HOH C 3 .   ? 10.762  -1.377  -1.197  1.00 35.68 ? 324 HOH A O   1 
HETATM 1351 O O   . HOH C 3 .   ? 4.492   12.319  9.844   1.00 46.91 ? 325 HOH A O   1 
HETATM 1352 O O   . HOH C 3 .   ? 8.976   -8.832  -4.708  1.00 37.94 ? 326 HOH A O   1 
HETATM 1353 O O   . HOH C 3 .   ? 10.964  -5.379  -3.389  1.00 38.44 ? 327 HOH A O   1 
HETATM 1354 O O   . HOH C 3 .   ? 3.977   -13.131 17.837  1.00 36.46 ? 328 HOH A O   1 
HETATM 1355 O O   . HOH C 3 .   ? -6.676  -13.829 16.635  1.00 40.21 ? 329 HOH A O   1 
HETATM 1356 O O   . HOH C 3 .   ? -10.155 5.757   -7.052  1.00 44.69 ? 330 HOH A O   1 
HETATM 1357 O O   . HOH C 3 .   ? -0.719  2.732   -15.805 1.00 40.91 ? 331 HOH A O   1 
HETATM 1358 O O   . HOH C 3 .   ? 7.740   -14.592 12.007  1.00 41.26 ? 332 HOH A O   1 
HETATM 1359 O O   . HOH C 3 .   ? 18.538  15.596  -10.552 1.00 42.87 ? 333 HOH A O   1 
HETATM 1360 O O   . HOH C 3 .   ? 13.100  -3.655  -4.779  1.00 42.97 ? 334 HOH A O   1 
HETATM 1361 O O   . HOH C 3 .   ? -6.633  -0.496  -8.943  1.00 25.04 ? 335 HOH A O   1 
HETATM 1362 O O   . HOH C 3 .   ? -6.540  8.850   -11.056 1.00 28.33 ? 336 HOH A O   1 
HETATM 1363 O O   . HOH C 3 .   ? 0.230   10.653  -12.317 1.00 36.44 ? 337 HOH A O   1 
HETATM 1364 O O   . HOH C 3 .   ? 8.600   9.076   -12.405 1.00 44.44 ? 338 HOH A O   1 
HETATM 1365 O O   . HOH C 3 .   ? 8.780   -13.874 1.091   1.00 44.99 ? 339 HOH A O   1 
HETATM 1366 O O   . HOH C 3 .   ? 1.419   -5.821  25.054  1.00 40.06 ? 340 HOH A O   1 
HETATM 1367 O O   . HOH C 3 .   ? -1.210  1.415   -20.210 1.00 48.85 ? 341 HOH A O   1 
HETATM 1368 O O   . HOH C 3 .   ? 9.451   -1.374  1.196   1.00 46.96 ? 342 HOH A O   1 
HETATM 1369 O O   . HOH C 3 .   ? -6.788  -20.736 2.731   1.00 41.12 ? 343 HOH A O   1 
HETATM 1370 O O   . HOH C 3 .   ? 10.393  -4.180  -8.365  1.00 44.45 ? 344 HOH A O   1 
# 
